data_4UT9
#
_entry.id   4UT9
#
_cell.length_a   57.522
_cell.length_b   102.235
_cell.length_c   131.092
_cell.angle_alpha   88.52
_cell.angle_beta   85.69
_cell.angle_gamma   83.90
#
_symmetry.space_group_name_H-M   'P 1'
#
loop_
_entity.id
_entity.type
_entity.pdbx_description
1 polymer 'ENVELOPE GLYCOPROTEIN E'
2 polymer 'BROADLY NEUTRALIZING HUMAN ANTIBODY EDE1 C10'
3 polymer 'BROADLY NEUTRALIZING HUMAN ANTIBODY EDE1 C10'
4 non-polymer 2-acetamido-2-deoxy-beta-D-glucopyranose
#
loop_
_entity_poly.entity_id
_entity_poly.type
_entity_poly.pdbx_seq_one_letter_code
_entity_poly.pdbx_strand_id
1 'polypeptide(L)'
;MRCIGISNRDFVEGVSGGSWVDIVLEHGSCVTTMAKNKPTLDFELIKTEAKQPATLRKYCIEAKLTNTTTESRCPTQGEP
SLNEEQDKRFICKHSMVDRGWGNGCGLFGKGGIVTCAKFTCKKNMEGKIVQPENLEYTIVITPHSGEEHAVGNDTGKHGK
EIKITPQSSTTEAELTGYGTVTMECSPRTGLDFNEMVLLQMEDKAWLVHRQWFLDLPLPWLPGADTQGSNWIQKETLVTF
KNPHAKKQDVVVLGSQEGAMHTALTGATEIQMSSGNLLFTGHLKCRLRMDKLQLKGMSYSMCTGKFKIVKEIAETQHGTI
VIRVQYEGDGSPCKIPFEITDLEKRHVLGRLITVNPIVTEKDSPVNIEAEPPFGDSYIIVGVEPGQLKLNWLRPLESRGP
FEGKPIPNPLLGLDSTRTGHHHHHH
;
A,B,C,D
2 'polypeptide(L)'
;MAEVQLVESGAEVKKPGASVKVSCKASGYTFTSYAMHWVRQAPGQRLEWMGWINAGNGNTKYSQKFQDRVTITRDTSAST
AYMELSSLRSEDTAIYYCARDKVDDYGDYWFPTLWYFDYWGQGTLVTVSSGTGGSGGGGSGGGG
;
H,I,J,K
3 'polypeptide(L)'
;SGGGASQSALTQPASVSGSPGQSITISCTGTSSDVGGFNYVSWFQQHPGKAPKLMLYDVTSRPSGVSSRFSGSKSGNTAS
LTISGLQAEDEADYYCSSHTSRGTWVFGGGTKLTVLAAADDDDKAGWSHPQFEKGGGSGGGSGGGSWSHPQFEK
;
L,M,N,O
#
loop_
_chem_comp.id
_chem_comp.type
_chem_comp.name
_chem_comp.formula
NAG D-saccharide, beta linking 2-acetamido-2-deoxy-beta-D-glucopyranose 'C8 H15 N O6'
#
# COMPACT_ATOMS: atom_id res chain seq x y z
N MET A 1 13.62 -4.37 9.91
CA MET A 1 13.24 -5.39 10.89
C MET A 1 11.94 -4.99 11.67
N ARG A 2 11.58 -3.69 11.64
CA ARG A 2 10.43 -3.10 12.33
C ARG A 2 9.06 -3.52 11.81
N CYS A 3 8.96 -3.79 10.50
CA CYS A 3 7.72 -4.17 9.82
C CYS A 3 7.11 -5.52 10.28
N ILE A 4 7.89 -6.34 11.02
CA ILE A 4 7.44 -7.63 11.54
C ILE A 4 6.52 -7.28 12.71
N GLY A 5 5.22 -7.46 12.50
CA GLY A 5 4.20 -7.13 13.48
C GLY A 5 3.08 -6.30 12.90
N ILE A 6 3.45 -5.32 12.03
CA ILE A 6 2.52 -4.42 11.31
C ILE A 6 1.78 -5.28 10.27
N SER A 7 0.44 -5.19 10.22
CA SER A 7 -0.38 -5.92 9.25
C SER A 7 -0.30 -5.28 7.89
N ASN A 8 -0.16 -3.95 7.87
CA ASN A 8 -0.04 -3.13 6.67
C ASN A 8 1.42 -3.16 6.22
N ARG A 9 1.83 -4.29 5.69
CA ARG A 9 3.20 -4.42 5.21
C ARG A 9 3.22 -4.79 3.74
N ASP A 10 4.11 -4.14 2.98
CA ASP A 10 4.26 -4.35 1.55
C ASP A 10 5.65 -4.86 1.25
N PHE A 11 5.75 -5.82 0.33
CA PHE A 11 7.01 -6.41 -0.08
C PHE A 11 7.32 -5.99 -1.50
N VAL A 12 8.48 -5.35 -1.66
CA VAL A 12 8.98 -4.80 -2.92
C VAL A 12 10.21 -5.59 -3.39
N GLU A 13 10.24 -5.93 -4.68
CA GLU A 13 11.35 -6.65 -5.32
C GLU A 13 12.17 -5.64 -6.15
N GLY A 14 13.39 -5.36 -5.67
CA GLY A 14 14.34 -4.42 -6.21
C GLY A 14 15.11 -4.82 -7.45
N VAL A 15 16.15 -4.04 -7.77
CA VAL A 15 16.99 -4.25 -8.95
C VAL A 15 18.43 -4.71 -8.57
N VAL A 21 14.13 1.14 -7.79
CA VAL A 21 12.73 0.76 -7.98
C VAL A 21 11.78 1.85 -7.47
N ASP A 22 10.49 1.51 -7.23
CA ASP A 22 9.46 2.45 -6.80
C ASP A 22 8.71 1.92 -5.60
N ILE A 23 8.64 2.71 -4.53
CA ILE A 23 7.92 2.34 -3.30
C ILE A 23 6.88 3.40 -2.93
N VAL A 24 5.79 2.98 -2.30
CA VAL A 24 4.68 3.86 -1.89
C VAL A 24 4.64 3.91 -0.36
N LEU A 25 5.04 5.05 0.21
CA LEU A 25 5.07 5.23 1.65
C LEU A 25 3.88 6.01 2.19
N GLU A 26 2.97 5.33 2.88
CA GLU A 26 1.83 5.98 3.54
C GLU A 26 1.97 5.81 5.06
N HIS A 27 1.17 6.53 5.83
CA HIS A 27 1.22 6.49 7.29
C HIS A 27 0.67 5.18 7.83
N GLY A 28 1.39 4.61 8.80
CA GLY A 28 1.01 3.32 9.40
C GLY A 28 1.54 2.15 8.62
N SER A 29 1.66 2.31 7.30
CA SER A 29 2.16 1.32 6.35
C SER A 29 3.67 1.15 6.45
N CYS A 30 4.14 -0.07 6.21
CA CYS A 30 5.55 -0.44 6.22
C CYS A 30 5.93 -1.06 4.88
N VAL A 31 7.16 -0.81 4.41
CA VAL A 31 7.66 -1.34 3.13
C VAL A 31 8.97 -2.10 3.33
N THR A 32 9.00 -3.35 2.87
CA THR A 32 10.18 -4.22 2.95
C THR A 32 10.71 -4.43 1.53
N THR A 33 11.94 -3.97 1.27
CA THR A 33 12.57 -4.06 -0.05
C THR A 33 13.60 -5.19 -0.12
N MET A 34 13.49 -6.01 -1.17
CA MET A 34 14.41 -7.14 -1.38
C MET A 34 15.07 -7.07 -2.75
N ALA A 35 16.39 -7.29 -2.78
CA ALA A 35 17.19 -7.30 -4.01
C ALA A 35 18.32 -8.32 -3.83
N LYS A 36 18.66 -9.06 -4.90
CA LYS A 36 19.71 -10.08 -4.87
C LYS A 36 21.06 -9.50 -4.52
N ASN A 37 21.76 -10.14 -3.55
CA ASN A 37 23.09 -9.80 -3.01
C ASN A 37 23.13 -8.40 -2.38
N LYS A 38 21.95 -7.93 -1.96
CA LYS A 38 21.72 -6.62 -1.33
C LYS A 38 20.99 -6.84 0.00
N PRO A 39 21.32 -6.06 1.06
CA PRO A 39 20.61 -6.25 2.33
C PRO A 39 19.15 -5.79 2.25
N THR A 40 18.27 -6.49 2.98
CA THR A 40 16.86 -6.18 3.03
C THR A 40 16.63 -4.91 3.86
N LEU A 41 15.81 -3.99 3.35
CA LEU A 41 15.55 -2.73 4.03
C LEU A 41 14.08 -2.54 4.34
N ASP A 42 13.81 -1.87 5.48
CA ASP A 42 12.47 -1.54 5.95
C ASP A 42 12.31 -0.02 6.00
N PHE A 43 11.29 0.49 5.31
CA PHE A 43 11.00 1.92 5.18
C PHE A 43 9.68 2.27 5.85
N GLU A 44 9.69 3.35 6.66
CA GLU A 44 8.50 3.83 7.36
C GLU A 44 8.45 5.36 7.54
N LEU A 45 7.29 5.95 7.21
CA LEU A 45 6.99 7.35 7.38
C LEU A 45 6.46 7.52 8.80
N ILE A 46 7.21 8.26 9.63
CA ILE A 46 6.89 8.46 11.05
C ILE A 46 6.12 9.76 11.29
N LYS A 47 6.62 10.89 10.73
CA LYS A 47 6.04 12.22 10.91
C LYS A 47 5.93 12.98 9.58
N THR A 48 4.74 13.52 9.30
CA THR A 48 4.47 14.29 8.08
C THR A 48 4.11 15.73 8.49
N GLU A 49 4.77 16.24 9.54
CA GLU A 49 4.52 17.56 10.11
C GLU A 49 4.90 18.76 9.24
N ALA A 50 4.10 19.83 9.36
CA ALA A 50 4.33 21.13 8.73
C ALA A 50 5.04 21.97 9.79
N LYS A 51 6.20 22.52 9.41
CA LYS A 51 7.12 23.33 10.24
C LYS A 51 6.44 24.56 10.93
N GLN A 52 6.60 25.80 10.38
CA GLN A 52 6.03 27.04 10.92
C GLN A 52 4.77 27.52 10.18
N PRO A 53 3.56 27.27 10.72
CA PRO A 53 2.35 27.68 9.99
C PRO A 53 1.87 29.09 10.35
N ALA A 54 1.61 29.91 9.32
CA ALA A 54 1.13 31.27 9.51
C ALA A 54 -0.38 31.28 9.61
N THR A 55 -0.95 32.00 10.61
CA THR A 55 -2.40 32.07 10.80
C THR A 55 -3.03 32.96 9.72
N LEU A 56 -4.15 32.48 9.15
CA LEU A 56 -4.91 33.18 8.11
C LEU A 56 -6.02 34.02 8.77
N ARG A 57 -6.85 33.37 9.63
CA ARG A 57 -7.99 33.98 10.33
C ARG A 57 -8.25 33.27 11.64
N LYS A 58 -8.71 34.03 12.65
CA LYS A 58 -9.08 33.56 13.99
C LYS A 58 -10.60 33.75 14.12
N TYR A 59 -11.37 32.66 14.33
CA TYR A 59 -12.83 32.75 14.49
C TYR A 59 -13.22 32.59 15.95
N CYS A 60 -14.22 33.36 16.40
CA CYS A 60 -14.72 33.27 17.78
C CYS A 60 -15.86 32.25 17.82
N ILE A 61 -15.70 31.17 18.59
CA ILE A 61 -16.74 30.15 18.70
C ILE A 61 -17.61 30.33 19.97
N GLU A 62 -17.04 30.92 21.05
CA GLU A 62 -17.75 31.19 22.30
C GLU A 62 -17.49 32.64 22.72
N ALA A 63 -18.57 33.37 23.01
CA ALA A 63 -18.50 34.79 23.37
C ALA A 63 -19.31 35.15 24.62
N LYS A 64 -19.10 36.36 25.16
CA LYS A 64 -19.84 36.87 26.32
C LYS A 64 -20.00 38.39 26.28
N LEU A 65 -21.17 38.88 26.74
CA LEU A 65 -21.47 40.33 26.78
C LEU A 65 -21.40 40.90 28.20
N THR A 66 -20.69 42.04 28.33
CA THR A 66 -20.44 42.74 29.60
C THR A 66 -20.50 44.26 29.39
N ASN A 67 -20.44 45.04 30.48
CA ASN A 67 -20.42 46.51 30.50
C ASN A 67 -21.51 47.14 29.59
N THR A 68 -22.78 46.88 29.94
CA THR A 68 -23.95 47.37 29.22
C THR A 68 -24.28 48.81 29.60
N THR A 69 -24.36 49.66 28.56
CA THR A 69 -24.64 51.11 28.62
C THR A 69 -25.71 51.48 27.61
N THR A 70 -26.55 52.45 27.98
CA THR A 70 -27.63 52.90 27.12
C THR A 70 -27.91 54.41 27.23
N GLU A 71 -28.39 54.98 26.14
CA GLU A 71 -28.83 56.37 26.03
C GLU A 71 -30.09 56.40 25.16
N SER A 72 -31.02 57.30 25.49
CA SER A 72 -32.28 57.42 24.79
C SER A 72 -32.69 58.87 24.60
N ARG A 73 -33.53 59.11 23.58
CA ARG A 73 -34.06 60.43 23.27
C ARG A 73 -35.57 60.32 23.20
N CYS A 74 -36.27 61.45 23.39
CA CYS A 74 -37.72 61.51 23.28
C CYS A 74 -38.08 61.61 21.78
N PRO A 75 -39.34 61.35 21.33
CA PRO A 75 -39.62 61.44 19.89
C PRO A 75 -39.40 62.84 19.34
N THR A 76 -38.87 62.92 18.10
CA THR A 76 -38.51 64.14 17.36
C THR A 76 -37.42 64.94 18.12
N GLN A 77 -36.32 64.24 18.45
CA GLN A 77 -35.18 64.79 19.17
C GLN A 77 -33.87 64.15 18.66
N GLY A 78 -33.97 63.44 17.53
CA GLY A 78 -32.86 62.78 16.87
C GLY A 78 -32.40 61.48 17.51
N GLU A 79 -31.41 60.81 16.90
CA GLU A 79 -30.85 59.57 17.42
C GLU A 79 -29.82 59.83 18.55
N PRO A 80 -29.79 58.99 19.62
CA PRO A 80 -28.82 59.22 20.70
C PRO A 80 -27.40 58.78 20.37
N SER A 81 -26.42 59.20 21.20
CA SER A 81 -25.01 58.87 21.00
C SER A 81 -24.27 58.50 22.27
N LEU A 82 -23.48 57.43 22.17
CA LEU A 82 -22.63 56.86 23.22
C LEU A 82 -21.15 57.02 22.83
N ASN A 83 -20.25 57.04 23.82
CA ASN A 83 -18.81 57.12 23.54
C ASN A 83 -18.27 55.72 23.24
N GLU A 84 -19.09 54.69 23.54
CA GLU A 84 -18.81 53.28 23.35
C GLU A 84 -19.04 52.89 21.89
N GLU A 85 -19.72 53.74 21.10
CA GLU A 85 -20.01 53.51 19.68
C GLU A 85 -18.77 53.49 18.81
N GLN A 86 -17.76 54.32 19.14
CA GLN A 86 -16.50 54.41 18.40
C GLN A 86 -15.51 53.33 18.84
N ASP A 87 -15.76 52.72 20.03
CA ASP A 87 -14.97 51.62 20.59
C ASP A 87 -15.44 50.33 19.87
N LYS A 88 -14.51 49.69 19.10
CA LYS A 88 -14.86 48.49 18.35
C LYS A 88 -14.83 47.18 19.18
N ARG A 89 -14.66 47.30 20.52
CA ARG A 89 -14.70 46.21 21.49
C ARG A 89 -16.16 45.92 21.91
N PHE A 90 -17.07 46.83 21.57
CA PHE A 90 -18.49 46.75 21.90
C PHE A 90 -19.35 46.48 20.69
N ILE A 91 -20.45 45.76 20.92
CA ILE A 91 -21.47 45.54 19.89
C ILE A 91 -22.54 46.60 20.19
N CYS A 92 -22.69 47.56 19.26
CA CYS A 92 -23.62 48.68 19.40
C CYS A 92 -24.82 48.60 18.47
N LYS A 93 -26.05 48.87 18.99
CA LYS A 93 -27.26 48.79 18.17
C LYS A 93 -28.28 49.89 18.49
N HIS A 94 -28.73 50.60 17.44
CA HIS A 94 -29.74 51.65 17.50
C HIS A 94 -31.11 51.01 17.29
N SER A 95 -32.17 51.59 17.90
CA SER A 95 -33.53 51.06 17.78
C SER A 95 -34.60 52.14 18.04
N MET A 96 -35.86 51.70 18.14
CA MET A 96 -37.00 52.58 18.40
C MET A 96 -37.87 51.98 19.50
N VAL A 97 -38.30 52.81 20.46
CA VAL A 97 -39.15 52.40 21.56
C VAL A 97 -40.33 53.35 21.76
N ASP A 98 -41.48 52.85 22.24
CA ASP A 98 -42.67 53.67 22.51
C ASP A 98 -42.36 54.65 23.62
N ARG A 99 -42.62 55.94 23.37
CA ARG A 99 -42.42 56.99 24.36
C ARG A 99 -43.67 57.83 24.55
N GLY A 100 -43.79 58.42 25.72
CA GLY A 100 -44.92 59.26 26.08
C GLY A 100 -44.85 59.78 27.50
N TRP A 101 -45.96 60.37 27.97
CA TRP A 101 -46.13 60.94 29.30
C TRP A 101 -45.73 59.94 30.40
N GLY A 102 -46.05 58.67 30.17
CA GLY A 102 -45.76 57.55 31.07
C GLY A 102 -44.29 57.30 31.35
N ASN A 103 -43.41 57.55 30.36
CA ASN A 103 -41.98 57.34 30.54
C ASN A 103 -41.19 58.64 30.34
N GLY A 104 -41.74 59.72 30.90
CA GLY A 104 -41.13 61.05 30.94
C GLY A 104 -40.96 61.82 29.64
N CYS A 105 -41.79 61.54 28.62
CA CYS A 105 -41.72 62.27 27.34
C CYS A 105 -42.92 63.17 27.14
N GLY A 106 -42.65 64.37 26.64
CA GLY A 106 -43.68 65.38 26.38
C GLY A 106 -44.60 65.01 25.25
N LEU A 107 -44.08 64.27 24.24
CA LEU A 107 -44.81 63.85 23.06
C LEU A 107 -44.88 62.35 22.96
N PHE A 108 -45.93 61.84 22.30
CA PHE A 108 -46.13 60.40 22.08
C PHE A 108 -45.63 60.01 20.70
N GLY A 109 -44.82 58.97 20.66
CA GLY A 109 -44.26 58.44 19.43
C GLY A 109 -43.11 57.50 19.70
N LYS A 110 -42.34 57.14 18.66
CA LYS A 110 -41.18 56.26 18.80
C LYS A 110 -39.93 57.08 19.11
N GLY A 111 -39.30 56.77 20.24
CA GLY A 111 -38.10 57.40 20.73
C GLY A 111 -36.90 56.52 20.49
N GLY A 112 -35.84 57.13 19.95
CA GLY A 112 -34.60 56.48 19.61
C GLY A 112 -33.82 56.06 20.83
N ILE A 113 -33.29 54.84 20.78
CA ILE A 113 -32.52 54.23 21.85
C ILE A 113 -31.27 53.58 21.24
N VAL A 114 -30.13 53.66 21.97
CA VAL A 114 -28.87 53.05 21.55
C VAL A 114 -28.29 52.24 22.72
N THR A 115 -27.90 50.98 22.43
CA THR A 115 -27.33 50.07 23.44
C THR A 115 -25.96 49.59 22.95
N CYS A 116 -24.94 49.58 23.86
CA CYS A 116 -23.57 49.13 23.60
C CYS A 116 -23.13 48.11 24.66
N ALA A 117 -22.51 47.01 24.22
CA ALA A 117 -22.05 45.95 25.13
C ALA A 117 -20.72 45.35 24.72
N LYS A 118 -19.77 45.28 25.69
CA LYS A 118 -18.40 44.76 25.55
C LYS A 118 -18.40 43.28 25.17
N PHE A 119 -18.18 43.01 23.88
CA PHE A 119 -18.10 41.66 23.34
C PHE A 119 -16.69 41.13 23.64
N THR A 120 -16.62 39.99 24.35
CA THR A 120 -15.37 39.33 24.71
C THR A 120 -15.42 37.87 24.31
N CYS A 121 -14.30 37.36 23.76
CA CYS A 121 -14.18 35.99 23.27
C CYS A 121 -13.65 35.02 24.32
N LYS A 122 -14.46 33.99 24.65
CA LYS A 122 -14.17 32.94 25.61
C LYS A 122 -13.36 31.79 24.98
N LYS A 123 -13.79 31.31 23.81
CA LYS A 123 -13.14 30.22 23.09
C LYS A 123 -13.06 30.59 21.62
N ASN A 124 -11.93 30.27 20.99
CA ASN A 124 -11.70 30.60 19.58
C ASN A 124 -11.01 29.45 18.85
N MET A 125 -10.80 29.61 17.54
CA MET A 125 -10.10 28.67 16.68
C MET A 125 -9.31 29.44 15.62
N GLU A 126 -8.24 28.83 15.07
CA GLU A 126 -7.38 29.51 14.08
C GLU A 126 -7.06 28.62 12.87
N GLY A 127 -7.66 28.91 11.74
CA GLY A 127 -7.39 28.19 10.50
C GLY A 127 -6.10 28.71 9.92
N LYS A 128 -5.06 27.85 9.82
CA LYS A 128 -3.72 28.26 9.37
C LYS A 128 -3.45 28.02 7.88
N ILE A 129 -2.30 28.55 7.43
CA ILE A 129 -1.80 28.47 6.06
C ILE A 129 -0.63 27.49 5.96
N VAL A 130 -0.79 26.51 5.07
CA VAL A 130 0.24 25.52 4.82
C VAL A 130 0.62 25.56 3.35
N GLN A 131 1.92 25.66 3.07
CA GLN A 131 2.46 25.64 1.72
C GLN A 131 3.10 24.25 1.53
N PRO A 132 3.09 23.65 0.32
CA PRO A 132 3.75 22.33 0.16
C PRO A 132 5.22 22.32 0.58
N GLU A 133 5.90 23.50 0.45
CA GLU A 133 7.30 23.73 0.83
C GLU A 133 7.55 23.63 2.37
N ASN A 134 6.50 23.80 3.21
CA ASN A 134 6.59 23.74 4.67
C ASN A 134 6.68 22.29 5.23
N LEU A 135 6.05 21.31 4.52
CA LEU A 135 5.98 19.89 4.90
C LEU A 135 7.32 19.18 5.08
N GLU A 136 7.53 18.63 6.29
CA GLU A 136 8.73 17.89 6.71
C GLU A 136 8.37 16.40 6.88
N TYR A 137 8.79 15.57 5.91
CA TYR A 137 8.54 14.13 5.92
C TYR A 137 9.71 13.44 6.60
N THR A 138 9.42 12.64 7.63
CA THR A 138 10.44 11.89 8.37
C THR A 138 10.34 10.42 8.01
N ILE A 139 11.22 9.98 7.11
CA ILE A 139 11.27 8.60 6.63
C ILE A 139 12.42 7.88 7.34
N VAL A 140 12.12 6.75 8.00
CA VAL A 140 13.11 5.93 8.69
C VAL A 140 13.50 4.74 7.81
N ILE A 141 14.81 4.43 7.76
CA ILE A 141 15.33 3.31 6.99
C ILE A 141 16.12 2.43 7.96
N THR A 142 15.59 1.24 8.27
CA THR A 142 16.24 0.28 9.18
C THR A 142 16.50 -1.05 8.45
N PRO A 143 17.78 -1.38 8.16
CA PRO A 143 18.08 -2.66 7.50
C PRO A 143 17.74 -3.86 8.36
N HIS A 144 17.15 -4.84 7.70
CA HIS A 144 16.71 -6.13 8.21
C HIS A 144 17.97 -6.96 8.49
N SER A 145 18.46 -6.90 9.74
CA SER A 145 19.67 -7.58 10.20
C SER A 145 19.42 -8.57 11.34
N GLY A 146 18.45 -8.26 12.20
CA GLY A 146 18.09 -9.08 13.34
C GLY A 146 18.84 -8.73 14.59
N GLU A 147 19.34 -7.48 14.68
CA GLU A 147 20.08 -6.96 15.83
C GLU A 147 19.14 -6.32 16.87
N GLY A 159 19.90 2.29 12.25
CA GLY A 159 18.79 2.72 11.41
C GLY A 159 18.66 4.22 11.36
N LYS A 160 19.03 4.82 10.23
CA LYS A 160 19.00 6.27 10.03
C LYS A 160 17.58 6.86 9.88
N GLU A 161 17.37 8.03 10.48
CA GLU A 161 16.15 8.81 10.46
C GLU A 161 16.39 9.91 9.41
N ILE A 162 15.82 9.73 8.21
CA ILE A 162 16.00 10.64 7.07
C ILE A 162 14.85 11.63 6.94
N LYS A 163 15.18 12.93 6.79
CA LYS A 163 14.17 13.97 6.56
C LYS A 163 14.19 14.32 5.07
N ILE A 164 13.00 14.54 4.49
CA ILE A 164 12.81 14.86 3.07
C ILE A 164 11.78 15.97 2.92
N THR A 165 12.14 17.04 2.19
CA THR A 165 11.23 18.16 1.86
C THR A 165 11.04 18.14 0.32
N PRO A 166 9.97 18.76 -0.25
CA PRO A 166 9.83 18.74 -1.73
C PRO A 166 10.95 19.44 -2.51
N GLN A 167 11.87 20.13 -1.79
CA GLN A 167 13.01 20.82 -2.36
C GLN A 167 14.28 20.02 -2.09
N THR A 170 16.59 14.92 -3.77
CA THR A 170 17.15 13.60 -3.50
C THR A 170 18.13 13.62 -2.30
N THR A 171 18.22 12.49 -1.57
CA THR A 171 19.09 12.36 -0.40
C THR A 171 19.86 11.03 -0.43
N GLU A 172 21.10 11.08 0.07
CA GLU A 172 22.00 9.92 0.12
C GLU A 172 22.05 9.35 1.53
N ALA A 173 21.08 8.48 1.81
CA ALA A 173 20.89 7.81 3.08
C ALA A 173 22.01 6.79 3.35
N GLU A 174 23.06 7.23 4.07
CA GLU A 174 24.17 6.33 4.38
C GLU A 174 23.88 5.51 5.62
N LEU A 175 23.75 4.19 5.43
CA LEU A 175 23.47 3.24 6.50
C LEU A 175 24.74 2.51 6.89
N THR A 176 25.11 2.66 8.15
CA THR A 176 26.32 2.17 8.81
C THR A 176 26.58 0.68 8.58
N GLY A 177 27.69 0.39 7.89
CA GLY A 177 28.13 -0.97 7.59
C GLY A 177 27.46 -1.65 6.41
N TYR A 178 26.67 -0.89 5.63
CA TYR A 178 25.95 -1.42 4.46
C TYR A 178 26.20 -0.63 3.18
N GLY A 179 26.31 0.69 3.29
CA GLY A 179 26.51 1.53 2.12
C GLY A 179 25.59 2.73 2.11
N THR A 180 24.91 2.97 0.96
CA THR A 180 24.01 4.12 0.76
C THR A 180 22.76 3.81 -0.08
N VAL A 181 21.63 4.46 0.26
CA VAL A 181 20.33 4.41 -0.42
C VAL A 181 20.20 5.70 -1.22
N THR A 182 19.76 5.61 -2.48
CA THR A 182 19.62 6.78 -3.34
C THR A 182 18.14 7.18 -3.46
N MET A 183 17.56 7.64 -2.34
CA MET A 183 16.15 8.04 -2.19
C MET A 183 15.81 9.37 -2.91
N GLU A 184 14.69 9.36 -3.67
CA GLU A 184 14.12 10.49 -4.41
C GLU A 184 12.60 10.30 -4.36
N CYS A 185 11.88 11.21 -3.68
CA CYS A 185 10.44 11.07 -3.48
C CYS A 185 9.59 12.08 -4.23
N SER A 186 8.33 11.71 -4.51
CA SER A 186 7.32 12.54 -5.17
C SER A 186 6.34 12.96 -4.05
N PRO A 187 6.51 14.19 -3.51
CA PRO A 187 5.66 14.64 -2.38
C PRO A 187 4.16 14.78 -2.65
N ARG A 188 3.68 14.37 -3.83
CA ARG A 188 2.25 14.49 -4.11
C ARG A 188 1.46 13.38 -3.43
N THR A 189 0.83 13.78 -2.31
CA THR A 189 -0.07 12.98 -1.50
C THR A 189 -1.41 12.96 -2.24
N GLY A 190 -1.80 14.15 -2.72
CA GLY A 190 -3.02 14.41 -3.47
C GLY A 190 -3.77 15.67 -3.10
N LEU A 191 -3.22 16.50 -2.16
CA LEU A 191 -3.93 17.71 -1.74
C LEU A 191 -3.30 18.98 -2.29
N ASP A 192 -4.14 19.90 -2.80
CA ASP A 192 -3.62 21.18 -3.25
C ASP A 192 -3.76 22.15 -2.08
N PHE A 193 -2.62 22.45 -1.44
CA PHE A 193 -2.45 23.29 -0.25
C PHE A 193 -2.70 24.80 -0.48
N ASN A 194 -3.21 25.16 -1.67
CA ASN A 194 -3.60 26.54 -2.01
C ASN A 194 -5.10 26.67 -1.76
N GLU A 195 -5.88 25.64 -2.13
CA GLU A 195 -7.34 25.53 -1.96
C GLU A 195 -7.66 25.03 -0.55
N MET A 196 -6.63 24.70 0.25
CA MET A 196 -6.77 24.15 1.60
C MET A 196 -6.37 25.10 2.72
N VAL A 197 -7.04 24.90 3.89
CA VAL A 197 -6.90 25.61 5.17
C VAL A 197 -6.73 24.57 6.29
N LEU A 198 -5.80 24.80 7.22
CA LEU A 198 -5.54 23.91 8.33
C LEU A 198 -6.23 24.41 9.60
N LEU A 199 -7.55 24.20 9.69
CA LEU A 199 -8.37 24.64 10.80
C LEU A 199 -8.03 23.97 12.15
N GLN A 200 -7.26 24.69 13.00
CA GLN A 200 -6.92 24.23 14.33
C GLN A 200 -8.04 24.70 15.28
N MET A 201 -8.46 23.83 16.20
CA MET A 201 -9.55 24.12 17.13
C MET A 201 -9.27 23.57 18.53
N GLU A 202 -8.76 24.43 19.42
CA GLU A 202 -8.36 24.14 20.82
C GLU A 202 -7.24 23.08 20.86
N ASP A 203 -7.60 21.81 20.66
CA ASP A 203 -6.71 20.66 20.65
C ASP A 203 -6.66 20.03 19.25
N LYS A 204 -7.82 19.54 18.74
CA LYS A 204 -7.95 18.91 17.42
C LYS A 204 -7.74 19.92 16.26
N ALA A 205 -7.52 19.40 15.04
CA ALA A 205 -7.31 20.18 13.83
C ALA A 205 -7.84 19.44 12.60
N TRP A 206 -8.25 20.20 11.55
CA TRP A 206 -8.78 19.64 10.30
C TRP A 206 -8.26 20.37 9.06
N LEU A 207 -8.28 19.69 7.91
CA LEU A 207 -7.89 20.29 6.64
C LEU A 207 -9.15 20.45 5.80
N VAL A 208 -9.60 21.71 5.64
CA VAL A 208 -10.82 22.09 4.93
C VAL A 208 -10.54 22.99 3.73
N HIS A 209 -11.57 23.19 2.87
CA HIS A 209 -11.45 24.06 1.70
C HIS A 209 -11.37 25.53 2.10
N ARG A 210 -10.67 26.34 1.29
CA ARG A 210 -10.45 27.76 1.54
C ARG A 210 -11.74 28.57 1.63
N GLN A 211 -12.54 28.58 0.56
CA GLN A 211 -13.81 29.33 0.50
C GLN A 211 -14.76 28.97 1.63
N TRP A 212 -14.87 27.67 1.96
CA TRP A 212 -15.71 27.18 3.05
C TRP A 212 -15.36 27.87 4.37
N PHE A 213 -14.04 27.91 4.70
CA PHE A 213 -13.49 28.51 5.91
C PHE A 213 -13.77 30.02 5.96
N LEU A 214 -13.48 30.74 4.85
CA LEU A 214 -13.69 32.19 4.78
C LEU A 214 -15.17 32.57 4.79
N ASP A 215 -16.07 31.64 4.41
CA ASP A 215 -17.52 31.86 4.37
C ASP A 215 -18.24 31.52 5.69
N LEU A 216 -17.52 31.09 6.74
CA LEU A 216 -18.13 30.73 8.02
C LEU A 216 -18.81 31.91 8.72
N PRO A 217 -20.07 31.73 9.22
CA PRO A 217 -20.77 32.85 9.86
C PRO A 217 -20.44 32.96 11.34
N LEU A 218 -19.24 33.47 11.64
CA LEU A 218 -18.73 33.64 13.01
C LEU A 218 -17.89 34.92 13.11
N PRO A 219 -17.75 35.54 14.31
CA PRO A 219 -16.93 36.76 14.41
C PRO A 219 -15.46 36.42 14.20
N TRP A 220 -14.73 37.27 13.47
CA TRP A 220 -13.35 36.95 13.17
C TRP A 220 -12.36 38.10 13.30
N LEU A 221 -11.07 37.72 13.39
CA LEU A 221 -9.92 38.60 13.45
C LEU A 221 -8.91 38.15 12.38
N PRO A 222 -8.19 39.09 11.72
CA PRO A 222 -7.18 38.68 10.74
C PRO A 222 -6.06 37.92 11.43
N GLY A 223 -5.42 36.99 10.71
CA GLY A 223 -4.32 36.18 11.23
C GLY A 223 -3.21 37.01 11.84
N ALA A 224 -2.95 38.18 11.22
CA ALA A 224 -1.97 39.20 11.60
C ALA A 224 -2.25 39.84 12.96
N ASP A 225 -3.52 39.84 13.41
CA ASP A 225 -3.94 40.42 14.69
C ASP A 225 -3.41 39.69 15.92
N THR A 226 -2.78 40.47 16.83
CA THR A 226 -2.19 40.03 18.11
C THR A 226 -3.06 40.48 19.29
N GLN A 227 -3.55 41.74 19.24
CA GLN A 227 -4.40 42.41 20.26
C GLN A 227 -5.56 41.54 20.77
N GLY A 228 -6.23 40.84 19.85
CA GLY A 228 -7.36 39.95 20.13
C GLY A 228 -8.57 40.62 20.76
N SER A 229 -8.99 41.77 20.20
CA SER A 229 -10.13 42.52 20.76
C SER A 229 -11.17 43.00 19.73
N ASN A 230 -10.73 43.67 18.64
CA ASN A 230 -11.59 44.25 17.60
C ASN A 230 -12.14 43.20 16.61
N TRP A 231 -13.06 42.37 17.10
CA TRP A 231 -13.68 41.29 16.34
C TRP A 231 -14.62 41.80 15.27
N ILE A 232 -14.44 41.36 14.02
CA ILE A 232 -15.31 41.70 12.90
C ILE A 232 -16.54 40.79 13.00
N GLN A 233 -17.71 41.20 12.45
CA GLN A 233 -18.95 40.42 12.42
C GLN A 233 -19.49 39.94 13.78
N LYS A 234 -19.27 40.71 14.88
CA LYS A 234 -19.76 40.36 16.22
C LYS A 234 -21.28 40.02 16.24
N GLU A 235 -22.03 40.56 15.27
CA GLU A 235 -23.46 40.39 15.02
C GLU A 235 -23.90 38.96 14.67
N THR A 236 -22.94 38.07 14.28
CA THR A 236 -23.25 36.67 14.00
C THR A 236 -23.63 35.94 15.30
N LEU A 237 -22.82 36.10 16.35
CA LEU A 237 -23.09 35.51 17.66
C LEU A 237 -24.07 36.32 18.52
N VAL A 238 -24.27 37.62 18.21
CA VAL A 238 -25.15 38.49 19.01
C VAL A 238 -26.34 38.99 18.19
N THR A 239 -27.54 38.67 18.68
CA THR A 239 -28.82 39.01 18.09
C THR A 239 -29.57 40.02 18.97
N PHE A 240 -30.00 41.14 18.37
CA PHE A 240 -30.72 42.19 19.08
C PHE A 240 -32.22 42.08 18.87
N LYS A 241 -32.97 41.77 19.95
CA LYS A 241 -34.42 41.60 19.92
C LYS A 241 -35.20 42.68 20.69
N ASN A 242 -36.14 43.33 19.99
CA ASN A 242 -37.07 44.36 20.47
C ASN A 242 -38.48 43.97 19.96
N PRO A 243 -39.17 43.01 20.64
CA PRO A 243 -40.46 42.53 20.12
C PRO A 243 -41.70 43.36 20.42
N HIS A 244 -41.68 44.19 21.48
CA HIS A 244 -42.87 44.95 21.86
C HIS A 244 -42.65 46.47 21.87
N ALA A 245 -41.51 46.96 21.34
CA ALA A 245 -41.10 48.38 21.30
C ALA A 245 -41.03 48.98 22.73
N LYS A 246 -40.67 48.15 23.71
CA LYS A 246 -40.53 48.51 25.13
C LYS A 246 -39.06 48.50 25.51
N LYS A 247 -38.36 47.42 25.13
CA LYS A 247 -36.98 47.15 25.50
C LYS A 247 -36.20 46.50 24.36
N GLN A 248 -34.94 46.90 24.19
CA GLN A 248 -34.03 46.31 23.23
C GLN A 248 -33.12 45.38 24.04
N ASP A 249 -33.09 44.07 23.71
CA ASP A 249 -32.29 43.09 24.43
C ASP A 249 -31.20 42.49 23.59
N VAL A 250 -30.07 42.24 24.25
CA VAL A 250 -28.89 41.61 23.72
C VAL A 250 -28.98 40.13 24.09
N VAL A 251 -28.37 39.26 23.29
CA VAL A 251 -28.35 37.82 23.55
C VAL A 251 -27.26 37.14 22.71
N VAL A 252 -26.29 36.49 23.42
CA VAL A 252 -25.24 35.68 22.80
C VAL A 252 -25.86 34.37 22.28
N LEU A 253 -25.25 33.77 21.26
CA LEU A 253 -25.76 32.55 20.66
C LEU A 253 -25.18 31.26 21.24
N GLY A 254 -24.37 31.35 22.29
CA GLY A 254 -23.77 30.18 22.93
C GLY A 254 -22.66 29.51 22.13
N SER A 255 -21.93 28.60 22.77
CA SER A 255 -20.79 27.88 22.19
C SER A 255 -21.08 27.16 20.87
N GLN A 256 -20.34 27.52 19.82
CA GLN A 256 -20.48 26.92 18.50
C GLN A 256 -19.49 25.78 18.29
N GLU A 257 -18.87 25.28 19.39
CA GLU A 257 -17.87 24.23 19.42
C GLU A 257 -18.38 22.93 18.81
N GLY A 258 -19.49 22.42 19.37
CA GLY A 258 -20.14 21.18 18.94
C GLY A 258 -20.75 21.32 17.56
N ALA A 259 -21.30 22.52 17.28
CA ALA A 259 -21.88 22.90 15.99
C ALA A 259 -20.81 22.80 14.90
N MET A 260 -19.56 23.20 15.24
CA MET A 260 -18.41 23.15 14.35
C MET A 260 -17.98 21.72 14.11
N HIS A 261 -17.88 20.88 15.16
CA HIS A 261 -17.48 19.49 15.03
C HIS A 261 -18.38 18.75 14.06
N THR A 262 -19.69 19.01 14.11
CA THR A 262 -20.66 18.40 13.20
C THR A 262 -20.40 18.85 11.77
N ALA A 263 -20.07 20.13 11.60
CA ALA A 263 -19.75 20.71 10.30
C ALA A 263 -18.49 20.09 9.66
N LEU A 264 -17.54 19.62 10.51
CA LEU A 264 -16.25 19.03 10.11
C LEU A 264 -16.25 17.49 10.23
N THR A 265 -17.28 16.84 9.67
CA THR A 265 -17.35 15.38 9.77
C THR A 265 -16.40 14.74 8.74
N GLY A 266 -16.71 14.93 7.45
CA GLY A 266 -15.92 14.39 6.34
C GLY A 266 -14.49 14.87 6.25
N ALA A 267 -14.18 16.04 6.87
CA ALA A 267 -12.88 16.68 6.88
C ALA A 267 -11.77 15.78 7.41
N THR A 268 -10.58 15.95 6.82
CA THR A 268 -9.36 15.21 7.16
C THR A 268 -8.82 15.74 8.49
N GLU A 269 -8.82 14.91 9.54
CA GLU A 269 -8.30 15.28 10.87
C GLU A 269 -6.76 15.41 10.85
N ILE A 270 -6.18 16.19 11.79
CA ILE A 270 -4.73 16.43 11.95
C ILE A 270 -4.33 16.22 13.41
N GLN A 271 -3.49 15.21 13.67
CA GLN A 271 -3.01 14.88 15.01
C GLN A 271 -1.87 15.85 15.42
N MET A 272 -2.21 17.11 15.72
CA MET A 272 -1.22 18.10 16.15
C MET A 272 -0.86 17.94 17.63
N SER A 273 0.45 18.06 17.96
CA SER A 273 0.93 17.93 19.35
C SER A 273 1.71 19.18 19.82
N SER A 274 1.00 20.07 20.54
CA SER A 274 1.47 21.33 21.11
C SER A 274 2.05 22.28 20.04
N GLY A 275 1.15 23.01 19.38
CA GLY A 275 1.48 23.98 18.35
C GLY A 275 1.77 23.38 16.99
N ASN A 276 2.88 22.60 16.87
CA ASN A 276 3.32 21.94 15.64
C ASN A 276 2.25 20.97 15.12
N LEU A 277 2.03 20.95 13.79
CA LEU A 277 0.98 20.11 13.23
C LEU A 277 1.51 18.93 12.42
N LEU A 278 1.22 17.71 12.92
CA LEU A 278 1.62 16.45 12.30
C LEU A 278 0.49 15.89 11.44
N PHE A 279 0.83 15.31 10.27
CA PHE A 279 -0.16 14.81 9.31
C PHE A 279 -0.14 13.32 9.11
N THR A 280 -1.19 12.83 8.40
CA THR A 280 -1.34 11.46 7.92
C THR A 280 -0.93 11.57 6.44
N GLY A 281 0.34 11.24 6.19
CA GLY A 281 0.99 11.34 4.90
C GLY A 281 0.68 10.28 3.87
N HIS A 282 1.38 10.39 2.74
CA HIS A 282 1.33 9.54 1.55
C HIS A 282 2.54 9.92 0.69
N LEU A 283 3.11 8.96 -0.07
CA LEU A 283 4.29 9.20 -0.91
C LEU A 283 4.41 8.21 -2.07
N LYS A 284 5.26 8.55 -3.06
CA LYS A 284 5.51 7.72 -4.25
C LYS A 284 7.03 7.70 -4.55
N CYS A 285 7.84 7.33 -3.51
CA CYS A 285 9.31 7.31 -3.51
C CYS A 285 9.92 6.36 -4.54
N ARG A 286 11.14 6.68 -4.95
CA ARG A 286 11.97 5.97 -5.89
C ARG A 286 13.36 5.91 -5.24
N LEU A 287 14.04 4.76 -5.31
CA LEU A 287 15.36 4.59 -4.71
C LEU A 287 16.29 3.78 -5.63
N ARG A 288 17.62 3.79 -5.34
CA ARG A 288 18.60 3.05 -6.13
C ARG A 288 19.56 2.23 -5.22
N MET A 289 19.44 0.89 -5.29
CA MET A 289 20.20 -0.09 -4.50
C MET A 289 21.65 -0.33 -4.97
N ASP A 290 22.13 0.49 -5.92
CA ASP A 290 23.47 0.45 -6.51
C ASP A 290 24.58 0.61 -5.46
N LYS A 291 24.39 1.55 -4.52
CA LYS A 291 25.37 1.87 -3.48
C LYS A 291 25.30 0.96 -2.21
N LEU A 292 24.34 0.01 -2.17
CA LEU A 292 24.18 -0.93 -1.05
C LEU A 292 25.02 -2.20 -1.21
N GLN A 293 25.55 -2.70 -0.09
CA GLN A 293 26.43 -3.87 -0.02
C GLN A 293 26.08 -4.73 1.20
N LEU A 294 26.17 -6.07 1.06
CA LEU A 294 25.87 -6.99 2.17
C LEU A 294 27.04 -7.12 3.15
N LYS A 295 26.75 -6.81 4.42
CA LYS A 295 27.69 -6.85 5.54
C LYS A 295 28.11 -8.30 5.87
N GLY A 296 29.34 -8.45 6.34
CA GLY A 296 29.93 -9.72 6.77
C GLY A 296 30.09 -10.80 5.72
N MET A 297 30.53 -10.42 4.50
CA MET A 297 30.73 -11.40 3.43
C MET A 297 32.05 -12.16 3.54
N SER A 298 33.04 -11.56 4.23
CA SER A 298 34.37 -12.12 4.48
C SER A 298 34.42 -12.86 5.83
N TYR A 299 33.28 -13.47 6.22
CA TYR A 299 33.11 -14.18 7.49
C TYR A 299 33.05 -15.69 7.29
N SER A 300 33.32 -16.45 8.36
CA SER A 300 33.27 -17.92 8.38
C SER A 300 31.85 -18.41 8.64
N MET A 301 31.70 -19.70 8.98
CA MET A 301 30.42 -20.30 9.35
C MET A 301 30.46 -20.64 10.82
N CYS A 302 29.30 -20.61 11.47
CA CYS A 302 29.22 -20.90 12.90
C CYS A 302 29.22 -22.40 13.16
N THR A 303 30.39 -22.93 13.51
CA THR A 303 30.64 -24.35 13.79
C THR A 303 30.08 -24.86 15.13
N GLY A 304 29.57 -23.96 15.97
CA GLY A 304 28.98 -24.34 17.25
C GLY A 304 27.48 -24.58 17.18
N LYS A 305 26.84 -24.63 18.35
CA LYS A 305 25.42 -24.88 18.49
C LYS A 305 24.64 -23.65 18.92
N PHE A 306 23.35 -23.62 18.55
CA PHE A 306 22.39 -22.57 18.83
C PHE A 306 21.37 -23.00 19.86
N LYS A 307 20.62 -22.02 20.39
CA LYS A 307 19.58 -22.21 21.39
C LYS A 307 18.46 -21.23 21.05
N ILE A 308 17.22 -21.75 20.86
CA ILE A 308 16.06 -20.92 20.55
C ILE A 308 15.74 -20.00 21.74
N VAL A 309 15.97 -18.68 21.52
CA VAL A 309 15.68 -17.61 22.46
C VAL A 309 14.15 -17.50 22.46
N LYS A 310 13.58 -17.25 21.26
CA LYS A 310 12.15 -17.18 21.01
C LYS A 310 11.79 -18.15 19.89
N GLU A 311 10.75 -18.98 20.17
CA GLU A 311 10.18 -20.03 19.31
C GLU A 311 9.62 -19.50 17.99
N ILE A 312 9.54 -20.37 16.96
CA ILE A 312 9.05 -20.04 15.61
C ILE A 312 7.64 -19.49 15.65
N ALA A 313 7.41 -18.34 14.98
CA ALA A 313 6.10 -17.70 14.93
C ALA A 313 5.77 -17.20 13.53
N GLU A 314 4.57 -17.53 13.03
CA GLU A 314 4.11 -17.06 11.73
C GLU A 314 3.57 -15.64 11.89
N THR A 315 3.96 -14.76 10.97
CA THR A 315 3.51 -13.37 10.96
C THR A 315 2.14 -13.28 10.32
N GLN A 316 1.58 -12.05 10.25
CA GLN A 316 0.29 -11.74 9.63
C GLN A 316 0.34 -12.02 8.12
N HIS A 317 1.55 -12.25 7.59
CA HIS A 317 1.87 -12.61 6.22
C HIS A 317 2.59 -13.95 6.35
N GLY A 318 2.57 -14.77 5.30
CA GLY A 318 3.12 -16.13 5.27
C GLY A 318 4.47 -16.46 5.90
N THR A 319 5.31 -15.43 6.13
CA THR A 319 6.67 -15.56 6.68
C THR A 319 6.75 -16.01 8.16
N ILE A 320 7.95 -16.49 8.54
CA ILE A 320 8.27 -16.92 9.89
C ILE A 320 9.50 -16.22 10.43
N VAL A 321 9.47 -15.88 11.73
CA VAL A 321 10.57 -15.27 12.51
C VAL A 321 11.06 -16.27 13.53
N ILE A 322 12.31 -16.06 14.03
CA ILE A 322 12.96 -16.90 15.04
C ILE A 322 14.12 -16.17 15.72
N ARG A 323 14.19 -16.29 17.06
CA ARG A 323 15.32 -15.74 17.80
C ARG A 323 16.15 -16.90 18.31
N VAL A 324 17.48 -16.80 18.11
CA VAL A 324 18.54 -17.77 18.51
C VAL A 324 19.73 -17.04 19.16
N GLN A 325 20.57 -17.79 19.90
CA GLN A 325 21.78 -17.29 20.55
C GLN A 325 22.94 -18.28 20.29
N TYR A 326 24.07 -17.81 19.69
CA TYR A 326 25.21 -18.69 19.41
C TYR A 326 25.98 -19.02 20.69
N GLU A 327 26.28 -20.31 20.87
CA GLU A 327 26.97 -20.81 22.08
C GLU A 327 28.44 -21.13 21.85
N GLY A 328 28.84 -21.38 20.60
CA GLY A 328 30.21 -21.72 20.22
C GLY A 328 31.20 -20.57 20.34
N ASP A 329 32.47 -20.81 19.92
CA ASP A 329 33.54 -19.80 19.99
C ASP A 329 33.82 -19.09 18.65
N GLY A 330 33.01 -19.40 17.63
CA GLY A 330 33.10 -18.84 16.28
C GLY A 330 33.00 -17.33 16.21
N SER A 331 32.32 -16.70 17.22
CA SER A 331 32.05 -15.26 17.41
C SER A 331 31.64 -14.57 16.07
N PRO A 332 32.32 -13.60 15.37
CA PRO A 332 31.73 -13.10 14.12
C PRO A 332 31.77 -14.15 12.98
N CYS A 333 30.62 -14.84 12.80
CA CYS A 333 30.41 -15.91 11.81
C CYS A 333 28.99 -15.90 11.20
N LYS A 334 28.82 -16.54 10.01
CA LYS A 334 27.53 -16.64 9.29
C LYS A 334 26.72 -17.82 9.86
N ILE A 335 25.40 -17.66 10.01
CA ILE A 335 24.59 -18.73 10.59
C ILE A 335 24.14 -19.73 9.52
N PRO A 336 24.44 -21.04 9.72
CA PRO A 336 23.94 -22.07 8.80
C PRO A 336 22.40 -22.23 8.94
N PHE A 337 21.67 -21.63 8.00
CA PHE A 337 20.23 -21.65 7.98
C PHE A 337 19.72 -22.26 6.69
N GLU A 338 18.93 -23.33 6.79
CA GLU A 338 18.39 -23.97 5.62
C GLU A 338 16.95 -24.46 5.80
N ILE A 339 16.12 -24.19 4.80
CA ILE A 339 14.73 -24.63 4.77
C ILE A 339 14.77 -25.88 3.88
N THR A 340 14.51 -27.06 4.47
CA THR A 340 14.60 -28.33 3.74
C THR A 340 13.51 -29.34 4.15
N ASP A 341 13.60 -30.59 3.67
CA ASP A 341 12.68 -31.67 4.02
C ASP A 341 13.24 -32.47 5.22
N LEU A 342 12.72 -33.68 5.48
CA LEU A 342 13.15 -34.56 6.57
C LEU A 342 14.53 -35.18 6.33
N GLU A 343 14.85 -35.48 5.05
CA GLU A 343 16.09 -36.13 4.59
C GLU A 343 17.20 -35.12 4.22
N LYS A 344 17.00 -33.82 4.53
CA LYS A 344 17.92 -32.69 4.28
C LYS A 344 18.23 -32.45 2.77
N ARG A 345 17.61 -33.25 1.88
CA ARG A 345 17.78 -33.32 0.42
C ARG A 345 17.96 -31.98 -0.30
N HIS A 346 16.94 -31.10 -0.29
CA HIS A 346 16.99 -29.82 -0.99
C HIS A 346 16.38 -28.65 -0.27
N VAL A 347 16.80 -27.45 -0.68
CA VAL A 347 16.30 -26.16 -0.20
C VAL A 347 14.88 -26.00 -0.78
N LEU A 348 14.03 -25.19 -0.12
CA LEU A 348 12.65 -24.97 -0.57
C LEU A 348 12.18 -23.50 -0.46
N GLY A 349 12.52 -22.82 0.65
CA GLY A 349 12.16 -21.43 0.90
C GLY A 349 13.23 -20.42 0.54
N ARG A 350 13.17 -19.24 1.20
CA ARG A 350 14.09 -18.08 1.04
C ARG A 350 14.20 -17.27 2.33
N LEU A 351 15.27 -16.50 2.50
CA LEU A 351 15.40 -15.71 3.71
C LEU A 351 14.96 -14.27 3.52
N ILE A 352 14.26 -13.72 4.53
CA ILE A 352 13.83 -12.30 4.55
C ILE A 352 14.96 -11.47 5.20
N THR A 353 15.57 -12.01 6.26
CA THR A 353 16.73 -11.40 6.91
C THR A 353 17.90 -12.06 6.17
N VAL A 354 18.22 -11.54 4.97
CA VAL A 354 19.31 -12.07 4.12
C VAL A 354 20.67 -12.03 4.81
N ASN A 355 21.46 -13.11 4.66
CA ASN A 355 22.80 -13.29 5.21
C ASN A 355 22.86 -13.04 6.76
N PRO A 356 22.25 -13.93 7.59
CA PRO A 356 22.31 -13.72 9.06
C PRO A 356 23.74 -13.77 9.60
N ILE A 357 24.01 -13.02 10.69
CA ILE A 357 25.35 -12.90 11.32
C ILE A 357 25.25 -12.89 12.87
N VAL A 358 26.13 -13.64 13.54
CA VAL A 358 26.26 -13.60 15.00
C VAL A 358 27.37 -12.56 15.22
N THR A 359 27.01 -11.35 15.64
CA THR A 359 27.96 -10.27 15.88
C THR A 359 28.73 -10.54 17.19
N GLU A 360 27.99 -10.99 18.23
CA GLU A 360 28.51 -11.40 19.54
C GLU A 360 27.66 -12.60 19.98
N LYS A 361 28.34 -13.67 20.47
CA LYS A 361 27.68 -14.92 20.90
C LYS A 361 26.64 -14.69 22.02
N ASP A 362 26.93 -13.75 22.95
CA ASP A 362 26.03 -13.45 24.06
C ASP A 362 24.92 -12.43 23.66
N SER A 363 24.74 -12.21 22.35
CA SER A 363 23.72 -11.35 21.77
C SER A 363 22.80 -12.19 20.85
N PRO A 364 21.46 -12.18 21.06
CA PRO A 364 20.56 -12.99 20.21
C PRO A 364 20.35 -12.42 18.82
N VAL A 365 19.92 -13.25 17.85
CA VAL A 365 19.74 -12.87 16.42
C VAL A 365 18.36 -13.30 15.83
N ASN A 366 17.59 -12.32 15.30
CA ASN A 366 16.26 -12.56 14.75
C ASN A 366 16.36 -12.93 13.26
N ILE A 367 15.71 -14.03 12.86
CA ILE A 367 15.78 -14.47 11.48
C ILE A 367 14.41 -14.59 10.84
N GLU A 368 14.08 -13.66 9.93
CA GLU A 368 12.84 -13.75 9.16
C GLU A 368 13.15 -14.52 7.85
N ALA A 369 12.25 -15.45 7.52
CA ALA A 369 12.36 -16.33 6.37
C ALA A 369 10.98 -16.63 5.86
N GLU A 370 10.86 -16.88 4.56
CA GLU A 370 9.58 -17.23 3.95
C GLU A 370 9.60 -18.74 3.72
N PRO A 371 8.82 -19.54 4.47
CA PRO A 371 8.83 -20.99 4.26
C PRO A 371 7.97 -21.40 3.05
N PRO A 372 8.22 -22.58 2.40
CA PRO A 372 7.33 -23.01 1.31
C PRO A 372 5.97 -23.43 1.86
N PHE A 373 4.98 -23.61 0.97
CA PHE A 373 3.62 -24.01 1.33
C PHE A 373 3.58 -25.48 1.76
N GLY A 374 2.98 -25.74 2.92
CA GLY A 374 2.91 -27.09 3.47
C GLY A 374 4.04 -27.36 4.44
N ASP A 375 4.31 -28.66 4.73
CA ASP A 375 5.37 -29.00 5.70
C ASP A 375 6.78 -28.92 5.14
N SER A 376 7.66 -28.34 5.97
CA SER A 376 9.06 -28.06 5.74
C SER A 376 9.82 -28.13 7.08
N TYR A 377 11.16 -27.97 7.02
CA TYR A 377 12.07 -28.03 8.15
C TYR A 377 13.09 -26.91 8.11
N ILE A 378 13.15 -26.17 9.22
CA ILE A 378 14.04 -25.04 9.47
C ILE A 378 15.30 -25.54 10.16
N ILE A 379 16.48 -25.15 9.63
CA ILE A 379 17.80 -25.57 10.10
C ILE A 379 18.56 -24.39 10.72
N VAL A 380 19.08 -24.56 11.93
CA VAL A 380 19.87 -23.54 12.60
C VAL A 380 21.14 -24.24 13.07
N GLY A 381 22.28 -23.90 12.45
CA GLY A 381 23.57 -24.47 12.80
C GLY A 381 23.94 -25.78 12.11
N VAL A 382 25.11 -26.35 12.49
CA VAL A 382 25.69 -27.59 11.94
C VAL A 382 25.44 -28.82 12.85
N GLU A 383 25.60 -30.05 12.29
CA GLU A 383 25.31 -31.38 12.83
C GLU A 383 25.46 -31.51 14.37
N PRO A 384 26.60 -31.20 15.04
CA PRO A 384 26.59 -31.31 16.51
C PRO A 384 25.80 -30.14 17.12
N GLY A 385 24.65 -30.47 17.70
CA GLY A 385 23.73 -29.50 18.30
C GLY A 385 22.90 -28.75 17.28
N GLN A 386 22.62 -29.41 16.14
CA GLN A 386 21.86 -28.89 15.00
C GLN A 386 20.39 -28.79 15.39
N LEU A 387 19.72 -27.72 14.90
CA LEU A 387 18.31 -27.42 15.15
C LEU A 387 17.42 -27.83 13.99
N LYS A 388 16.51 -28.81 14.24
CA LYS A 388 15.51 -29.34 13.30
C LYS A 388 14.10 -28.93 13.78
N LEU A 389 13.44 -28.04 13.03
CA LEU A 389 12.12 -27.48 13.39
C LEU A 389 11.11 -27.57 12.23
N ASN A 390 10.02 -28.33 12.41
CA ASN A 390 9.05 -28.44 11.34
C ASN A 390 8.03 -27.35 11.40
N TRP A 391 7.67 -26.83 10.22
CA TRP A 391 6.68 -25.79 10.07
C TRP A 391 5.78 -26.17 8.93
N LEU A 392 4.48 -26.09 9.18
CA LEU A 392 3.48 -26.38 8.18
C LEU A 392 2.86 -25.06 7.84
N ARG A 393 3.00 -24.66 6.56
CA ARG A 393 2.49 -23.40 6.04
C ARG A 393 1.14 -23.58 5.36
N PRO A 394 0.11 -22.83 5.83
CA PRO A 394 -1.24 -22.97 5.25
C PRO A 394 -1.36 -22.74 3.76
N LEU A 395 -2.38 -23.36 3.15
CA LEU A 395 -2.81 -23.25 1.76
C LEU A 395 -1.78 -23.73 0.75
N MET B 1 -56.32 53.98 31.76
CA MET B 1 -55.50 55.13 31.42
C MET B 1 -54.04 54.75 31.07
N ARG B 2 -53.68 53.48 31.33
CA ARG B 2 -52.36 52.92 31.08
C ARG B 2 -52.02 52.74 29.60
N CYS B 3 -53.03 52.40 28.77
CA CYS B 3 -52.89 52.15 27.32
C CYS B 3 -52.38 53.35 26.50
N ILE B 4 -52.42 54.58 27.06
CA ILE B 4 -51.95 55.80 26.40
C ILE B 4 -50.44 55.72 26.45
N GLY B 5 -49.84 55.44 25.30
CA GLY B 5 -48.40 55.27 25.18
C GLY B 5 -48.01 53.99 24.46
N ILE B 6 -48.74 52.89 24.73
CA ILE B 6 -48.57 51.58 24.10
C ILE B 6 -49.05 51.71 22.65
N SER B 7 -48.25 51.26 21.67
CA SER B 7 -48.63 51.31 20.26
C SER B 7 -49.64 50.21 19.91
N ASN B 8 -49.52 49.02 20.52
CA ASN B 8 -50.40 47.86 20.28
C ASN B 8 -51.68 47.99 21.15
N ARG B 9 -52.48 49.04 20.89
CA ARG B 9 -53.71 49.33 21.63
C ARG B 9 -54.92 49.06 20.77
N ASP B 10 -55.95 48.41 21.36
CA ASP B 10 -57.19 48.05 20.70
C ASP B 10 -58.35 48.75 21.35
N PHE B 11 -59.28 49.24 20.53
CA PHE B 11 -60.48 49.92 21.01
C PHE B 11 -61.69 49.03 20.74
N VAL B 12 -62.40 48.68 21.81
CA VAL B 12 -63.56 47.82 21.73
C VAL B 12 -64.82 48.61 22.09
N GLU B 13 -65.85 48.51 21.25
CA GLU B 13 -67.14 49.15 21.45
C GLU B 13 -68.22 48.04 21.55
N GLY B 14 -69.24 48.23 22.38
CA GLY B 14 -70.34 47.26 22.55
C GLY B 14 -71.35 47.28 21.43
N VAL B 15 -71.39 46.18 20.62
CA VAL B 15 -72.25 45.99 19.42
C VAL B 15 -73.78 46.02 19.81
N SER B 16 -74.27 47.26 20.01
CA SER B 16 -75.61 47.69 20.41
C SER B 16 -75.99 47.19 21.80
N GLY B 17 -76.42 48.12 22.65
CA GLY B 17 -76.78 47.88 24.04
C GLY B 17 -75.69 47.14 24.78
N GLY B 18 -74.46 47.61 24.56
CA GLY B 18 -73.22 47.04 25.07
C GLY B 18 -73.07 46.96 26.58
N SER B 19 -73.84 46.04 27.22
CA SER B 19 -73.78 45.72 28.66
C SER B 19 -72.80 44.54 28.86
N TRP B 20 -72.14 44.12 27.75
CA TRP B 20 -71.12 43.07 27.66
C TRP B 20 -70.35 43.20 26.34
N VAL B 21 -69.05 42.84 26.36
CA VAL B 21 -68.16 42.87 25.19
C VAL B 21 -67.13 41.77 25.20
N ASP B 22 -66.84 41.21 24.00
CA ASP B 22 -65.78 40.21 23.84
C ASP B 22 -64.47 40.96 23.57
N ILE B 23 -63.44 40.65 24.38
CA ILE B 23 -62.11 41.25 24.26
C ILE B 23 -61.04 40.17 24.12
N VAL B 24 -59.96 40.49 23.40
CA VAL B 24 -58.83 39.60 23.15
C VAL B 24 -57.59 40.16 23.85
N LEU B 25 -57.17 39.49 24.94
CA LEU B 25 -56.04 39.91 25.74
C LEU B 25 -54.79 39.12 25.44
N GLU B 26 -53.82 39.75 24.75
CA GLU B 26 -52.52 39.13 24.51
C GLU B 26 -51.44 39.91 25.26
N HIS B 27 -50.23 39.36 25.35
CA HIS B 27 -49.15 39.98 26.08
C HIS B 27 -48.60 41.18 25.40
N GLY B 28 -48.39 42.24 26.17
CA GLY B 28 -47.89 43.52 25.66
C GLY B 28 -48.98 44.41 25.10
N SER B 29 -50.05 43.79 24.58
CA SER B 29 -51.24 44.42 24.00
C SER B 29 -52.12 45.03 25.10
N CYS B 30 -52.77 46.15 24.77
CA CYS B 30 -53.67 46.86 25.67
C CYS B 30 -55.05 46.98 25.02
N VAL B 31 -56.13 46.92 25.84
CA VAL B 31 -57.51 46.98 25.37
C VAL B 31 -58.28 48.09 26.09
N THR B 32 -58.88 49.00 25.33
CA THR B 32 -59.69 50.09 25.83
C THR B 32 -61.15 49.83 25.46
N THR B 33 -62.01 49.65 26.46
CA THR B 33 -63.43 49.34 26.26
C THR B 33 -64.32 50.55 26.45
N MET B 34 -65.22 50.79 25.48
CA MET B 34 -66.18 51.89 25.52
C MET B 34 -67.59 51.37 25.36
N ALA B 35 -68.49 51.85 26.22
CA ALA B 35 -69.92 51.51 26.23
C ALA B 35 -70.68 52.74 26.69
N LYS B 36 -71.85 53.00 26.08
CA LYS B 36 -72.68 54.17 26.40
C LYS B 36 -73.16 54.16 27.85
N ASN B 37 -72.98 55.31 28.53
CA ASN B 37 -73.34 55.58 29.93
C ASN B 37 -72.60 54.68 30.90
N LYS B 38 -71.44 54.16 30.46
CA LYS B 38 -70.55 53.29 31.21
C LYS B 38 -69.13 53.89 31.20
N PRO B 39 -68.36 53.81 32.32
CA PRO B 39 -67.00 54.37 32.31
C PRO B 39 -66.05 53.56 31.42
N THR B 40 -65.09 54.25 30.80
CA THR B 40 -64.11 53.63 29.91
C THR B 40 -63.09 52.83 30.74
N LEU B 41 -62.80 51.60 30.32
CA LEU B 41 -61.87 50.72 31.05
C LEU B 41 -60.70 50.29 30.20
N ASP B 42 -59.54 50.10 30.85
CA ASP B 42 -58.29 49.64 30.22
C ASP B 42 -57.88 48.30 30.83
N PHE B 43 -57.71 47.28 29.97
CA PHE B 43 -57.37 45.91 30.35
C PHE B 43 -56.00 45.52 29.83
N GLU B 44 -55.22 44.81 30.64
CA GLU B 44 -53.90 44.36 30.19
C GLU B 44 -53.57 43.00 30.80
N LEU B 45 -52.78 42.18 30.08
CA LEU B 45 -52.36 40.87 30.59
C LEU B 45 -50.90 40.97 31.04
N ILE B 46 -50.72 40.97 32.39
CA ILE B 46 -49.45 41.16 33.12
C ILE B 46 -48.64 39.87 33.30
N LYS B 47 -49.19 38.85 33.97
CA LYS B 47 -48.51 37.58 34.18
C LYS B 47 -49.35 36.45 33.55
N THR B 48 -48.70 35.35 33.14
CA THR B 48 -49.35 34.18 32.53
C THR B 48 -48.62 32.88 32.96
N GLU B 49 -48.17 32.78 34.25
CA GLU B 49 -47.40 31.62 34.77
C GLU B 49 -48.13 30.24 34.66
N ALA B 50 -47.34 29.15 34.48
CA ALA B 50 -47.81 27.76 34.31
C ALA B 50 -47.50 26.85 35.53
N LYS B 51 -47.72 27.40 36.74
CA LYS B 51 -47.50 26.90 38.11
C LYS B 51 -46.32 25.89 38.22
N GLN B 52 -46.59 24.59 38.52
CA GLN B 52 -45.55 23.55 38.71
C GLN B 52 -45.37 22.64 37.48
N PRO B 53 -44.34 22.85 36.62
CA PRO B 53 -44.21 22.00 35.42
C PRO B 53 -43.36 20.76 35.65
N ALA B 54 -43.91 19.59 35.28
CA ALA B 54 -43.19 18.32 35.45
C ALA B 54 -42.32 18.07 34.23
N THR B 55 -41.09 17.65 34.50
CA THR B 55 -40.11 17.36 33.45
C THR B 55 -40.58 16.18 32.63
N LEU B 56 -40.35 16.27 31.32
CA LEU B 56 -40.63 15.24 30.34
C LEU B 56 -39.32 14.46 30.08
N ARG B 57 -38.23 15.19 29.77
CA ARG B 57 -36.93 14.66 29.43
C ARG B 57 -35.83 15.70 29.67
N LYS B 58 -34.64 15.23 30.06
CA LYS B 58 -33.44 16.02 30.31
C LYS B 58 -32.41 15.64 29.23
N TYR B 59 -31.98 16.59 28.39
CA TYR B 59 -30.99 16.29 27.35
C TYR B 59 -29.63 16.83 27.73
N CYS B 60 -28.55 16.10 27.42
CA CYS B 60 -27.17 16.53 27.70
C CYS B 60 -26.64 17.30 26.50
N ILE B 61 -26.29 18.57 26.68
CA ILE B 61 -25.76 19.38 25.58
C ILE B 61 -24.22 19.47 25.61
N GLU B 62 -23.61 19.38 26.81
CA GLU B 62 -22.15 19.39 26.99
C GLU B 62 -21.72 18.23 27.87
N ALA B 63 -20.73 17.44 27.39
CA ALA B 63 -20.25 16.26 28.11
C ALA B 63 -18.73 16.17 28.23
N LYS B 64 -18.23 15.26 29.09
CA LYS B 64 -16.80 15.04 29.28
C LYS B 64 -16.48 13.56 29.61
N LEU B 65 -15.38 13.02 29.02
CA LEU B 65 -14.94 11.63 29.17
C LEU B 65 -13.76 11.44 30.12
N THR B 66 -14.04 11.09 31.38
CA THR B 66 -13.03 10.87 32.43
C THR B 66 -12.75 9.35 32.62
N ASN B 67 -11.76 9.00 33.48
CA ASN B 67 -11.37 7.62 33.83
C ASN B 67 -11.28 6.65 32.63
N THR B 68 -10.53 7.01 31.56
CA THR B 68 -10.40 6.10 30.41
C THR B 68 -9.64 4.86 30.82
N THR B 69 -10.34 3.72 30.80
CA THR B 69 -9.83 2.40 31.16
C THR B 69 -9.77 1.51 29.92
N THR B 70 -8.88 0.53 29.95
CA THR B 70 -8.68 -0.38 28.83
C THR B 70 -8.17 -1.75 29.28
N GLU B 71 -8.51 -2.77 28.48
CA GLU B 71 -8.06 -4.15 28.63
C GLU B 71 -7.81 -4.73 27.26
N SER B 72 -6.77 -5.56 27.14
CA SER B 72 -6.40 -6.18 25.88
C SER B 72 -5.97 -7.62 26.05
N ARG B 73 -6.09 -8.41 24.97
CA ARG B 73 -5.69 -9.82 24.92
C ARG B 73 -4.75 -9.99 23.74
N CYS B 74 -3.91 -11.05 23.78
CA CYS B 74 -3.01 -11.39 22.69
C CYS B 74 -3.82 -12.16 21.62
N PRO B 75 -3.37 -12.32 20.34
CA PRO B 75 -4.21 -13.05 19.37
C PRO B 75 -4.45 -14.50 19.79
N THR B 76 -5.68 -15.01 19.51
CA THR B 76 -6.19 -16.35 19.85
C THR B 76 -6.22 -16.54 21.38
N GLN B 77 -6.86 -15.58 22.08
CA GLN B 77 -6.99 -15.58 23.53
C GLN B 77 -8.35 -15.01 23.96
N GLY B 78 -9.25 -14.86 22.97
CA GLY B 78 -10.61 -14.35 23.18
C GLY B 78 -10.72 -12.86 23.36
N GLU B 79 -11.97 -12.34 23.50
CA GLU B 79 -12.23 -10.91 23.72
C GLU B 79 -12.06 -10.53 25.20
N PRO B 80 -11.54 -9.33 25.51
CA PRO B 80 -11.38 -8.94 26.91
C PRO B 80 -12.68 -8.53 27.58
N SER B 81 -12.64 -8.35 28.91
CA SER B 81 -13.79 -7.91 29.69
C SER B 81 -13.43 -6.91 30.78
N LEU B 82 -14.27 -5.88 30.92
CA LEU B 82 -14.15 -4.80 31.90
C LEU B 82 -15.42 -4.74 32.76
N ASN B 83 -15.26 -4.38 34.05
CA ASN B 83 -16.39 -4.26 34.98
C ASN B 83 -17.23 -3.02 34.67
N GLU B 84 -16.67 -2.14 33.81
CA GLU B 84 -17.27 -0.91 33.33
C GLU B 84 -18.30 -1.19 32.23
N GLU B 85 -18.26 -2.42 31.64
CA GLU B 85 -19.18 -2.86 30.59
C GLU B 85 -20.63 -2.93 31.06
N GLN B 86 -20.86 -3.07 32.40
CA GLN B 86 -22.20 -3.15 33.07
C GLN B 86 -22.62 -1.82 33.69
N ASP B 87 -21.65 -1.01 34.19
CA ASP B 87 -21.93 0.32 34.75
C ASP B 87 -22.29 1.22 33.60
N LYS B 88 -23.53 1.70 33.64
CA LYS B 88 -24.11 2.52 32.58
C LYS B 88 -23.68 4.00 32.64
N ARG B 89 -22.69 4.34 33.49
CA ARG B 89 -22.07 5.67 33.60
C ARG B 89 -20.91 5.79 32.58
N PHE B 90 -20.45 4.62 32.05
CA PHE B 90 -19.32 4.42 31.13
C PHE B 90 -19.73 3.92 29.74
N ILE B 91 -19.19 4.57 28.71
CA ILE B 91 -19.36 4.13 27.33
C ILE B 91 -18.16 3.23 26.99
N CYS B 92 -18.41 2.08 26.34
CA CYS B 92 -17.40 1.10 25.97
C CYS B 92 -17.50 0.73 24.49
N LYS B 93 -16.41 0.17 23.96
CA LYS B 93 -16.31 -0.31 22.58
C LYS B 93 -15.16 -1.32 22.44
N HIS B 94 -15.47 -2.47 21.80
CA HIS B 94 -14.54 -3.55 21.49
C HIS B 94 -13.89 -3.27 20.14
N SER B 95 -12.64 -3.72 19.93
CA SER B 95 -11.91 -3.52 18.67
C SER B 95 -10.77 -4.53 18.51
N MET B 96 -10.09 -4.49 17.35
CA MET B 96 -8.96 -5.36 17.02
C MET B 96 -7.74 -4.50 16.77
N VAL B 97 -6.58 -4.92 17.30
CA VAL B 97 -5.31 -4.21 17.13
C VAL B 97 -4.19 -5.16 16.74
N ASP B 98 -3.20 -4.69 15.95
CA ASP B 98 -2.05 -5.50 15.54
C ASP B 98 -1.21 -5.87 16.76
N ARG B 99 -0.94 -7.16 16.93
CA ARG B 99 -0.13 -7.67 18.03
C ARG B 99 1.02 -8.53 17.53
N GLY B 100 2.07 -8.59 18.34
CA GLY B 100 3.26 -9.38 18.03
C GLY B 100 4.34 -9.22 19.07
N TRP B 101 5.55 -9.74 18.74
CA TRP B 101 6.75 -9.71 19.58
C TRP B 101 7.05 -8.30 20.09
N GLY B 102 6.81 -7.31 19.22
CA GLY B 102 7.02 -5.89 19.48
C GLY B 102 6.21 -5.30 20.63
N ASN B 103 4.98 -5.79 20.82
CA ASN B 103 4.11 -5.31 21.90
C ASN B 103 3.74 -6.43 22.89
N GLY B 104 4.74 -7.25 23.22
CA GLY B 104 4.67 -8.34 24.20
C GLY B 104 3.78 -9.53 23.91
N CYS B 105 3.53 -9.84 22.62
CA CYS B 105 2.72 -11.01 22.27
C CYS B 105 3.58 -12.10 21.63
N GLY B 106 3.30 -13.34 22.02
CA GLY B 106 4.00 -14.51 21.52
C GLY B 106 3.72 -14.80 20.07
N LEU B 107 2.49 -14.49 19.62
CA LEU B 107 2.02 -14.73 18.25
C LEU B 107 1.67 -13.44 17.56
N PHE B 108 1.77 -13.43 16.22
CA PHE B 108 1.44 -12.28 15.38
C PHE B 108 0.01 -12.44 14.83
N GLY B 109 -0.78 -11.39 15.00
CA GLY B 109 -2.16 -11.34 14.54
C GLY B 109 -2.92 -10.19 15.16
N LYS B 110 -4.26 -10.19 15.01
CA LYS B 110 -5.12 -9.15 15.60
C LYS B 110 -5.53 -9.55 17.01
N GLY B 111 -5.20 -8.70 17.96
CA GLY B 111 -5.50 -8.87 19.37
C GLY B 111 -6.67 -7.99 19.78
N GLY B 112 -7.61 -8.58 20.49
CA GLY B 112 -8.82 -7.91 20.96
C GLY B 112 -8.55 -6.90 22.05
N ILE B 113 -9.20 -5.73 21.94
CA ILE B 113 -9.10 -4.62 22.87
C ILE B 113 -10.48 -4.06 23.20
N VAL B 114 -10.69 -3.59 24.43
CA VAL B 114 -11.94 -2.95 24.80
C VAL B 114 -11.59 -1.72 25.63
N THR B 115 -12.17 -0.56 25.24
CA THR B 115 -11.92 0.73 25.90
C THR B 115 -13.20 1.26 26.52
N CYS B 116 -13.10 1.79 27.75
CA CYS B 116 -14.23 2.35 28.51
C CYS B 116 -13.87 3.70 29.07
N ALA B 117 -14.85 4.64 29.16
CA ALA B 117 -14.62 5.98 29.70
C ALA B 117 -15.88 6.61 30.29
N LYS B 118 -15.76 7.15 31.52
CA LYS B 118 -16.85 7.78 32.27
C LYS B 118 -17.44 8.99 31.56
N PHE B 119 -18.75 8.96 31.31
CA PHE B 119 -19.48 10.05 30.67
C PHE B 119 -20.13 10.91 31.77
N THR B 120 -19.69 12.17 31.89
CA THR B 120 -20.21 13.13 32.87
C THR B 120 -20.79 14.31 32.11
N CYS B 121 -22.00 14.73 32.48
CA CYS B 121 -22.68 15.85 31.85
C CYS B 121 -22.33 17.18 32.51
N LYS B 122 -21.76 18.10 31.70
CA LYS B 122 -21.34 19.45 32.10
C LYS B 122 -22.50 20.45 32.05
N LYS B 123 -23.25 20.45 30.94
CA LYS B 123 -24.39 21.34 30.73
C LYS B 123 -25.53 20.54 30.15
N ASN B 124 -26.76 20.81 30.62
CA ASN B 124 -27.96 20.10 30.19
C ASN B 124 -29.13 21.05 29.98
N MET B 125 -30.26 20.53 29.52
CA MET B 125 -31.51 21.25 29.29
C MET B 125 -32.70 20.32 29.61
N GLU B 126 -33.88 20.90 29.89
CA GLU B 126 -35.09 20.14 30.27
C GLU B 126 -36.31 20.50 29.45
N GLY B 127 -37.10 19.49 29.11
CA GLY B 127 -38.39 19.68 28.44
C GLY B 127 -39.48 19.50 29.47
N LYS B 128 -40.40 20.48 29.60
CA LYS B 128 -41.47 20.43 30.61
C LYS B 128 -42.84 20.31 30.00
N ILE B 129 -43.81 19.72 30.75
CA ILE B 129 -45.17 19.56 30.26
C ILE B 129 -46.15 20.47 31.00
N VAL B 130 -46.87 21.29 30.22
CA VAL B 130 -47.85 22.27 30.68
C VAL B 130 -49.24 21.76 30.38
N GLN B 131 -50.13 21.80 31.38
CA GLN B 131 -51.53 21.41 31.23
C GLN B 131 -52.33 22.73 31.19
N PRO B 132 -53.46 22.85 30.43
CA PRO B 132 -54.22 24.12 30.45
C PRO B 132 -54.65 24.55 31.85
N GLU B 133 -54.86 23.57 32.76
CA GLU B 133 -55.22 23.77 34.17
C GLU B 133 -54.11 24.45 35.01
N ASN B 134 -52.85 24.35 34.56
CA ASN B 134 -51.69 24.94 35.25
C ASN B 134 -51.62 26.45 35.09
N LEU B 135 -52.17 26.97 33.98
CA LEU B 135 -52.08 28.39 33.66
C LEU B 135 -52.97 29.28 34.50
N GLU B 136 -52.33 30.24 35.16
CA GLU B 136 -52.91 31.29 35.99
C GLU B 136 -52.66 32.60 35.21
N TYR B 137 -53.72 33.40 35.02
CA TYR B 137 -53.65 34.66 34.28
C TYR B 137 -53.87 35.85 35.19
N THR B 138 -52.93 36.83 35.15
CA THR B 138 -52.99 38.06 35.94
C THR B 138 -53.42 39.20 35.03
N ILE B 139 -54.57 39.83 35.35
CA ILE B 139 -55.16 40.92 34.56
C ILE B 139 -55.27 42.16 35.44
N VAL B 140 -55.01 43.33 34.84
CA VAL B 140 -55.07 44.64 35.47
C VAL B 140 -56.12 45.52 34.81
N ILE B 141 -57.21 45.81 35.56
CA ILE B 141 -58.33 46.63 35.10
C ILE B 141 -58.22 48.00 35.71
N THR B 142 -58.03 48.99 34.80
CA THR B 142 -57.83 50.40 35.10
C THR B 142 -58.95 51.26 34.56
N PRO B 143 -59.65 52.03 35.40
CA PRO B 143 -60.70 52.91 34.87
C PRO B 143 -60.11 54.21 34.29
N HIS B 144 -60.46 54.53 33.03
CA HIS B 144 -60.04 55.74 32.32
C HIS B 144 -60.78 56.93 32.97
N SER B 145 -60.13 57.54 33.98
CA SER B 145 -60.66 58.65 34.75
C SER B 145 -59.82 59.90 34.66
N GLY B 146 -58.49 59.73 34.57
CA GLY B 146 -57.56 60.84 34.49
C GLY B 146 -57.04 61.27 35.84
N HIS B 158 -56.40 51.89 43.17
CA HIS B 158 -57.52 52.25 42.29
C HIS B 158 -57.75 51.21 41.17
N GLY B 159 -56.71 50.91 40.40
CA GLY B 159 -56.75 49.90 39.36
C GLY B 159 -56.60 48.53 39.98
N LYS B 160 -57.71 47.74 40.00
CA LYS B 160 -57.75 46.40 40.59
C LYS B 160 -56.99 45.34 39.79
N GLU B 161 -56.30 44.42 40.50
CA GLU B 161 -55.54 43.31 39.94
C GLU B 161 -56.30 42.00 40.20
N ILE B 162 -56.64 41.28 39.11
CA ILE B 162 -57.44 40.05 39.12
C ILE B 162 -56.65 38.82 38.61
N LYS B 163 -56.90 37.62 39.24
CA LYS B 163 -56.29 36.31 38.93
C LYS B 163 -57.35 35.37 38.38
N ILE B 164 -57.08 34.71 37.22
CA ILE B 164 -58.05 33.81 36.58
C ILE B 164 -57.37 32.55 36.04
N THR B 165 -57.90 31.37 36.43
CA THR B 165 -57.47 30.05 35.92
C THR B 165 -58.67 29.48 35.11
N PRO B 166 -58.51 28.47 34.22
CA PRO B 166 -59.67 27.93 33.48
C PRO B 166 -60.74 27.25 34.36
N GLN B 167 -60.46 27.12 35.66
CA GLN B 167 -61.36 26.55 36.68
C GLN B 167 -61.97 27.70 37.51
N SER B 168 -61.22 28.82 37.67
CA SER B 168 -61.70 30.05 38.33
C SER B 168 -62.73 30.68 37.34
N SER B 169 -62.24 31.05 36.14
CA SER B 169 -62.90 31.62 34.96
C SER B 169 -63.65 32.95 35.20
N THR B 170 -64.77 32.93 35.94
CA THR B 170 -65.60 34.10 36.21
C THR B 170 -65.17 34.83 37.50
N THR B 171 -64.97 36.17 37.43
CA THR B 171 -64.56 36.97 38.58
C THR B 171 -65.22 38.36 38.65
N GLU B 172 -65.92 38.62 39.75
CA GLU B 172 -66.60 39.89 40.02
C GLU B 172 -65.61 40.89 40.64
N ALA B 173 -64.97 41.70 39.78
CA ALA B 173 -64.01 42.72 40.22
C ALA B 173 -64.75 44.03 40.48
N GLU B 174 -64.54 44.58 41.68
CA GLU B 174 -65.17 45.82 42.13
C GLU B 174 -64.20 46.99 42.00
N LEU B 175 -64.59 47.99 41.19
CA LEU B 175 -63.80 49.20 40.96
C LEU B 175 -64.41 50.32 41.80
N THR B 176 -63.60 50.87 42.73
CA THR B 176 -63.98 51.90 43.70
C THR B 176 -64.62 53.15 43.06
N GLY B 177 -65.87 53.42 43.43
CA GLY B 177 -66.65 54.55 42.95
C GLY B 177 -67.28 54.37 41.58
N TYR B 178 -67.25 53.14 41.02
CA TYR B 178 -67.81 52.84 39.70
C TYR B 178 -68.79 51.68 39.70
N GLY B 179 -68.51 50.67 40.50
CA GLY B 179 -69.38 49.50 40.61
C GLY B 179 -68.63 48.18 40.52
N THR B 180 -69.23 47.20 39.83
CA THR B 180 -68.67 45.85 39.70
C THR B 180 -68.81 45.29 38.28
N VAL B 181 -67.69 44.79 37.77
CA VAL B 181 -67.61 44.15 36.46
C VAL B 181 -67.30 42.68 36.69
N THR B 182 -68.02 41.81 35.98
CA THR B 182 -67.75 40.38 36.04
C THR B 182 -67.07 39.98 34.74
N MET B 183 -66.23 38.96 34.79
CA MET B 183 -65.54 38.58 33.58
C MET B 183 -65.46 37.10 33.36
N GLU B 184 -66.20 36.65 32.36
CA GLU B 184 -66.30 35.26 31.94
C GLU B 184 -65.19 35.04 30.90
N CYS B 185 -64.11 34.39 31.35
CA CYS B 185 -62.92 34.16 30.55
C CYS B 185 -62.61 32.70 30.31
N SER B 186 -62.65 32.28 29.04
CA SER B 186 -62.32 30.92 28.63
C SER B 186 -60.90 30.95 28.05
N PRO B 187 -59.99 30.00 28.42
CA PRO B 187 -58.62 30.02 27.86
C PRO B 187 -58.57 29.94 26.32
N ARG B 188 -59.13 28.83 25.74
CA ARG B 188 -59.25 28.50 24.31
C ARG B 188 -57.93 28.56 23.56
N THR B 189 -57.43 29.79 23.28
CA THR B 189 -56.17 30.18 22.63
C THR B 189 -56.08 29.75 21.15
N GLY B 190 -56.27 28.45 20.91
CA GLY B 190 -56.12 27.80 19.61
C GLY B 190 -54.85 26.97 19.63
N LEU B 191 -53.98 27.23 20.65
CA LEU B 191 -52.71 26.58 20.95
C LEU B 191 -52.94 25.13 21.34
N ASP B 192 -52.00 24.25 20.97
CA ASP B 192 -52.08 22.82 21.28
C ASP B 192 -50.95 22.37 22.22
N PHE B 193 -51.05 22.78 23.51
CA PHE B 193 -50.11 22.49 24.61
C PHE B 193 -49.75 21.01 24.80
N ASN B 194 -50.58 20.10 24.24
CA ASN B 194 -50.40 18.65 24.27
C ASN B 194 -49.34 18.24 23.24
N GLU B 195 -49.40 18.89 22.04
CA GLU B 195 -48.45 18.73 20.94
C GLU B 195 -47.20 19.59 21.18
N MET B 196 -47.19 20.39 22.26
CA MET B 196 -46.07 21.27 22.57
C MET B 196 -45.32 20.87 23.84
N VAL B 197 -43.99 21.12 23.83
CA VAL B 197 -43.07 20.87 24.93
C VAL B 197 -42.38 22.19 25.27
N LEU B 198 -42.24 22.48 26.57
CA LEU B 198 -41.60 23.69 27.05
C LEU B 198 -40.12 23.47 27.40
N LEU B 199 -39.24 23.84 26.46
CA LEU B 199 -37.77 23.74 26.55
C LEU B 199 -37.22 24.71 27.62
N GLN B 200 -36.06 24.37 28.22
CA GLN B 200 -35.42 25.17 29.28
C GLN B 200 -33.91 24.98 29.31
N MET B 201 -33.20 25.91 28.66
CA MET B 201 -31.74 25.98 28.63
C MET B 201 -31.40 27.05 29.65
N GLU B 202 -31.38 26.64 30.93
CA GLU B 202 -31.19 27.43 32.17
C GLU B 202 -31.93 28.80 32.13
N ASP B 203 -31.34 29.84 31.51
CA ASP B 203 -31.94 31.17 31.39
C ASP B 203 -33.11 31.20 30.39
N LYS B 204 -32.84 31.13 29.05
CA LYS B 204 -33.88 31.18 28.02
C LYS B 204 -34.71 29.90 27.94
N ALA B 205 -35.90 30.00 27.31
CA ALA B 205 -36.86 28.91 27.13
C ALA B 205 -37.64 29.08 25.82
N TRP B 206 -38.10 27.96 25.24
CA TRP B 206 -38.87 27.93 23.98
C TRP B 206 -40.02 26.93 24.01
N LEU B 207 -41.05 27.18 23.19
CA LEU B 207 -42.17 26.25 23.06
C LEU B 207 -42.08 25.60 21.70
N VAL B 208 -41.73 24.30 21.69
CA VAL B 208 -41.51 23.47 20.49
C VAL B 208 -42.48 22.32 20.37
N HIS B 209 -42.53 21.67 19.19
CA HIS B 209 -43.38 20.51 18.98
C HIS B 209 -42.87 19.29 19.74
N ARG B 210 -43.78 18.40 20.16
CA ARG B 210 -43.48 17.20 20.93
C ARG B 210 -42.52 16.25 20.22
N GLN B 211 -42.91 15.74 19.02
CA GLN B 211 -42.10 14.81 18.24
C GLN B 211 -40.70 15.34 17.95
N TRP B 212 -40.58 16.65 17.61
CA TRP B 212 -39.30 17.30 17.33
C TRP B 212 -38.34 17.15 18.53
N PHE B 213 -38.85 17.45 19.74
CA PHE B 213 -38.11 17.38 21.00
C PHE B 213 -37.67 15.94 21.30
N LEU B 214 -38.59 14.97 21.21
CA LEU B 214 -38.29 13.56 21.46
C LEU B 214 -37.34 12.96 20.42
N ASP B 215 -37.28 13.53 19.20
CA ASP B 215 -36.42 13.07 18.12
C ASP B 215 -35.01 13.67 18.11
N LEU B 216 -34.67 14.55 19.08
CA LEU B 216 -33.35 15.20 19.14
C LEU B 216 -32.20 14.19 19.35
N PRO B 217 -31.11 14.30 18.54
CA PRO B 217 -30.00 13.35 18.68
C PRO B 217 -28.98 13.78 19.74
N LEU B 218 -29.36 13.61 21.01
CA LEU B 218 -28.55 13.98 22.17
C LEU B 218 -28.76 12.94 23.30
N PRO B 219 -27.79 12.78 24.23
CA PRO B 219 -27.99 11.82 25.33
C PRO B 219 -29.07 12.33 26.27
N TRP B 220 -29.94 11.42 26.74
CA TRP B 220 -31.04 11.87 27.58
C TRP B 220 -31.33 11.02 28.81
N LEU B 221 -32.07 11.61 29.74
CA LEU B 221 -32.55 11.01 30.98
C LEU B 221 -34.07 11.26 31.08
N PRO B 222 -34.85 10.29 31.62
CA PRO B 222 -36.29 10.54 31.78
C PRO B 222 -36.52 11.65 32.79
N GLY B 223 -37.62 12.39 32.62
CA GLY B 223 -37.99 13.49 33.51
C GLY B 223 -38.01 13.09 34.97
N ALA B 224 -38.45 11.84 35.22
CA ALA B 224 -38.56 11.18 36.51
C ALA B 224 -37.21 10.96 37.21
N ASP B 225 -36.11 10.90 36.44
CA ASP B 225 -34.75 10.68 36.94
C ASP B 225 -34.20 11.85 37.77
N THR B 226 -33.71 11.51 38.98
CA THR B 226 -33.11 12.42 39.97
C THR B 226 -31.59 12.22 40.04
N GLN B 227 -31.13 10.94 40.03
CA GLN B 227 -29.74 10.48 40.08
C GLN B 227 -28.79 11.26 39.15
N GLY B 228 -29.23 11.53 37.92
CA GLY B 228 -28.51 12.27 36.89
C GLY B 228 -27.19 11.64 36.46
N SER B 229 -27.19 10.31 36.20
CA SER B 229 -25.97 9.60 35.82
C SER B 229 -26.10 8.67 34.61
N ASN B 230 -27.11 7.77 34.61
CA ASN B 230 -27.33 6.76 33.57
C ASN B 230 -27.98 7.35 32.30
N TRP B 231 -27.19 8.12 31.56
CA TRP B 231 -27.61 8.79 30.34
C TRP B 231 -27.83 7.81 29.20
N ILE B 232 -29.01 7.83 28.57
CA ILE B 232 -29.33 7.01 27.41
C ILE B 232 -28.68 7.68 26.19
N GLN B 233 -28.38 6.92 25.12
CA GLN B 233 -27.80 7.42 23.85
C GLN B 233 -26.49 8.19 23.98
N LYS B 234 -25.59 7.79 24.92
CA LYS B 234 -24.27 8.45 25.13
C LYS B 234 -23.49 8.57 23.83
N GLU B 235 -23.74 7.62 22.92
CA GLU B 235 -23.13 7.45 21.60
C GLU B 235 -23.36 8.63 20.64
N THR B 236 -24.36 9.51 20.92
CA THR B 236 -24.63 10.69 20.08
C THR B 236 -23.48 11.69 20.23
N LEU B 237 -23.10 12.01 21.48
CA LEU B 237 -22.00 12.93 21.75
C LEU B 237 -20.61 12.25 21.70
N VAL B 238 -20.54 10.90 21.80
CA VAL B 238 -19.25 10.17 21.83
C VAL B 238 -19.09 9.19 20.65
N THR B 239 -17.91 9.21 19.99
CA THR B 239 -17.53 8.33 18.88
C THR B 239 -16.17 7.65 19.11
N PHE B 240 -16.01 6.41 18.58
CA PHE B 240 -14.78 5.61 18.72
C PHE B 240 -14.02 5.47 17.40
N LYS B 241 -12.68 5.62 17.46
CA LYS B 241 -11.82 5.62 16.27
C LYS B 241 -10.56 4.74 16.37
N ASN B 242 -10.40 3.81 15.41
CA ASN B 242 -9.24 2.90 15.29
C ASN B 242 -8.83 2.85 13.79
N PRO B 243 -8.11 3.88 13.28
CA PRO B 243 -7.81 3.91 11.84
C PRO B 243 -6.61 3.10 11.35
N HIS B 244 -5.63 2.79 12.23
CA HIS B 244 -4.42 2.08 11.81
C HIS B 244 -4.19 0.76 12.53
N ALA B 245 -5.19 0.26 13.29
CA ALA B 245 -5.15 -0.98 14.07
C ALA B 245 -4.01 -0.94 15.13
N LYS B 246 -3.73 0.28 15.66
CA LYS B 246 -2.69 0.55 16.65
C LYS B 246 -3.35 0.93 17.98
N LYS B 247 -4.32 1.85 17.92
CA LYS B 247 -5.00 2.41 19.07
C LYS B 247 -6.48 2.68 18.84
N GLN B 248 -7.27 2.51 19.91
CA GLN B 248 -8.71 2.81 19.94
C GLN B 248 -8.87 4.13 20.68
N ASP B 249 -9.56 5.10 20.04
CA ASP B 249 -9.74 6.40 20.68
C ASP B 249 -11.18 6.85 20.84
N VAL B 250 -11.45 7.49 21.99
CA VAL B 250 -12.74 8.08 22.37
C VAL B 250 -12.68 9.55 22.00
N VAL B 251 -13.85 10.18 21.76
CA VAL B 251 -13.89 11.62 21.45
C VAL B 251 -15.29 12.22 21.66
N VAL B 252 -15.38 13.22 22.56
CA VAL B 252 -16.63 13.98 22.82
C VAL B 252 -16.88 14.94 21.64
N LEU B 253 -18.14 15.29 21.40
CA LEU B 253 -18.50 16.17 20.30
C LEU B 253 -18.60 17.65 20.66
N GLY B 254 -18.25 18.03 21.89
CA GLY B 254 -18.29 19.44 22.31
C GLY B 254 -19.68 20.02 22.50
N SER B 255 -19.75 21.22 23.10
CA SER B 255 -21.00 21.91 23.45
C SER B 255 -21.98 22.10 22.30
N GLN B 256 -23.18 21.56 22.47
CA GLN B 256 -24.25 21.66 21.47
C GLN B 256 -25.20 22.83 21.78
N GLU B 257 -24.78 23.75 22.68
CA GLU B 257 -25.53 24.93 23.13
C GLU B 257 -25.92 25.85 21.99
N GLY B 258 -24.91 26.31 21.24
CA GLY B 258 -25.07 27.19 20.10
C GLY B 258 -25.77 26.51 18.94
N ALA B 259 -25.47 25.20 18.76
CA ALA B 259 -26.09 24.33 17.76
C ALA B 259 -27.60 24.26 18.00
N MET B 260 -28.00 24.22 19.30
CA MET B 260 -29.39 24.20 19.74
C MET B 260 -30.07 25.50 19.46
N HIS B 261 -29.43 26.64 19.81
CA HIS B 261 -30.01 27.98 19.57
C HIS B 261 -30.37 28.19 18.12
N THR B 262 -29.49 27.72 17.19
CA THR B 262 -29.74 27.80 15.76
C THR B 262 -30.94 26.96 15.37
N ALA B 263 -31.07 25.77 15.99
CA ALA B 263 -32.19 24.86 15.75
C ALA B 263 -33.53 25.46 16.20
N LEU B 264 -33.51 26.34 17.23
CA LEU B 264 -34.69 27.00 17.81
C LEU B 264 -34.86 28.46 17.34
N THR B 265 -34.79 28.68 16.03
CA THR B 265 -34.93 30.03 15.49
C THR B 265 -36.42 30.43 15.48
N GLY B 266 -37.22 29.74 14.66
CA GLY B 266 -38.65 29.97 14.51
C GLY B 266 -39.49 29.77 15.75
N ALA B 267 -38.97 29.01 16.73
CA ALA B 267 -39.63 28.68 17.99
C ALA B 267 -40.03 29.91 18.81
N THR B 268 -41.17 29.80 19.50
CA THR B 268 -41.73 30.83 20.36
C THR B 268 -40.93 30.90 21.65
N GLU B 269 -40.23 32.02 21.90
CA GLU B 269 -39.43 32.22 23.10
C GLU B 269 -40.31 32.42 24.34
N ILE B 270 -39.76 32.16 25.54
CA ILE B 270 -40.45 32.28 26.82
C ILE B 270 -39.59 33.06 27.81
N GLN B 271 -40.24 33.92 28.60
CA GLN B 271 -39.62 34.78 29.63
C GLN B 271 -39.74 34.17 31.06
N MET B 272 -39.02 33.08 31.31
CA MET B 272 -39.03 32.43 32.62
C MET B 272 -38.08 33.13 33.61
N SER B 273 -38.51 33.27 34.88
CA SER B 273 -37.70 33.92 35.92
C SER B 273 -37.46 33.00 37.14
N SER B 274 -36.28 32.34 37.16
CA SER B 274 -35.81 31.40 38.18
C SER B 274 -36.77 30.22 38.40
N GLY B 275 -36.65 29.20 37.54
CA GLY B 275 -37.46 27.98 37.60
C GLY B 275 -38.84 28.11 36.99
N ASN B 276 -39.71 28.93 37.62
CA ASN B 276 -41.10 29.20 37.22
C ASN B 276 -41.14 29.80 35.80
N LEU B 277 -42.09 29.36 34.97
CA LEU B 277 -42.15 29.83 33.59
C LEU B 277 -43.34 30.75 33.35
N LEU B 278 -43.06 32.07 33.36
CA LEU B 278 -44.01 33.13 33.04
C LEU B 278 -44.12 33.06 31.53
N PHE B 279 -45.34 33.10 31.02
CA PHE B 279 -45.57 32.98 29.60
C PHE B 279 -45.86 34.28 28.89
N THR B 280 -45.82 34.17 27.56
CA THR B 280 -46.24 35.20 26.62
C THR B 280 -47.50 34.56 26.03
N GLY B 281 -48.66 34.87 26.64
CA GLY B 281 -49.93 34.23 26.31
C GLY B 281 -51.09 35.03 25.76
N HIS B 282 -52.05 34.28 25.12
CA HIS B 282 -53.30 34.73 24.47
C HIS B 282 -54.54 34.23 25.24
N LEU B 283 -55.56 35.08 25.41
CA LEU B 283 -56.76 34.75 26.16
C LEU B 283 -57.99 35.51 25.67
N LYS B 284 -59.16 34.82 25.67
CA LYS B 284 -60.46 35.36 25.28
C LYS B 284 -61.29 35.64 26.55
N CYS B 285 -61.86 36.85 26.64
CA CYS B 285 -62.66 37.28 27.79
C CYS B 285 -63.97 37.91 27.34
N ARG B 286 -64.97 38.00 28.25
CA ARG B 286 -66.26 38.64 28.02
C ARG B 286 -66.66 39.34 29.31
N LEU B 287 -66.73 40.67 29.29
CA LEU B 287 -67.07 41.42 30.49
C LEU B 287 -68.50 41.91 30.51
N ARG B 288 -69.17 41.75 31.65
CA ARG B 288 -70.52 42.23 31.85
C ARG B 288 -70.40 43.54 32.64
N MET B 289 -70.79 44.66 32.00
CA MET B 289 -70.74 45.99 32.60
C MET B 289 -72.08 46.40 33.25
N ASP B 290 -72.93 45.40 33.56
CA ASP B 290 -74.28 45.58 34.15
C ASP B 290 -74.27 46.33 35.46
N LYS B 291 -73.38 45.93 36.39
CA LYS B 291 -73.27 46.55 37.72
C LYS B 291 -72.34 47.77 37.75
N LEU B 292 -71.75 48.10 36.59
CA LEU B 292 -70.83 49.23 36.40
C LEU B 292 -71.60 50.48 36.02
N GLN B 293 -71.37 51.58 36.75
CA GLN B 293 -72.06 52.85 36.54
C GLN B 293 -71.07 54.02 36.48
N LEU B 294 -71.47 55.14 35.83
CA LEU B 294 -70.64 56.32 35.72
C LEU B 294 -70.69 57.21 36.96
N LYS B 295 -69.50 57.49 37.52
CA LYS B 295 -69.27 58.31 38.70
C LYS B 295 -69.62 59.78 38.44
N GLY B 296 -70.12 60.44 39.49
CA GLY B 296 -70.48 61.86 39.50
C GLY B 296 -71.55 62.32 38.54
N MET B 297 -72.65 61.57 38.43
CA MET B 297 -73.74 61.95 37.53
C MET B 297 -74.67 63.01 38.12
N SER B 298 -74.71 63.10 39.46
CA SER B 298 -75.53 64.05 40.22
C SER B 298 -74.70 65.32 40.56
N TYR B 299 -73.77 65.70 39.65
CA TYR B 299 -72.87 66.83 39.82
C TYR B 299 -73.24 67.98 38.89
N SER B 300 -72.78 69.20 39.24
CA SER B 300 -72.99 70.42 38.47
C SER B 300 -71.94 70.56 37.37
N MET B 301 -71.82 71.75 36.78
CA MET B 301 -70.82 72.06 35.76
C MET B 301 -69.81 73.03 36.36
N CYS B 302 -68.58 72.95 35.86
CA CYS B 302 -67.51 73.80 36.35
C CYS B 302 -67.55 75.16 35.63
N THR B 303 -68.12 76.16 36.36
CA THR B 303 -68.37 77.55 35.94
C THR B 303 -67.14 78.49 35.90
N GLY B 304 -66.03 78.06 36.49
CA GLY B 304 -64.83 78.89 36.53
C GLY B 304 -63.96 78.79 35.29
N LYS B 305 -62.64 78.82 35.51
CA LYS B 305 -61.61 78.70 34.48
C LYS B 305 -60.61 77.59 34.80
N PHE B 306 -60.09 76.93 33.76
CA PHE B 306 -59.14 75.84 33.89
C PHE B 306 -57.77 76.25 33.41
N LYS B 307 -56.72 75.59 33.94
CA LYS B 307 -55.34 75.87 33.57
C LYS B 307 -54.73 74.62 32.93
N ILE B 308 -53.91 74.79 31.88
CA ILE B 308 -53.25 73.67 31.20
C ILE B 308 -52.02 73.24 31.99
N VAL B 309 -52.08 72.02 32.54
CA VAL B 309 -51.01 71.40 33.33
C VAL B 309 -50.01 70.76 32.36
N LYS B 310 -50.53 70.10 31.30
CA LYS B 310 -49.75 69.47 30.24
C LYS B 310 -50.38 69.76 28.87
N GLU B 311 -49.57 70.31 27.93
CA GLU B 311 -50.01 70.67 26.58
C GLU B 311 -50.58 69.48 25.81
N ILE B 312 -51.55 69.74 24.91
CA ILE B 312 -52.20 68.73 24.07
C ILE B 312 -51.20 67.97 23.22
N ALA B 313 -51.30 66.63 23.21
CA ALA B 313 -50.40 65.76 22.47
C ALA B 313 -51.14 64.64 21.72
N GLU B 314 -50.83 64.45 20.43
CA GLU B 314 -51.40 63.37 19.65
C GLU B 314 -50.66 62.08 19.99
N THR B 315 -51.43 61.02 20.30
CA THR B 315 -50.88 59.72 20.64
C THR B 315 -50.56 58.93 19.35
N GLN B 316 -50.06 57.68 19.51
CA GLN B 316 -49.71 56.80 18.39
C GLN B 316 -50.95 56.44 17.56
N HIS B 317 -52.11 56.76 18.10
CA HIS B 317 -53.43 56.58 17.51
C HIS B 317 -54.01 57.98 17.45
N GLY B 318 -54.96 58.20 16.54
CA GLY B 318 -55.58 59.50 16.28
C GLY B 318 -55.78 60.41 17.46
N THR B 319 -56.15 59.80 18.63
CA THR B 319 -56.43 60.38 19.95
C THR B 319 -55.47 61.48 20.39
N ILE B 320 -55.99 62.39 21.21
CA ILE B 320 -55.27 63.52 21.80
C ILE B 320 -55.53 63.55 23.29
N VAL B 321 -54.51 63.89 24.06
CA VAL B 321 -54.67 63.97 25.51
C VAL B 321 -54.11 65.29 26.06
N ILE B 322 -54.84 65.88 27.01
CA ILE B 322 -54.50 67.09 27.73
C ILE B 322 -54.70 66.82 29.22
N ARG B 323 -54.04 67.59 30.09
CA ARG B 323 -54.24 67.52 31.55
C ARG B 323 -54.57 68.93 31.95
N VAL B 324 -55.57 69.08 32.82
CA VAL B 324 -56.06 70.39 33.24
C VAL B 324 -56.22 70.50 34.76
N GLN B 325 -56.41 71.74 35.28
CA GLN B 325 -56.61 72.00 36.71
C GLN B 325 -57.58 73.15 36.91
N TYR B 326 -58.72 72.86 37.57
CA TYR B 326 -59.78 73.82 37.86
C TYR B 326 -59.31 74.90 38.85
N GLU B 327 -59.77 76.14 38.63
CA GLU B 327 -59.38 77.29 39.46
C GLU B 327 -60.57 77.93 40.19
N GLY B 328 -61.79 77.69 39.71
CA GLY B 328 -63.01 78.22 40.30
C GLY B 328 -63.40 77.61 41.64
N ASP B 329 -64.58 77.98 42.14
CA ASP B 329 -65.12 77.54 43.44
C ASP B 329 -66.16 76.40 43.34
N GLY B 330 -66.36 75.87 42.13
CA GLY B 330 -67.30 74.79 41.85
C GLY B 330 -67.08 73.49 42.62
N SER B 331 -65.84 73.26 43.10
CA SER B 331 -65.41 72.09 43.88
C SER B 331 -65.85 70.77 43.15
N PRO B 332 -66.63 69.78 43.68
CA PRO B 332 -67.00 68.63 42.84
C PRO B 332 -68.00 68.97 41.72
N CYS B 333 -67.51 69.05 40.46
CA CYS B 333 -68.32 69.37 39.27
C CYS B 333 -67.83 68.65 38.01
N LYS B 334 -68.59 68.76 36.91
CA LYS B 334 -68.28 68.16 35.60
C LYS B 334 -67.54 69.16 34.71
N ILE B 335 -66.53 68.71 33.98
CA ILE B 335 -65.73 69.56 33.09
C ILE B 335 -66.45 69.88 31.78
N PRO B 336 -66.68 71.17 31.45
CA PRO B 336 -67.27 71.51 30.15
C PRO B 336 -66.20 71.33 29.04
N PHE B 337 -66.29 70.24 28.28
CA PHE B 337 -65.34 69.91 27.21
C PHE B 337 -66.04 69.65 25.88
N GLU B 338 -65.55 70.27 24.78
CA GLU B 338 -66.11 70.13 23.44
C GLU B 338 -65.09 70.17 22.34
N ILE B 339 -65.40 69.51 21.22
CA ILE B 339 -64.61 69.51 20.00
C ILE B 339 -65.55 69.94 18.88
N THR B 340 -65.44 71.19 18.43
CA THR B 340 -66.30 71.72 17.35
C THR B 340 -65.47 72.17 16.15
N ASP B 341 -66.16 72.60 15.08
CA ASP B 341 -65.54 73.13 13.86
C ASP B 341 -65.12 74.59 14.09
N LEU B 342 -64.45 75.20 13.09
CA LEU B 342 -63.96 76.58 13.18
C LEU B 342 -65.06 77.62 13.42
N GLU B 343 -66.25 77.40 12.85
CA GLU B 343 -67.40 78.28 12.99
C GLU B 343 -68.23 77.93 14.26
N LYS B 344 -67.71 77.03 15.12
CA LYS B 344 -68.33 76.55 16.36
C LYS B 344 -69.77 76.00 16.16
N ARG B 345 -70.15 75.67 14.89
CA ARG B 345 -71.44 75.14 14.43
C ARG B 345 -71.91 73.86 15.16
N HIS B 346 -71.17 72.73 15.02
CA HIS B 346 -71.53 71.44 15.63
C HIS B 346 -70.34 70.65 16.17
N VAL B 347 -70.58 69.81 17.19
CA VAL B 347 -69.57 68.96 17.83
C VAL B 347 -69.13 67.83 16.87
N LEU B 348 -67.82 67.75 16.63
CA LEU B 348 -67.18 66.82 15.70
C LEU B 348 -66.51 65.60 16.33
N GLY B 349 -65.70 65.83 17.35
CA GLY B 349 -64.99 64.74 18.03
C GLY B 349 -65.75 64.13 19.17
N ARG B 350 -65.27 62.93 19.63
CA ARG B 350 -65.82 62.14 20.74
C ARG B 350 -64.82 62.01 21.89
N LEU B 351 -65.34 61.69 23.09
CA LEU B 351 -64.53 61.48 24.28
C LEU B 351 -64.26 60.02 24.54
N ILE B 352 -62.98 59.71 24.74
CA ILE B 352 -62.51 58.38 25.13
C ILE B 352 -62.67 58.39 26.66
N THR B 353 -62.14 59.45 27.34
CA THR B 353 -62.31 59.69 28.78
C THR B 353 -63.74 60.24 28.94
N VAL B 354 -64.71 59.34 29.14
CA VAL B 354 -66.13 59.70 29.27
C VAL B 354 -66.42 60.36 30.63
N ASN B 355 -67.26 61.40 30.60
CA ASN B 355 -67.71 62.16 31.76
C ASN B 355 -66.54 62.69 32.63
N PRO B 356 -65.77 63.67 32.09
CA PRO B 356 -64.69 64.26 32.86
C PRO B 356 -65.27 65.11 33.97
N ILE B 357 -64.89 64.80 35.19
CA ILE B 357 -65.31 65.51 36.40
C ILE B 357 -64.09 66.10 37.12
N VAL B 358 -64.32 66.75 38.27
CA VAL B 358 -63.28 67.36 39.11
C VAL B 358 -63.58 66.92 40.57
N THR B 359 -62.59 66.30 41.25
CA THR B 359 -62.77 65.86 42.63
C THR B 359 -62.34 66.99 43.60
N GLU B 360 -61.13 67.54 43.38
CA GLU B 360 -60.52 68.67 44.12
C GLU B 360 -59.94 69.66 43.10
N LYS B 361 -60.20 70.99 43.27
CA LYS B 361 -59.72 72.01 42.33
C LYS B 361 -58.19 72.02 42.19
N ASP B 362 -57.47 71.77 43.29
CA ASP B 362 -56.01 71.74 43.29
C ASP B 362 -55.43 70.37 42.86
N SER B 363 -56.29 69.51 42.28
CA SER B 363 -55.96 68.19 41.76
C SER B 363 -56.23 68.15 40.23
N PRO B 364 -55.23 67.74 39.41
CA PRO B 364 -55.45 67.75 37.95
C PRO B 364 -56.30 66.60 37.45
N VAL B 365 -56.68 66.69 36.17
CA VAL B 365 -57.47 65.71 35.45
C VAL B 365 -56.94 65.62 34.04
N ASN B 366 -56.61 64.40 33.63
CA ASN B 366 -56.18 64.08 32.27
C ASN B 366 -57.45 63.79 31.45
N ILE B 367 -57.56 64.42 30.28
CA ILE B 367 -58.68 64.24 29.35
C ILE B 367 -58.10 63.68 28.07
N GLU B 368 -58.72 62.61 27.55
CA GLU B 368 -58.39 62.01 26.26
C GLU B 368 -59.63 62.06 25.39
N ALA B 369 -59.43 62.39 24.10
CA ALA B 369 -60.50 62.50 23.12
C ALA B 369 -60.02 62.08 21.76
N GLU B 370 -60.93 61.62 20.91
CA GLU B 370 -60.60 61.25 19.52
C GLU B 370 -61.00 62.41 18.62
N PRO B 371 -60.00 63.12 18.03
CA PRO B 371 -60.32 64.29 17.23
C PRO B 371 -60.66 63.99 15.77
N PRO B 372 -61.32 64.92 15.03
CA PRO B 372 -61.63 64.63 13.61
C PRO B 372 -60.47 65.03 12.70
N PHE B 373 -60.52 64.60 11.44
CA PHE B 373 -59.47 64.97 10.48
C PHE B 373 -59.69 66.40 10.01
N GLY B 374 -58.60 67.15 9.84
CA GLY B 374 -58.66 68.55 9.44
C GLY B 374 -58.62 69.47 10.64
N ASP B 375 -58.88 70.77 10.42
CA ASP B 375 -58.80 71.70 11.54
C ASP B 375 -60.04 71.65 12.42
N SER B 376 -59.81 71.72 13.74
CA SER B 376 -60.83 71.68 14.78
C SER B 376 -60.34 72.42 16.03
N TYR B 377 -61.28 72.79 16.91
CA TYR B 377 -61.03 73.49 18.17
C TYR B 377 -61.31 72.61 19.38
N ILE B 378 -60.69 72.94 20.52
CA ILE B 378 -60.88 72.31 21.83
C ILE B 378 -61.41 73.37 22.77
N ILE B 379 -62.51 73.09 23.47
CA ILE B 379 -63.07 74.05 24.40
C ILE B 379 -63.03 73.46 25.79
N VAL B 380 -62.43 74.19 26.73
CA VAL B 380 -62.35 73.78 28.14
C VAL B 380 -62.89 74.93 28.99
N GLY B 381 -63.92 74.64 29.77
CA GLY B 381 -64.58 75.61 30.63
C GLY B 381 -65.54 76.53 29.90
N VAL B 382 -66.08 77.51 30.63
CA VAL B 382 -67.04 78.49 30.11
C VAL B 382 -66.34 79.79 29.61
N GLU B 383 -67.10 80.69 28.90
CA GLU B 383 -66.66 81.97 28.30
C GLU B 383 -65.67 82.79 29.15
N PRO B 384 -65.88 83.13 30.46
CA PRO B 384 -64.80 83.83 31.19
C PRO B 384 -63.66 82.83 31.52
N GLY B 385 -62.53 83.00 30.85
CA GLY B 385 -61.36 82.14 30.99
C GLY B 385 -61.46 80.85 30.21
N GLN B 386 -62.08 80.91 29.00
CA GLN B 386 -62.24 79.78 28.09
C GLN B 386 -60.92 79.39 27.44
N LEU B 387 -60.73 78.09 27.21
CA LEU B 387 -59.50 77.55 26.63
C LEU B 387 -59.70 77.07 25.18
N LYS B 388 -59.82 78.00 24.23
CA LYS B 388 -59.99 77.68 22.80
C LYS B 388 -58.60 77.39 22.24
N LEU B 389 -58.41 76.20 21.67
CA LEU B 389 -57.13 75.73 21.14
C LEU B 389 -57.36 74.99 19.85
N ASN B 390 -56.57 75.28 18.80
CA ASN B 390 -56.72 74.62 17.50
C ASN B 390 -56.01 73.27 17.45
N TRP B 391 -56.37 72.42 16.48
CA TRP B 391 -55.76 71.13 16.21
C TRP B 391 -56.00 70.70 14.77
N LEU B 392 -54.99 70.05 14.16
CA LEU B 392 -55.03 69.50 12.80
C LEU B 392 -54.54 68.02 12.77
N ARG B 393 -55.46 67.10 12.51
CA ARG B 393 -55.17 65.68 12.37
C ARG B 393 -55.09 65.38 10.83
N PRO B 394 -53.91 64.96 10.29
CA PRO B 394 -53.83 64.73 8.83
C PRO B 394 -54.55 63.47 8.35
N MET C 1 -11.17 9.41 -19.86
CA MET C 1 -12.17 8.41 -19.48
C MET C 1 -11.59 7.00 -19.36
N ARG C 2 -10.34 6.84 -19.82
CA ARG C 2 -9.62 5.56 -19.82
C ARG C 2 -9.24 5.07 -18.42
N CYS C 3 -8.95 6.01 -17.50
CA CYS C 3 -8.49 5.72 -16.13
C CYS C 3 -9.53 4.99 -15.25
N ILE C 4 -10.80 4.94 -15.67
CA ILE C 4 -11.87 4.26 -14.94
C ILE C 4 -11.63 2.78 -15.16
N GLY C 5 -11.15 2.11 -14.12
CA GLY C 5 -10.82 0.69 -14.18
C GLY C 5 -9.43 0.40 -13.66
N ILE C 6 -8.45 1.28 -13.97
CA ILE C 6 -7.07 1.21 -13.50
C ILE C 6 -7.07 1.52 -12.00
N SER C 7 -6.42 0.69 -11.19
CA SER C 7 -6.33 0.90 -9.74
C SER C 7 -5.30 2.00 -9.39
N ASN C 8 -4.18 2.08 -10.15
CA ASN C 8 -3.12 3.06 -9.93
C ASN C 8 -3.49 4.40 -10.62
N ARG C 9 -4.58 5.03 -10.14
CA ARG C 9 -5.08 6.28 -10.69
C ARG C 9 -4.84 7.42 -9.72
N ASP C 10 -4.40 8.57 -10.24
CA ASP C 10 -4.10 9.76 -9.46
C ASP C 10 -5.01 10.90 -9.88
N PHE C 11 -5.51 11.66 -8.91
CA PHE C 11 -6.37 12.80 -9.15
C PHE C 11 -5.62 14.07 -8.82
N VAL C 12 -5.51 14.96 -9.82
CA VAL C 12 -4.79 16.21 -9.67
C VAL C 12 -5.75 17.37 -9.79
N GLU C 13 -5.68 18.30 -8.84
CA GLU C 13 -6.51 19.51 -8.82
C GLU C 13 -5.60 20.74 -8.99
N GLY C 14 -6.05 21.66 -9.86
CA GLY C 14 -5.35 22.90 -10.18
C GLY C 14 -5.47 23.96 -9.10
N VAL C 15 -4.50 24.89 -9.07
CA VAL C 15 -4.27 25.99 -8.13
C VAL C 15 -5.49 27.01 -7.99
N SER C 16 -6.57 26.64 -7.22
CA SER C 16 -7.80 27.43 -6.91
C SER C 16 -8.31 28.30 -8.09
N GLY C 17 -8.62 27.62 -9.20
CA GLY C 17 -8.93 28.22 -10.49
C GLY C 17 -7.60 28.20 -11.22
N GLY C 18 -6.94 27.03 -11.13
CA GLY C 18 -5.61 26.70 -11.63
C GLY C 18 -5.49 26.58 -13.13
N SER C 19 -4.70 27.50 -13.70
CA SER C 19 -4.45 27.64 -15.12
C SER C 19 -3.25 26.80 -15.59
N TRP C 20 -2.65 26.02 -14.66
CA TRP C 20 -1.52 25.10 -14.82
C TRP C 20 -1.42 24.15 -13.61
N VAL C 21 -0.89 22.91 -13.83
CA VAL C 21 -0.74 21.90 -12.76
C VAL C 21 0.38 20.91 -13.03
N ASP C 22 1.10 20.52 -11.97
CA ASP C 22 2.20 19.56 -12.07
C ASP C 22 1.67 18.14 -11.95
N ILE C 23 1.99 17.29 -12.94
CA ILE C 23 1.58 15.89 -12.97
C ILE C 23 2.80 14.97 -13.15
N VAL C 24 2.71 13.76 -12.57
CA VAL C 24 3.76 12.73 -12.64
C VAL C 24 3.22 11.53 -13.42
N LEU C 25 3.68 11.40 -14.67
CA LEU C 25 3.24 10.29 -15.51
C LEU C 25 4.17 9.11 -15.28
N GLU C 26 3.61 7.90 -15.21
CA GLU C 26 4.38 6.68 -15.01
C GLU C 26 3.82 5.57 -15.85
N HIS C 27 4.59 4.51 -16.01
CA HIS C 27 4.06 3.40 -16.78
C HIS C 27 3.01 2.63 -16.02
N GLY C 28 1.88 2.39 -16.67
CA GLY C 28 0.76 1.69 -16.05
C GLY C 28 -0.16 2.59 -15.25
N SER C 29 0.40 3.67 -14.69
CA SER C 29 -0.27 4.69 -13.89
C SER C 29 -1.10 5.62 -14.81
N CYS C 30 -2.23 6.10 -14.27
CA CYS C 30 -3.14 7.01 -14.96
C CYS C 30 -3.32 8.29 -14.13
N VAL C 31 -3.47 9.44 -14.80
CA VAL C 31 -3.64 10.74 -14.14
C VAL C 31 -4.89 11.45 -14.65
N THR C 32 -5.78 11.83 -13.72
CA THR C 32 -7.03 12.55 -14.01
C THR C 32 -6.89 13.97 -13.48
N THR C 33 -6.93 14.96 -14.37
CA THR C 33 -6.76 16.37 -14.02
C THR C 33 -8.07 17.13 -13.99
N MET C 34 -8.30 17.87 -12.90
CA MET C 34 -9.50 18.66 -12.71
C MET C 34 -9.17 20.10 -12.44
N ALA C 35 -9.86 21.01 -13.15
CA ALA C 35 -9.72 22.45 -13.03
C ALA C 35 -11.08 23.08 -13.28
N LYS C 36 -11.44 24.11 -12.49
CA LYS C 36 -12.75 24.76 -12.61
C LYS C 36 -12.96 25.43 -13.96
N ASN C 37 -14.13 25.17 -14.56
CA ASN C 37 -14.58 25.66 -15.88
C ASN C 37 -13.69 25.19 -17.03
N LYS C 38 -12.98 24.08 -16.77
CA LYS C 38 -12.06 23.42 -17.70
C LYS C 38 -12.47 21.95 -17.82
N PRO C 39 -12.37 21.32 -19.02
CA PRO C 39 -12.75 19.91 -19.13
C PRO C 39 -11.77 18.99 -18.42
N THR C 40 -12.29 17.89 -17.83
CA THR C 40 -11.47 16.90 -17.14
C THR C 40 -10.66 16.09 -18.15
N LEU C 41 -9.36 15.91 -17.91
CA LEU C 41 -8.48 15.19 -18.82
C LEU C 41 -7.82 14.00 -18.17
N ASP C 42 -7.57 12.96 -18.98
CA ASP C 42 -6.91 11.73 -18.57
C ASP C 42 -5.60 11.57 -19.35
N PHE C 43 -4.48 11.43 -18.61
CA PHE C 43 -3.13 11.32 -19.17
C PHE C 43 -2.54 9.95 -18.89
N GLU C 44 -1.97 9.29 -19.91
CA GLU C 44 -1.35 7.97 -19.75
C GLU C 44 -0.09 7.88 -20.54
N LEU C 45 1.00 7.35 -19.95
CA LEU C 45 2.26 7.10 -20.66
C LEU C 45 2.18 5.70 -21.27
N ILE C 46 2.18 5.62 -22.60
CA ILE C 46 1.98 4.39 -23.38
C ILE C 46 3.26 3.66 -23.76
N LYS C 47 4.22 4.38 -24.33
CA LYS C 47 5.47 3.85 -24.84
C LYS C 47 6.65 4.77 -24.38
N THR C 48 7.87 4.18 -24.19
CA THR C 48 9.11 4.90 -23.85
C THR C 48 10.19 4.30 -24.74
N GLU C 49 9.92 4.26 -26.07
CA GLU C 49 10.73 3.60 -27.10
C GLU C 49 12.13 4.24 -27.38
N ALA C 50 13.13 3.35 -27.64
CA ALA C 50 14.50 3.65 -28.06
C ALA C 50 14.61 3.30 -29.53
N LYS C 51 14.88 4.33 -30.34
CA LYS C 51 14.94 4.36 -31.79
C LYS C 51 15.95 3.37 -32.40
N GLN C 52 17.09 3.84 -33.00
CA GLN C 52 18.07 2.96 -33.65
C GLN C 52 19.34 2.67 -32.78
N PRO C 53 19.46 1.47 -32.19
CA PRO C 53 20.63 1.19 -31.35
C PRO C 53 21.78 0.53 -32.09
N ALA C 54 22.99 1.08 -31.94
CA ALA C 54 24.17 0.52 -32.59
C ALA C 54 24.83 -0.51 -31.66
N THR C 55 25.31 -1.65 -32.24
CA THR C 55 25.95 -2.76 -31.51
C THR C 55 27.41 -2.46 -31.21
N LEU C 56 27.78 -2.57 -29.93
CA LEU C 56 29.07 -2.33 -29.29
C LEU C 56 29.95 -3.59 -29.36
N ARG C 57 29.40 -4.76 -28.95
CA ARG C 57 30.10 -6.06 -28.91
C ARG C 57 29.11 -7.19 -29.06
N LYS C 58 29.56 -8.28 -29.72
CA LYS C 58 28.83 -9.52 -29.97
C LYS C 58 29.52 -10.62 -29.14
N TYR C 59 28.81 -11.24 -28.19
CA TYR C 59 29.39 -12.32 -27.38
C TYR C 59 28.86 -13.67 -27.83
N CYS C 60 29.71 -14.70 -27.83
CA CYS C 60 29.32 -16.05 -28.22
C CYS C 60 28.87 -16.80 -26.98
N ILE C 61 27.61 -17.24 -26.92
CA ILE C 61 27.08 -17.98 -25.76
C ILE C 61 27.11 -19.51 -26.00
N GLU C 62 26.98 -19.95 -27.27
CA GLU C 62 27.02 -21.37 -27.66
C GLU C 62 27.98 -21.56 -28.81
N ALA C 63 28.92 -22.51 -28.67
CA ALA C 63 29.94 -22.78 -29.67
C ALA C 63 30.10 -24.26 -30.04
N LYS C 64 30.83 -24.55 -31.13
CA LYS C 64 31.09 -25.91 -31.57
C LYS C 64 32.46 -26.02 -32.28
N LEU C 65 33.16 -27.12 -32.03
CA LEU C 65 34.45 -27.37 -32.66
C LEU C 65 34.25 -28.29 -33.83
N THR C 66 34.72 -27.84 -35.01
CA THR C 66 34.54 -28.56 -36.28
C THR C 66 35.88 -28.68 -37.05
N ASN C 67 35.85 -29.24 -38.31
CA ASN C 67 37.01 -29.39 -39.20
C ASN C 67 38.28 -29.85 -38.45
N THR C 68 38.18 -30.92 -37.63
CA THR C 68 39.31 -31.36 -36.81
C THR C 68 40.37 -32.04 -37.66
N THR C 69 41.54 -31.40 -37.72
CA THR C 69 42.72 -31.85 -38.48
C THR C 69 43.85 -32.16 -37.51
N THR C 70 44.80 -33.00 -37.93
CA THR C 70 45.98 -33.34 -37.13
C THR C 70 47.23 -33.69 -37.99
N GLU C 71 48.42 -33.62 -37.40
CA GLU C 71 49.66 -33.99 -38.07
C GLU C 71 50.68 -34.48 -37.05
N SER C 72 51.28 -35.67 -37.29
CA SER C 72 52.27 -36.26 -36.40
C SER C 72 53.57 -36.57 -37.13
N ARG C 73 54.68 -36.62 -36.37
CA ARG C 73 56.01 -36.96 -36.87
C ARG C 73 56.55 -38.09 -36.01
N CYS C 74 57.51 -38.86 -36.58
CA CYS C 74 58.19 -39.94 -35.85
C CYS C 74 59.30 -39.28 -34.98
N PRO C 75 59.89 -39.95 -33.95
CA PRO C 75 60.93 -39.28 -33.16
C PRO C 75 62.14 -38.91 -34.01
N THR C 76 62.75 -37.73 -33.71
CA THR C 76 63.90 -37.13 -34.40
C THR C 76 63.55 -36.83 -35.88
N GLN C 77 62.45 -36.11 -36.07
CA GLN C 77 61.93 -35.73 -37.39
C GLN C 77 61.30 -34.32 -37.31
N GLY C 78 61.54 -33.63 -36.20
CA GLY C 78 61.02 -32.28 -35.98
C GLY C 78 59.58 -32.21 -35.54
N GLU C 79 59.15 -30.96 -35.20
CA GLU C 79 57.83 -30.58 -34.72
C GLU C 79 56.87 -30.42 -35.92
N PRO C 80 55.70 -31.11 -35.89
CA PRO C 80 54.74 -31.01 -37.00
C PRO C 80 54.16 -29.61 -37.23
N SER C 81 53.60 -29.40 -38.44
CA SER C 81 52.99 -28.12 -38.82
C SER C 81 51.77 -28.27 -39.72
N LEU C 82 50.74 -27.45 -39.45
CA LEU C 82 49.48 -27.34 -40.21
C LEU C 82 49.32 -25.90 -40.68
N ASN C 83 48.67 -25.71 -41.84
CA ASN C 83 48.34 -24.40 -42.42
C ASN C 83 47.25 -23.70 -41.61
N GLU C 84 46.62 -24.47 -40.70
CA GLU C 84 45.56 -24.06 -39.79
C GLU C 84 46.14 -23.26 -38.61
N GLU C 85 47.46 -23.40 -38.37
CA GLU C 85 48.18 -22.75 -37.28
C GLU C 85 48.24 -21.25 -37.46
N GLN C 86 48.12 -20.78 -38.71
CA GLN C 86 48.09 -19.38 -39.11
C GLN C 86 46.70 -18.75 -38.94
N ASP C 87 45.61 -19.58 -39.00
CA ASP C 87 44.19 -19.17 -38.95
C ASP C 87 43.58 -18.93 -37.53
N LYS C 88 42.87 -17.77 -37.38
CA LYS C 88 42.20 -17.31 -36.14
C LYS C 88 40.75 -17.82 -35.96
N ARG C 89 40.43 -18.84 -36.77
CA ARG C 89 39.19 -19.57 -36.75
C ARG C 89 39.49 -20.87 -36.01
N PHE C 90 40.79 -21.30 -36.03
CA PHE C 90 41.30 -22.56 -35.48
C PHE C 90 41.97 -22.45 -34.10
N ILE C 91 41.89 -23.52 -33.31
CA ILE C 91 42.48 -23.63 -31.96
C ILE C 91 43.38 -24.89 -31.95
N CYS C 92 44.72 -24.67 -32.00
CA CYS C 92 45.73 -25.73 -32.11
C CYS C 92 46.50 -26.02 -30.84
N LYS C 93 46.81 -27.31 -30.62
CA LYS C 93 47.63 -27.74 -29.50
C LYS C 93 48.68 -28.78 -29.90
N HIS C 94 49.95 -28.49 -29.56
CA HIS C 94 51.09 -29.37 -29.80
C HIS C 94 51.27 -30.29 -28.59
N SER C 95 51.84 -31.49 -28.81
CA SER C 95 52.12 -32.46 -27.75
C SER C 95 53.17 -33.50 -28.18
N MET C 96 53.60 -34.33 -27.22
CA MET C 96 54.54 -35.43 -27.43
C MET C 96 53.83 -36.75 -27.13
N VAL C 97 54.04 -37.76 -27.98
CA VAL C 97 53.43 -39.07 -27.80
C VAL C 97 54.46 -40.18 -27.99
N ASP C 98 54.29 -41.31 -27.28
CA ASP C 98 55.19 -42.45 -27.39
C ASP C 98 55.08 -43.04 -28.79
N ARG C 99 56.23 -43.20 -29.47
CA ARG C 99 56.29 -43.78 -30.81
C ARG C 99 57.25 -44.95 -30.86
N GLY C 100 57.01 -45.84 -31.81
CA GLY C 100 57.81 -47.03 -32.02
C GLY C 100 57.29 -47.90 -33.13
N TRP C 101 57.86 -49.13 -33.24
CA TRP C 101 57.51 -50.15 -34.22
C TRP C 101 56.01 -50.42 -34.24
N GLY C 102 55.39 -50.39 -33.06
CA GLY C 102 53.97 -50.61 -32.84
C GLY C 102 53.04 -49.64 -33.51
N ASN C 103 53.45 -48.37 -33.64
CA ASN C 103 52.64 -47.35 -34.30
C ASN C 103 53.34 -46.75 -35.55
N GLY C 104 53.97 -47.64 -36.32
CA GLY C 104 54.63 -47.34 -37.59
C GLY C 104 55.86 -46.47 -37.58
N CYS C 105 56.62 -46.43 -36.46
CA CYS C 105 57.86 -45.66 -36.39
C CYS C 105 59.10 -46.55 -36.34
N GLY C 106 60.11 -46.16 -37.09
CA GLY C 106 61.36 -46.89 -37.17
C GLY C 106 62.17 -46.85 -35.89
N LEU C 107 62.06 -45.73 -35.13
CA LEU C 107 62.77 -45.51 -33.87
C LEU C 107 61.81 -45.35 -32.71
N PHE C 108 62.27 -45.69 -31.50
CA PHE C 108 61.50 -45.56 -30.27
C PHE C 108 61.85 -44.26 -29.55
N GLY C 109 60.84 -43.49 -29.20
CA GLY C 109 60.97 -42.22 -28.49
C GLY C 109 59.70 -41.41 -28.53
N LYS C 110 59.77 -40.12 -28.16
CA LYS C 110 58.60 -39.23 -28.17
C LYS C 110 58.47 -38.56 -29.54
N GLY C 111 57.34 -38.76 -30.17
CA GLY C 111 57.01 -38.18 -31.47
C GLY C 111 56.04 -37.03 -31.32
N GLY C 112 56.34 -35.94 -32.00
CA GLY C 112 55.55 -34.72 -31.97
C GLY C 112 54.22 -34.86 -32.68
N ILE C 113 53.16 -34.32 -32.05
CA ILE C 113 51.78 -34.33 -32.55
C ILE C 113 51.14 -32.94 -32.41
N VAL C 114 50.28 -32.53 -33.37
CA VAL C 114 49.58 -31.24 -33.37
C VAL C 114 48.17 -31.41 -33.97
N THR C 115 47.14 -30.87 -33.29
CA THR C 115 45.73 -30.99 -33.68
C THR C 115 45.05 -29.62 -33.66
N CYS C 116 44.29 -29.25 -34.75
CA CYS C 116 43.52 -28.00 -34.86
C CYS C 116 42.05 -28.28 -35.06
N ALA C 117 41.17 -27.47 -34.45
CA ALA C 117 39.72 -27.56 -34.60
C ALA C 117 39.17 -26.15 -34.83
N LYS C 118 38.16 -25.98 -35.71
CA LYS C 118 37.55 -24.68 -36.01
C LYS C 118 36.51 -24.31 -34.99
N PHE C 119 36.60 -23.08 -34.45
CA PHE C 119 35.63 -22.52 -33.51
C PHE C 119 34.45 -22.00 -34.32
N THR C 120 33.24 -22.46 -34.00
CA THR C 120 32.07 -21.99 -34.73
C THR C 120 31.00 -21.54 -33.73
N CYS C 121 30.38 -20.36 -33.96
CA CYS C 121 29.37 -19.87 -33.04
C CYS C 121 27.95 -20.27 -33.44
N LYS C 122 27.27 -21.01 -32.55
CA LYS C 122 25.90 -21.50 -32.71
C LYS C 122 24.87 -20.45 -32.28
N LYS C 123 25.05 -19.86 -31.09
CA LYS C 123 24.15 -18.86 -30.53
C LYS C 123 24.99 -17.73 -29.98
N ASN C 124 24.54 -16.49 -30.19
CA ASN C 124 25.25 -15.30 -29.76
C ASN C 124 24.28 -14.27 -29.17
N MET C 125 24.82 -13.23 -28.55
CA MET C 125 24.04 -12.16 -27.96
C MET C 125 24.81 -10.91 -28.27
N GLU C 126 24.12 -9.74 -28.33
CA GLU C 126 24.82 -8.49 -28.65
C GLU C 126 24.47 -7.38 -27.71
N GLY C 127 25.45 -6.52 -27.47
CA GLY C 127 25.29 -5.36 -26.61
C GLY C 127 25.19 -4.06 -27.38
N LYS C 128 24.03 -3.40 -27.29
CA LYS C 128 23.78 -2.15 -27.98
C LYS C 128 24.00 -0.94 -27.08
N ILE C 129 24.18 0.24 -27.68
CA ILE C 129 24.36 1.50 -26.97
C ILE C 129 23.20 2.46 -27.23
N VAL C 130 22.56 2.89 -26.13
CA VAL C 130 21.43 3.80 -26.09
C VAL C 130 21.92 5.15 -25.58
N GLN C 131 21.56 6.22 -26.28
CA GLN C 131 21.88 7.59 -25.90
C GLN C 131 20.59 8.19 -25.33
N PRO C 132 20.62 9.11 -24.32
CA PRO C 132 19.36 9.70 -23.81
C PRO C 132 18.51 10.35 -24.89
N GLU C 133 19.16 10.86 -25.95
CA GLU C 133 18.55 11.50 -27.12
C GLU C 133 17.72 10.51 -27.99
N ASN C 134 18.02 9.20 -27.91
CA ASN C 134 17.34 8.14 -28.67
C ASN C 134 15.91 7.86 -28.14
N LEU C 135 15.57 8.23 -26.87
CA LEU C 135 14.27 7.94 -26.24
C LEU C 135 13.07 8.80 -26.69
N GLU C 136 11.91 8.16 -26.88
CA GLU C 136 10.67 8.75 -27.38
C GLU C 136 9.41 8.34 -26.56
N TYR C 137 9.14 9.11 -25.50
CA TYR C 137 7.98 8.94 -24.62
C TYR C 137 6.74 9.22 -25.44
N THR C 138 5.69 8.40 -25.30
CA THR C 138 4.40 8.52 -26.03
C THR C 138 3.25 8.66 -25.01
N ILE C 139 2.67 9.85 -24.92
CA ILE C 139 1.59 10.15 -23.98
C ILE C 139 0.25 10.19 -24.69
N VAL C 140 -0.80 9.69 -24.02
CA VAL C 140 -2.16 9.75 -24.56
C VAL C 140 -3.02 10.68 -23.69
N ILE C 141 -3.57 11.75 -24.32
CA ILE C 141 -4.46 12.72 -23.66
C ILE C 141 -5.89 12.55 -24.17
N THR C 142 -6.77 12.16 -23.28
CA THR C 142 -8.17 11.87 -23.56
C THR C 142 -9.07 12.76 -22.70
N PRO C 143 -10.06 13.46 -23.28
CA PRO C 143 -10.94 14.27 -22.43
C PRO C 143 -12.08 13.41 -21.87
N HIS C 144 -12.34 13.55 -20.55
CA HIS C 144 -13.40 12.89 -19.78
C HIS C 144 -14.73 13.53 -20.21
N SER C 145 -15.37 12.90 -21.21
CA SER C 145 -16.62 13.38 -21.81
C SER C 145 -17.78 12.39 -21.64
N GLY C 146 -17.47 11.09 -21.66
CA GLY C 146 -18.48 10.05 -21.54
C GLY C 146 -19.04 9.60 -22.88
N GLU C 147 -18.25 9.79 -23.97
CA GLU C 147 -18.62 9.40 -25.32
C GLU C 147 -18.13 7.97 -25.63
N GLY C 159 -9.04 11.47 -28.81
CA GLY C 159 -7.90 11.44 -27.89
C GLY C 159 -6.57 11.49 -28.60
N LYS C 160 -5.87 12.64 -28.52
CA LYS C 160 -4.59 12.88 -29.17
C LYS C 160 -3.42 12.09 -28.54
N GLU C 161 -2.50 11.62 -29.41
CA GLU C 161 -1.30 10.88 -29.03
C GLU C 161 -0.09 11.83 -29.19
N ILE C 162 0.49 12.32 -28.08
CA ILE C 162 1.59 13.31 -28.14
C ILE C 162 2.96 12.72 -27.76
N LYS C 163 3.94 12.83 -28.66
CA LYS C 163 5.28 12.30 -28.46
C LYS C 163 6.20 13.37 -27.88
N ILE C 164 7.08 12.96 -26.94
CA ILE C 164 8.06 13.81 -26.27
C ILE C 164 9.44 13.11 -26.19
N THR C 165 10.49 13.78 -26.68
CA THR C 165 11.90 13.36 -26.60
C THR C 165 12.61 14.34 -25.65
N PRO C 166 13.81 14.06 -25.10
CA PRO C 166 14.46 15.06 -24.22
C PRO C 166 14.85 16.38 -24.88
N GLN C 167 14.67 16.48 -26.21
CA GLN C 167 14.94 17.66 -27.03
C GLN C 167 13.61 18.33 -27.39
N SER C 168 12.53 17.53 -27.52
CA SER C 168 11.18 18.01 -27.79
C SER C 168 10.69 18.72 -26.51
N SER C 169 10.44 17.92 -25.42
CA SER C 169 10.01 18.30 -24.06
C SER C 169 8.65 19.00 -23.99
N THR C 170 8.43 20.02 -24.82
CA THR C 170 7.24 20.89 -24.89
C THR C 170 6.39 20.66 -26.14
N THR C 171 5.05 20.74 -26.00
CA THR C 171 4.08 20.56 -27.11
C THR C 171 2.75 21.28 -26.85
N GLU C 172 2.12 21.79 -27.92
CA GLU C 172 0.81 22.44 -27.87
C GLU C 172 -0.21 21.39 -28.35
N ALA C 173 -0.60 20.47 -27.46
CA ALA C 173 -1.58 19.43 -27.79
C ALA C 173 -2.98 20.03 -28.05
N GLU C 174 -3.46 19.96 -29.32
CA GLU C 174 -4.78 20.48 -29.67
C GLU C 174 -5.82 19.36 -29.60
N LEU C 175 -6.79 19.50 -28.71
CA LEU C 175 -7.86 18.53 -28.54
C LEU C 175 -9.13 19.06 -29.21
N THR C 176 -9.63 18.31 -30.21
CA THR C 176 -10.79 18.66 -31.03
C THR C 176 -12.05 18.97 -30.20
N GLY C 177 -12.54 20.19 -30.35
CA GLY C 177 -13.73 20.69 -29.67
C GLY C 177 -13.51 21.16 -28.25
N TYR C 178 -12.25 21.27 -27.80
CA TYR C 178 -11.90 21.71 -26.44
C TYR C 178 -10.90 22.87 -26.42
N GLY C 179 -9.94 22.86 -27.34
CA GLY C 179 -8.92 23.89 -27.45
C GLY C 179 -7.53 23.34 -27.52
N THR C 180 -6.62 23.95 -26.73
CA THR C 180 -5.21 23.56 -26.68
C THR C 180 -4.70 23.46 -25.25
N VAL C 181 -4.24 22.26 -24.88
CA VAL C 181 -3.59 22.02 -23.60
C VAL C 181 -2.08 21.99 -23.94
N THR C 182 -1.20 22.65 -23.17
CA THR C 182 0.21 22.63 -23.56
C THR C 182 1.10 22.02 -22.46
N MET C 183 1.96 21.05 -22.87
CA MET C 183 2.89 20.30 -22.01
C MET C 183 4.30 20.90 -21.93
N GLU C 184 4.94 20.72 -20.76
CA GLU C 184 6.30 21.15 -20.41
C GLU C 184 6.81 20.01 -19.53
N CYS C 185 7.37 19.01 -20.18
CA CYS C 185 7.82 17.81 -19.52
C CYS C 185 9.32 17.72 -19.37
N SER C 186 9.77 17.46 -18.14
CA SER C 186 11.17 17.31 -17.78
C SER C 186 11.44 15.81 -17.86
N PRO C 187 11.94 15.26 -19.00
CA PRO C 187 12.19 13.82 -19.05
C PRO C 187 13.29 13.47 -18.07
N ARG C 188 12.96 12.62 -17.10
CA ARG C 188 13.85 12.17 -16.03
C ARG C 188 14.19 10.66 -16.23
N THR C 189 15.31 10.40 -16.95
CA THR C 189 15.80 9.04 -17.25
C THR C 189 16.06 8.21 -15.99
N GLY C 190 16.61 8.86 -14.96
CA GLY C 190 16.98 8.24 -13.69
C GLY C 190 18.24 7.41 -13.81
N LEU C 191 18.56 6.98 -15.05
CA LEU C 191 19.70 6.14 -15.47
C LEU C 191 20.70 6.91 -16.34
N ASP C 192 22.01 6.63 -16.13
CA ASP C 192 23.09 7.24 -16.92
C ASP C 192 23.40 6.31 -18.08
N PHE C 193 22.83 6.63 -19.26
CA PHE C 193 22.94 5.85 -20.48
C PHE C 193 24.37 5.83 -21.11
N ASN C 194 25.37 6.36 -20.38
CA ASN C 194 26.78 6.32 -20.77
C ASN C 194 27.42 5.11 -20.06
N GLU C 195 27.05 4.91 -18.77
CA GLU C 195 27.48 3.81 -17.88
C GLU C 195 26.64 2.56 -18.15
N MET C 196 25.63 2.67 -19.04
CA MET C 196 24.72 1.58 -19.35
C MET C 196 24.90 0.99 -20.75
N VAL C 197 24.85 -0.33 -20.82
CA VAL C 197 24.89 -1.14 -22.04
C VAL C 197 23.58 -1.88 -22.01
N LEU C 198 23.03 -2.08 -23.18
CA LEU C 198 21.77 -2.76 -23.38
C LEU C 198 22.08 -4.15 -23.99
N LEU C 199 21.75 -5.22 -23.26
CA LEU C 199 22.03 -6.60 -23.65
C LEU C 199 20.82 -7.31 -24.27
N GLN C 200 20.91 -7.60 -25.57
CA GLN C 200 19.86 -8.21 -26.39
C GLN C 200 20.11 -9.68 -26.58
N MET C 201 19.40 -10.52 -25.80
CA MET C 201 19.47 -11.98 -25.84
C MET C 201 18.21 -12.59 -26.51
N GLU C 202 18.35 -13.01 -27.79
CA GLU C 202 17.28 -13.59 -28.63
C GLU C 202 16.06 -12.66 -28.66
N ASP C 203 15.07 -12.94 -27.78
CA ASP C 203 13.81 -12.22 -27.60
C ASP C 203 13.94 -11.17 -26.51
N LYS C 204 14.29 -11.59 -25.27
CA LYS C 204 14.44 -10.70 -24.11
C LYS C 204 15.64 -9.75 -24.21
N ALA C 205 15.64 -8.68 -23.39
CA ALA C 205 16.69 -7.67 -23.33
C ALA C 205 16.82 -7.11 -21.91
N TRP C 206 18.03 -6.64 -21.53
CA TRP C 206 18.32 -6.06 -20.21
C TRP C 206 19.21 -4.82 -20.28
N LEU C 207 19.14 -3.97 -19.25
CA LEU C 207 20.00 -2.81 -19.15
C LEU C 207 20.97 -3.03 -18.02
N VAL C 208 22.24 -3.26 -18.39
CA VAL C 208 23.35 -3.56 -17.47
C VAL C 208 24.45 -2.50 -17.50
N HIS C 209 25.35 -2.54 -16.51
CA HIS C 209 26.47 -1.61 -16.45
C HIS C 209 27.50 -1.90 -17.55
N ARG C 210 28.20 -0.85 -18.01
CA ARG C 210 29.19 -0.93 -19.08
C ARG C 210 30.33 -1.87 -18.77
N GLN C 211 31.08 -1.61 -17.66
CA GLN C 211 32.22 -2.43 -17.24
C GLN C 211 31.85 -3.90 -17.07
N TRP C 212 30.68 -4.18 -16.46
CA TRP C 212 30.19 -5.54 -16.25
C TRP C 212 30.10 -6.30 -17.59
N PHE C 213 29.49 -5.68 -18.61
CA PHE C 213 29.31 -6.22 -19.96
C PHE C 213 30.66 -6.48 -20.63
N LEU C 214 31.57 -5.51 -20.60
CA LEU C 214 32.91 -5.62 -21.22
C LEU C 214 33.80 -6.64 -20.49
N ASP C 215 33.52 -6.91 -19.21
CA ASP C 215 34.28 -7.85 -18.39
C ASP C 215 33.76 -9.31 -18.44
N LEU C 216 32.72 -9.59 -19.26
CA LEU C 216 32.13 -10.94 -19.34
C LEU C 216 33.12 -11.97 -19.90
N PRO C 217 33.23 -13.16 -19.25
CA PRO C 217 34.19 -14.17 -19.73
C PRO C 217 33.59 -15.04 -20.82
N LEU C 218 33.47 -14.48 -22.04
CA LEU C 218 32.91 -15.16 -23.21
C LEU C 218 33.65 -14.71 -24.47
N PRO C 219 33.67 -15.53 -25.56
CA PRO C 219 34.36 -15.11 -26.79
C PRO C 219 33.61 -13.96 -27.44
N TRP C 220 34.32 -12.96 -27.96
CA TRP C 220 33.63 -11.80 -28.52
C TRP C 220 34.19 -11.28 -29.84
N LEU C 221 33.35 -10.51 -30.53
CA LEU C 221 33.63 -9.81 -31.79
C LEU C 221 33.26 -8.34 -31.62
N PRO C 222 34.02 -7.39 -32.22
CA PRO C 222 33.63 -5.97 -32.13
C PRO C 222 32.29 -5.75 -32.84
N GLY C 223 31.50 -4.77 -32.37
CA GLY C 223 30.19 -4.46 -32.95
C GLY C 223 30.25 -4.22 -34.44
N ALA C 224 31.36 -3.59 -34.88
CA ALA C 224 31.71 -3.24 -36.25
C ALA C 224 31.90 -4.47 -37.17
N ASP C 225 32.24 -5.64 -36.58
CA ASP C 225 32.47 -6.88 -37.32
C ASP C 225 31.20 -7.46 -37.96
N THR C 226 31.32 -7.75 -39.28
CA THR C 226 30.27 -8.33 -40.14
C THR C 226 30.60 -9.79 -40.47
N GLN C 227 31.90 -10.10 -40.77
CA GLN C 227 32.44 -11.42 -41.12
C GLN C 227 31.96 -12.56 -40.19
N GLY C 228 31.93 -12.29 -38.88
CA GLY C 228 31.48 -13.21 -37.84
C GLY C 228 32.28 -14.48 -37.73
N SER C 229 33.63 -14.38 -37.76
CA SER C 229 34.48 -15.58 -37.69
C SER C 229 35.63 -15.51 -36.69
N ASN C 230 36.45 -14.43 -36.72
CA ASN C 230 37.65 -14.28 -35.87
C ASN C 230 37.28 -13.83 -34.45
N TRP C 231 36.72 -14.77 -33.68
CA TRP C 231 36.29 -14.55 -32.31
C TRP C 231 37.47 -14.39 -31.37
N ILE C 232 37.49 -13.29 -30.59
CA ILE C 232 38.52 -13.04 -29.58
C ILE C 232 38.17 -13.91 -28.36
N GLN C 233 39.15 -14.28 -27.52
CA GLN C 233 38.96 -15.05 -26.28
C GLN C 233 38.27 -16.42 -26.43
N LYS C 234 38.42 -17.16 -27.56
CA LYS C 234 37.78 -18.48 -27.75
C LYS C 234 38.05 -19.41 -26.57
N GLU C 235 39.22 -19.24 -25.93
CA GLU C 235 39.72 -19.97 -24.76
C GLU C 235 38.78 -19.96 -23.55
N THR C 236 37.79 -19.02 -23.49
CA THR C 236 36.81 -18.98 -22.40
C THR C 236 35.87 -20.18 -22.51
N LEU C 237 35.32 -20.42 -23.72
CA LEU C 237 34.44 -21.57 -23.98
C LEU C 237 35.19 -22.89 -24.22
N VAL C 238 36.50 -22.83 -24.44
CA VAL C 238 37.20 -24.09 -24.63
C VAL C 238 37.88 -24.55 -23.30
N THR C 239 37.76 -25.86 -22.99
CA THR C 239 38.32 -26.56 -21.82
C THR C 239 39.26 -27.70 -22.31
N PHE C 240 39.22 -28.91 -21.68
CA PHE C 240 40.12 -30.04 -22.00
C PHE C 240 39.53 -31.44 -21.71
N LYS C 241 40.33 -32.51 -22.00
CA LYS C 241 40.02 -33.93 -21.75
C LYS C 241 41.24 -34.70 -21.19
N LYS C 247 47.35 -38.05 -27.54
CA LYS C 247 47.26 -37.09 -26.44
C LYS C 247 46.78 -35.73 -26.97
N GLN C 248 45.98 -35.05 -26.12
CA GLN C 248 45.39 -33.70 -26.20
C GLN C 248 44.21 -33.55 -27.18
N ASP C 249 43.05 -33.30 -26.56
CA ASP C 249 41.74 -33.06 -27.16
C ASP C 249 41.15 -31.83 -26.43
N VAL C 250 40.87 -30.75 -27.16
CA VAL C 250 40.25 -29.59 -26.52
C VAL C 250 38.74 -29.69 -26.73
N VAL C 251 37.94 -29.33 -25.71
CA VAL C 251 36.47 -29.46 -25.80
C VAL C 251 35.72 -28.14 -25.42
N VAL C 252 34.43 -28.02 -25.79
CA VAL C 252 33.56 -26.86 -25.58
C VAL C 252 32.86 -26.86 -24.21
N LEU C 253 32.48 -25.68 -23.72
CA LEU C 253 31.85 -25.55 -22.42
C LEU C 253 30.34 -25.53 -22.44
N GLY C 254 29.71 -25.75 -23.61
CA GLY C 254 28.24 -25.78 -23.69
C GLY C 254 27.54 -24.45 -23.54
N SER C 255 26.24 -24.42 -23.87
CA SER C 255 25.41 -23.20 -23.88
C SER C 255 25.42 -22.39 -22.58
N GLN C 256 25.83 -21.13 -22.68
CA GLN C 256 25.89 -20.22 -21.54
C GLN C 256 24.61 -19.35 -21.44
N GLU C 257 23.55 -19.75 -22.17
CA GLU C 257 22.26 -19.05 -22.24
C GLU C 257 21.58 -18.92 -20.88
N GLY C 258 21.37 -20.05 -20.22
CA GLY C 258 20.75 -20.14 -18.90
C GLY C 258 21.62 -19.54 -17.83
N ALA C 259 22.96 -19.73 -17.98
CA ALA C 259 24.00 -19.19 -17.10
C ALA C 259 23.92 -17.68 -17.11
N MET C 260 23.64 -17.10 -18.30
CA MET C 260 23.48 -15.66 -18.52
C MET C 260 22.23 -15.15 -17.85
N HIS C 261 21.08 -15.83 -18.03
CA HIS C 261 19.81 -15.43 -17.43
C HIS C 261 19.94 -15.28 -15.93
N THR C 262 20.63 -16.24 -15.28
CA THR C 262 20.86 -16.22 -13.84
C THR C 262 21.72 -15.02 -13.45
N ALA C 263 22.72 -14.70 -14.29
CA ALA C 263 23.61 -13.54 -14.09
C ALA C 263 22.87 -12.23 -14.16
N LEU C 264 21.77 -12.16 -14.95
CA LEU C 264 20.94 -10.96 -15.17
C LEU C 264 19.63 -11.00 -14.36
N THR C 265 19.72 -11.27 -13.06
CA THR C 265 18.54 -11.34 -12.23
C THR C 265 18.07 -9.92 -11.85
N GLY C 266 18.89 -9.20 -11.09
CA GLY C 266 18.59 -7.84 -10.65
C GLY C 266 18.47 -6.80 -11.76
N ALA C 267 19.02 -7.10 -12.97
CA ALA C 267 19.00 -6.24 -14.15
C ALA C 267 17.60 -5.84 -14.59
N THR C 268 17.48 -4.62 -15.09
CA THR C 268 16.25 -4.03 -15.57
C THR C 268 15.92 -4.66 -16.93
N GLU C 269 14.81 -5.40 -17.01
CA GLU C 269 14.36 -6.03 -18.25
C GLU C 269 13.82 -4.99 -19.23
N ILE C 270 13.85 -5.30 -20.55
CA ILE C 270 13.35 -4.43 -21.63
C ILE C 270 12.40 -5.22 -22.52
N GLN C 271 11.12 -4.83 -22.53
CA GLN C 271 10.08 -5.48 -23.32
C GLN C 271 10.20 -5.03 -24.78
N MET C 272 11.22 -5.54 -25.50
CA MET C 272 11.41 -5.18 -26.90
C MET C 272 10.51 -5.97 -27.84
N SER C 273 9.91 -5.29 -28.85
CA SER C 273 9.03 -5.92 -29.83
C SER C 273 9.50 -5.71 -31.28
N SER C 274 10.22 -6.73 -31.82
CA SER C 274 10.81 -6.77 -33.17
C SER C 274 11.78 -5.60 -33.43
N GLY C 275 13.02 -5.78 -32.97
CA GLY C 275 14.09 -4.79 -33.14
C GLY C 275 14.05 -3.63 -32.17
N ASN C 276 13.00 -2.78 -32.29
CA ASN C 276 12.77 -1.59 -31.44
C ASN C 276 12.66 -1.97 -29.95
N LEU C 277 13.18 -1.10 -29.05
CA LEU C 277 13.24 -1.30 -27.59
C LEU C 277 12.29 -0.44 -26.80
N LEU C 278 11.49 -1.07 -25.93
CA LEU C 278 10.46 -0.43 -25.13
C LEU C 278 10.75 -0.52 -23.65
N PHE C 279 10.62 0.59 -22.96
CA PHE C 279 11.00 0.74 -21.56
C PHE C 279 9.81 1.13 -20.67
N THR C 280 10.09 1.08 -19.35
CA THR C 280 9.19 1.45 -18.27
C THR C 280 9.61 2.89 -17.90
N GLY C 281 8.85 3.87 -18.40
CA GLY C 281 9.14 5.28 -18.21
C GLY C 281 8.64 5.93 -16.93
N HIS C 282 9.04 7.17 -16.75
CA HIS C 282 8.69 8.08 -15.68
C HIS C 282 9.03 9.43 -16.28
N LEU C 283 8.03 10.30 -16.33
CA LEU C 283 8.15 11.60 -16.96
C LEU C 283 7.33 12.67 -16.22
N LYS C 284 8.02 13.67 -15.68
CA LYS C 284 7.38 14.74 -14.94
C LYS C 284 6.89 15.78 -15.93
N CYS C 285 5.64 16.25 -15.76
CA CYS C 285 4.99 17.25 -16.62
C CYS C 285 4.34 18.36 -15.85
N ARG C 286 4.17 19.47 -16.54
CA ARG C 286 3.43 20.64 -16.09
C ARG C 286 2.65 21.10 -17.30
N LEU C 287 1.31 21.04 -17.21
CA LEU C 287 0.44 21.47 -18.31
C LEU C 287 -0.36 22.73 -18.00
N ARG C 288 -0.58 23.57 -19.05
CA ARG C 288 -1.33 24.80 -18.96
C ARG C 288 -2.72 24.59 -19.56
N MET C 289 -3.74 25.15 -18.89
CA MET C 289 -5.13 25.03 -19.30
C MET C 289 -5.66 26.31 -19.94
N ASP C 290 -4.82 27.39 -20.04
CA ASP C 290 -5.26 28.70 -20.56
C ASP C 290 -6.05 28.60 -21.87
N LYS C 291 -5.54 27.84 -22.83
CA LYS C 291 -6.12 27.66 -24.17
C LYS C 291 -7.21 26.59 -24.23
N LEU C 292 -7.39 25.84 -23.13
CA LEU C 292 -8.39 24.78 -22.99
C LEU C 292 -9.74 25.40 -22.47
N GLN C 293 -10.87 24.95 -23.04
CA GLN C 293 -12.20 25.44 -22.69
C GLN C 293 -13.24 24.30 -22.68
N LEU C 294 -14.40 24.52 -22.05
CA LEU C 294 -15.44 23.50 -21.96
C LEU C 294 -16.40 23.49 -23.13
N LYS C 295 -16.53 22.31 -23.76
CA LYS C 295 -17.39 22.05 -24.92
C LYS C 295 -18.88 22.17 -24.57
N GLY C 296 -19.65 22.62 -25.56
CA GLY C 296 -21.09 22.74 -25.48
C GLY C 296 -21.65 23.70 -24.46
N MET C 297 -21.03 24.88 -24.31
CA MET C 297 -21.51 25.88 -23.36
C MET C 297 -22.70 26.68 -23.89
N SER C 298 -22.85 26.75 -25.23
CA SER C 298 -23.95 27.44 -25.91
C SER C 298 -25.11 26.46 -26.23
N TYR C 299 -25.31 25.46 -25.35
CA TYR C 299 -26.32 24.41 -25.51
C TYR C 299 -27.44 24.57 -24.48
N SER C 300 -28.60 23.94 -24.74
CA SER C 300 -29.76 23.92 -23.85
C SER C 300 -29.59 22.85 -22.74
N MET C 301 -30.54 22.65 -21.86
CA MET C 301 -30.30 21.67 -20.83
C MET C 301 -31.39 20.59 -20.76
N CYS C 302 -31.37 19.71 -21.79
CA CYS C 302 -32.23 18.53 -22.05
C CYS C 302 -33.51 18.50 -21.22
N THR C 303 -34.59 19.10 -21.76
CA THR C 303 -35.92 19.17 -21.14
C THR C 303 -36.67 17.81 -21.08
N GLY C 304 -36.05 16.76 -21.61
CA GLY C 304 -36.65 15.43 -21.61
C GLY C 304 -36.25 14.58 -20.44
N LYS C 305 -36.54 13.27 -20.55
CA LYS C 305 -36.27 12.25 -19.55
C LYS C 305 -35.13 11.30 -19.96
N PHE C 306 -34.40 10.78 -18.96
CA PHE C 306 -33.24 9.90 -19.15
C PHE C 306 -33.53 8.47 -18.70
N LYS C 307 -32.87 7.46 -19.31
CA LYS C 307 -33.04 6.05 -18.97
C LYS C 307 -31.71 5.44 -18.50
N ILE C 308 -31.71 4.60 -17.44
CA ILE C 308 -30.48 3.95 -16.97
C ILE C 308 -30.21 2.70 -17.80
N VAL C 309 -29.12 2.73 -18.55
CA VAL C 309 -28.66 1.68 -19.45
C VAL C 309 -27.94 0.61 -18.61
N LYS C 310 -27.11 1.05 -17.64
CA LYS C 310 -26.32 0.22 -16.73
C LYS C 310 -26.35 0.82 -15.32
N GLU C 311 -26.72 -0.01 -14.33
CA GLU C 311 -26.80 0.35 -12.91
C GLU C 311 -25.49 0.96 -12.37
N ILE C 312 -25.63 1.89 -11.39
CA ILE C 312 -24.51 2.59 -10.73
C ILE C 312 -23.55 1.59 -10.11
N ALA C 313 -22.23 1.77 -10.44
CA ALA C 313 -21.10 0.97 -10.00
C ALA C 313 -19.99 1.84 -9.39
N GLU C 314 -19.54 1.51 -8.16
CA GLU C 314 -18.47 2.22 -7.47
C GLU C 314 -17.14 1.68 -8.02
N THR C 315 -16.23 2.61 -8.34
CA THR C 315 -14.92 2.23 -8.86
C THR C 315 -13.96 1.87 -7.72
N GLN C 316 -12.69 1.52 -8.07
CA GLN C 316 -11.64 1.16 -7.11
C GLN C 316 -11.33 2.33 -6.18
N HIS C 317 -11.81 3.52 -6.54
CA HIS C 317 -11.71 4.78 -5.82
C HIS C 317 -13.14 5.19 -5.55
N GLY C 318 -13.35 5.99 -4.52
CA GLY C 318 -14.66 6.45 -4.07
C GLY C 318 -15.74 6.69 -5.12
N THR C 319 -15.33 7.33 -6.24
CA THR C 319 -16.14 7.74 -7.40
C THR C 319 -17.10 6.66 -7.90
N ILE C 320 -18.25 7.08 -8.46
CA ILE C 320 -19.25 6.18 -9.01
C ILE C 320 -19.48 6.47 -10.48
N VAL C 321 -19.94 5.46 -11.23
CA VAL C 321 -20.21 5.59 -12.66
C VAL C 321 -21.65 5.17 -12.95
N ILE C 322 -22.30 5.82 -13.93
CA ILE C 322 -23.70 5.59 -14.30
C ILE C 322 -23.92 5.77 -15.81
N ARG C 323 -24.61 4.81 -16.46
CA ARG C 323 -24.86 4.93 -17.88
C ARG C 323 -26.28 5.36 -18.13
N VAL C 324 -26.45 6.61 -18.64
CA VAL C 324 -27.75 7.27 -18.93
C VAL C 324 -28.04 7.38 -20.45
N GLN C 325 -29.31 7.31 -20.87
CA GLN C 325 -29.68 7.44 -22.27
C GLN C 325 -30.80 8.45 -22.43
N TYR C 326 -30.55 9.54 -23.19
CA TYR C 326 -31.52 10.62 -23.42
C TYR C 326 -32.69 10.19 -24.33
N GLU C 327 -33.92 10.56 -23.93
CA GLU C 327 -35.10 10.15 -24.66
C GLU C 327 -35.86 11.30 -25.31
N GLY C 328 -35.60 12.52 -24.84
CA GLY C 328 -36.23 13.75 -25.33
C GLY C 328 -35.88 14.15 -26.75
N ASP C 329 -36.42 15.32 -27.19
CA ASP C 329 -36.24 15.85 -28.54
C ASP C 329 -35.19 16.98 -28.66
N GLY C 330 -34.60 17.37 -27.52
CA GLY C 330 -33.60 18.42 -27.44
C GLY C 330 -32.38 18.27 -28.33
N SER C 331 -32.04 17.00 -28.72
CA SER C 331 -30.89 16.62 -29.57
C SER C 331 -29.58 17.16 -28.90
N PRO C 332 -28.65 18.01 -29.47
CA PRO C 332 -27.49 18.45 -28.67
C PRO C 332 -27.85 19.39 -27.53
N CYS C 333 -27.75 18.86 -26.30
CA CYS C 333 -28.02 19.61 -25.07
C CYS C 333 -27.14 19.11 -23.94
N LYS C 334 -27.16 19.81 -22.80
CA LYS C 334 -26.39 19.48 -21.58
C LYS C 334 -27.26 18.58 -20.70
N ILE C 335 -26.64 17.69 -19.93
CA ILE C 335 -27.35 16.77 -19.03
C ILE C 335 -27.52 17.41 -17.63
N PRO C 336 -28.77 17.70 -17.19
CA PRO C 336 -28.97 18.26 -15.83
C PRO C 336 -28.71 17.17 -14.78
N PHE C 337 -27.68 17.37 -13.93
CA PHE C 337 -27.23 16.39 -12.94
C PHE C 337 -26.90 17.03 -11.59
N GLU C 338 -27.23 16.33 -10.50
CA GLU C 338 -26.91 16.79 -9.14
C GLU C 338 -26.94 15.65 -8.13
N ILE C 339 -26.02 15.70 -7.18
CA ILE C 339 -26.00 14.76 -6.06
C ILE C 339 -26.39 15.62 -4.87
N THR C 340 -27.55 15.33 -4.29
CA THR C 340 -28.10 16.13 -3.18
C THR C 340 -28.44 15.30 -1.95
N ASP C 341 -28.82 15.98 -0.85
CA ASP C 341 -29.24 15.33 0.39
C ASP C 341 -30.65 14.72 0.27
N LEU C 342 -31.19 14.22 1.40
CA LEU C 342 -32.47 13.54 1.52
C LEU C 342 -33.67 14.22 0.84
N GLU C 343 -33.71 15.58 0.79
CA GLU C 343 -34.87 16.29 0.20
C GLU C 343 -34.48 17.40 -0.82
N LYS C 344 -33.48 17.09 -1.70
CA LYS C 344 -32.97 17.94 -2.79
C LYS C 344 -32.38 19.32 -2.34
N ARG C 345 -32.51 19.65 -1.03
CA ARG C 345 -32.07 20.90 -0.37
C ARG C 345 -30.75 21.52 -0.89
N HIS C 346 -29.62 20.81 -0.72
CA HIS C 346 -28.30 21.30 -1.11
C HIS C 346 -27.42 20.26 -1.79
N VAL C 347 -26.63 20.69 -2.78
CA VAL C 347 -25.73 19.84 -3.55
C VAL C 347 -24.55 19.38 -2.70
N LEU C 348 -24.37 18.06 -2.58
CA LEU C 348 -23.33 17.43 -1.78
C LEU C 348 -22.15 16.88 -2.57
N GLY C 349 -22.44 16.11 -3.62
CA GLY C 349 -21.43 15.50 -4.47
C GLY C 349 -20.93 16.40 -5.60
N ARG C 350 -19.76 16.03 -6.18
CA ARG C 350 -19.10 16.72 -7.30
C ARG C 350 -18.98 15.80 -8.52
N LEU C 351 -18.97 16.41 -9.72
CA LEU C 351 -18.84 15.66 -11.00
C LEU C 351 -17.40 15.47 -11.39
N ILE C 352 -17.06 14.27 -11.84
CA ILE C 352 -15.71 13.98 -12.36
C ILE C 352 -15.78 14.29 -13.86
N THR C 353 -16.88 13.87 -14.52
CA THR C 353 -17.12 14.19 -15.92
C THR C 353 -17.84 15.52 -15.79
N VAL C 354 -17.13 16.65 -15.96
CA VAL C 354 -17.79 17.96 -15.81
C VAL C 354 -18.58 18.30 -17.08
N ASN C 355 -19.69 19.08 -16.92
CA ASN C 355 -20.58 19.50 -18.00
C ASN C 355 -20.96 18.35 -18.97
N PRO C 356 -21.68 17.28 -18.50
CA PRO C 356 -22.07 16.18 -19.41
C PRO C 356 -22.92 16.67 -20.56
N ILE C 357 -22.77 16.05 -21.74
CA ILE C 357 -23.51 16.45 -22.93
C ILE C 357 -24.01 15.28 -23.74
N VAL C 358 -25.26 15.37 -24.18
CA VAL C 358 -25.83 14.40 -25.10
C VAL C 358 -25.48 14.94 -26.49
N THR C 359 -24.82 14.12 -27.29
CA THR C 359 -24.46 14.46 -28.66
C THR C 359 -25.59 13.93 -29.59
N GLU C 360 -26.03 12.69 -29.33
CA GLU C 360 -27.09 11.95 -30.04
C GLU C 360 -27.96 11.25 -28.96
N LYS C 361 -29.30 11.32 -29.09
CA LYS C 361 -30.23 10.74 -28.09
C LYS C 361 -30.16 9.20 -28.01
N ASP C 362 -29.97 8.53 -29.16
CA ASP C 362 -29.88 7.08 -29.24
C ASP C 362 -28.46 6.55 -28.92
N SER C 363 -27.60 7.41 -28.35
CA SER C 363 -26.24 7.11 -27.92
C SER C 363 -26.12 7.34 -26.40
N PRO C 364 -25.65 6.33 -25.62
CA PRO C 364 -25.55 6.51 -24.16
C PRO C 364 -24.40 7.40 -23.73
N VAL C 365 -24.46 7.86 -22.48
CA VAL C 365 -23.47 8.75 -21.86
C VAL C 365 -22.99 8.15 -20.55
N ASN C 366 -21.70 8.32 -20.31
CA ASN C 366 -21.06 7.86 -19.09
C ASN C 366 -20.87 9.07 -18.18
N ILE C 367 -21.38 8.97 -16.96
CA ILE C 367 -21.25 10.05 -16.02
C ILE C 367 -20.54 9.55 -14.78
N GLU C 368 -19.39 10.17 -14.45
CA GLU C 368 -18.65 9.82 -13.25
C GLU C 368 -18.79 10.95 -12.27
N ALA C 369 -19.00 10.59 -11.01
CA ALA C 369 -19.14 11.57 -9.95
C ALA C 369 -18.58 11.02 -8.65
N GLU C 370 -18.12 11.92 -7.78
CA GLU C 370 -17.67 11.54 -6.45
C GLU C 370 -18.86 11.79 -5.49
N PRO C 371 -19.50 10.73 -4.97
CA PRO C 371 -20.62 10.97 -4.05
C PRO C 371 -20.13 11.24 -2.61
N PRO C 372 -20.91 11.97 -1.77
CA PRO C 372 -20.46 12.17 -0.38
C PRO C 372 -20.64 10.92 0.48
N PHE C 373 -20.03 10.93 1.68
CA PHE C 373 -20.16 9.86 2.66
C PHE C 373 -21.52 9.87 3.33
N GLY C 374 -22.16 8.71 3.32
CA GLY C 374 -23.48 8.50 3.88
C GLY C 374 -24.52 8.42 2.79
N ASP C 375 -25.76 8.82 3.12
CA ASP C 375 -26.83 8.76 2.14
C ASP C 375 -26.91 10.04 1.31
N SER C 376 -27.01 9.84 0.00
CA SER C 376 -27.11 10.90 -0.99
C SER C 376 -28.16 10.52 -2.04
N TYR C 377 -28.51 11.47 -2.92
CA TYR C 377 -29.49 11.28 -3.97
C TYR C 377 -29.04 11.86 -5.28
N ILE C 378 -28.91 10.99 -6.29
CA ILE C 378 -28.51 11.34 -7.66
C ILE C 378 -29.78 11.81 -8.37
N ILE C 379 -29.67 12.92 -9.14
CA ILE C 379 -30.80 13.49 -9.89
C ILE C 379 -30.41 13.68 -11.34
N VAL C 380 -31.20 13.09 -12.26
CA VAL C 380 -30.91 13.21 -13.69
C VAL C 380 -32.16 13.61 -14.44
N GLY C 381 -32.05 14.72 -15.16
CA GLY C 381 -33.10 15.28 -16.00
C GLY C 381 -33.86 16.40 -15.36
N VAL C 382 -35.10 16.59 -15.81
CA VAL C 382 -36.01 17.62 -15.28
C VAL C 382 -37.29 16.93 -14.79
N GLU C 383 -38.08 17.61 -13.90
CA GLU C 383 -39.28 17.13 -13.18
C GLU C 383 -40.14 16.08 -13.94
N PRO C 384 -40.61 16.26 -15.22
CA PRO C 384 -41.32 15.13 -15.86
C PRO C 384 -40.28 14.05 -16.28
N GLY C 385 -40.35 12.91 -15.60
CA GLY C 385 -39.44 11.79 -15.81
C GLY C 385 -38.09 11.96 -15.15
N GLN C 386 -38.06 12.68 -14.01
CA GLN C 386 -36.80 12.92 -13.28
C GLN C 386 -36.38 11.67 -12.50
N LEU C 387 -35.09 11.40 -12.50
CA LEU C 387 -34.54 10.21 -11.85
C LEU C 387 -34.07 10.55 -10.45
N LYS C 388 -34.60 9.86 -9.47
CA LYS C 388 -34.22 10.07 -8.08
C LYS C 388 -33.70 8.72 -7.60
N LEU C 389 -32.37 8.62 -7.40
CA LEU C 389 -31.71 7.37 -6.99
C LEU C 389 -30.81 7.61 -5.80
N ASN C 390 -30.97 6.82 -4.74
CA ASN C 390 -30.17 6.94 -3.51
C ASN C 390 -28.83 6.26 -3.69
N TRP C 391 -27.83 6.68 -2.90
CA TRP C 391 -26.52 6.06 -2.95
C TRP C 391 -25.85 5.91 -1.58
N LEU C 392 -25.34 4.70 -1.36
CA LEU C 392 -24.64 4.19 -0.19
C LEU C 392 -23.13 4.47 -0.31
N ARG C 393 -22.52 5.06 0.75
CA ARG C 393 -21.08 5.34 0.79
C ARG C 393 -20.59 5.42 2.26
N PRO C 394 -20.08 4.30 2.86
CA PRO C 394 -19.69 4.36 4.27
C PRO C 394 -18.26 4.88 4.51
N MET D 1 56.36 -57.50 -28.58
CA MET D 1 55.71 -56.48 -29.39
C MET D 1 54.86 -55.51 -28.54
N ARG D 2 54.61 -55.87 -27.26
CA ARG D 2 53.84 -55.07 -26.29
C ARG D 2 54.80 -54.57 -25.23
N CYS D 3 54.45 -53.46 -24.53
CA CYS D 3 55.27 -52.75 -23.52
C CYS D 3 56.48 -52.10 -24.23
N ILE D 4 56.98 -52.74 -25.32
CA ILE D 4 58.05 -52.21 -26.17
C ILE D 4 57.40 -51.06 -26.95
N GLY D 5 57.69 -49.84 -26.53
CA GLY D 5 57.08 -48.65 -27.11
C GLY D 5 56.53 -47.70 -26.05
N ILE D 6 55.91 -48.26 -24.99
CA ILE D 6 55.39 -47.54 -23.83
C ILE D 6 56.59 -47.05 -23.02
N SER D 7 56.62 -45.74 -22.68
CA SER D 7 57.71 -45.16 -21.88
C SER D 7 57.56 -45.53 -20.40
N ASN D 8 56.31 -45.60 -19.88
CA ASN D 8 56.01 -45.95 -18.48
C ASN D 8 56.02 -47.49 -18.28
N ARG D 9 57.19 -48.11 -18.51
CA ARG D 9 57.37 -49.55 -18.41
C ARG D 9 58.20 -49.89 -17.18
N ASP D 10 57.78 -50.92 -16.45
CA ASP D 10 58.44 -51.39 -15.24
C ASP D 10 58.93 -52.79 -15.42
N PHE D 11 60.13 -53.07 -14.91
CA PHE D 11 60.73 -54.40 -14.99
C PHE D 11 60.77 -54.99 -13.60
N VAL D 12 60.14 -56.16 -13.45
CA VAL D 12 60.06 -56.84 -12.18
C VAL D 12 60.83 -58.15 -12.25
N GLU D 13 61.70 -58.38 -11.27
CA GLU D 13 62.48 -59.60 -11.15
C GLU D 13 62.04 -60.36 -9.90
N GLY D 14 61.87 -61.67 -10.05
CA GLY D 14 61.44 -62.55 -8.98
C GLY D 14 62.59 -63.04 -8.12
N VAL D 15 62.27 -63.77 -7.04
CA VAL D 15 63.30 -64.34 -6.15
C VAL D 15 63.88 -65.64 -6.80
N SER D 16 64.66 -65.42 -7.90
CA SER D 16 65.32 -66.34 -8.84
C SER D 16 64.44 -66.61 -10.07
N TRP D 20 56.83 -66.56 -7.60
CA TRP D 20 55.89 -65.50 -7.26
C TRP D 20 56.56 -64.12 -7.25
N VAL D 21 55.82 -63.03 -7.58
CA VAL D 21 56.36 -61.67 -7.56
C VAL D 21 55.26 -60.62 -7.41
N ASP D 22 55.53 -59.56 -6.65
CA ASP D 22 54.58 -58.48 -6.44
C ASP D 22 54.68 -57.45 -7.55
N ILE D 23 53.54 -57.17 -8.21
CA ILE D 23 53.50 -56.19 -9.30
C ILE D 23 52.44 -55.11 -9.04
N VAL D 24 52.69 -53.88 -9.52
CA VAL D 24 51.80 -52.74 -9.35
C VAL D 24 51.27 -52.33 -10.73
N LEU D 25 49.98 -52.60 -10.96
CA LEU D 25 49.35 -52.30 -12.23
C LEU D 25 48.51 -51.03 -12.19
N GLU D 26 49.01 -49.97 -12.82
CA GLU D 26 48.24 -48.71 -12.94
C GLU D 26 47.87 -48.49 -14.41
N HIS D 27 47.00 -47.55 -14.67
CA HIS D 27 46.49 -47.29 -16.00
C HIS D 27 47.54 -46.65 -16.88
N GLY D 28 47.69 -47.16 -18.11
CA GLY D 28 48.67 -46.66 -19.06
C GLY D 28 50.05 -47.28 -18.89
N SER D 29 50.37 -47.69 -17.65
CA SER D 29 51.61 -48.33 -17.24
C SER D 29 51.64 -49.79 -17.70
N CYS D 30 52.85 -50.28 -18.02
CA CYS D 30 53.13 -51.64 -18.46
C CYS D 30 54.12 -52.30 -17.52
N VAL D 31 53.98 -53.61 -17.27
CA VAL D 31 54.85 -54.36 -16.37
C VAL D 31 55.42 -55.60 -17.09
N THR D 32 56.75 -55.74 -17.09
CA THR D 32 57.46 -56.86 -17.69
C THR D 32 58.07 -57.67 -16.57
N THR D 33 57.64 -58.94 -16.42
CA THR D 33 58.10 -59.84 -15.35
C THR D 33 59.12 -60.84 -15.85
N MET D 34 60.24 -60.94 -15.12
CA MET D 34 61.31 -61.89 -15.44
C MET D 34 61.63 -62.78 -14.25
N ALA D 35 61.72 -64.08 -14.50
CA ALA D 35 62.02 -65.12 -13.52
C ALA D 35 62.83 -66.21 -14.20
N LYS D 36 63.83 -66.76 -13.48
CA LYS D 36 64.72 -67.79 -14.04
C LYS D 36 63.97 -69.04 -14.43
N ASN D 37 64.23 -69.52 -15.66
CA ASN D 37 63.65 -70.73 -16.29
C ASN D 37 62.13 -70.63 -16.46
N LYS D 38 61.64 -69.37 -16.50
CA LYS D 38 60.23 -69.02 -16.67
C LYS D 38 60.09 -68.03 -17.84
N PRO D 39 59.03 -68.15 -18.67
CA PRO D 39 58.88 -67.20 -19.79
C PRO D 39 58.57 -65.78 -19.32
N THR D 40 59.08 -64.77 -20.05
CA THR D 40 58.86 -63.36 -19.73
C THR D 40 57.42 -62.97 -20.07
N LEU D 41 56.75 -62.28 -19.13
CA LEU D 41 55.36 -61.88 -19.32
C LEU D 41 55.16 -60.38 -19.25
N ASP D 42 54.18 -59.86 -20.02
CA ASP D 42 53.75 -58.46 -20.11
C ASP D 42 52.35 -58.32 -19.52
N PHE D 43 52.20 -57.44 -18.53
CA PHE D 43 50.91 -57.20 -17.87
C PHE D 43 50.47 -55.79 -18.14
N GLU D 44 49.25 -55.62 -18.64
CA GLU D 44 48.75 -54.30 -18.95
C GLU D 44 47.31 -54.14 -18.47
N LEU D 45 47.08 -53.19 -17.54
CA LEU D 45 45.74 -52.86 -17.07
C LEU D 45 45.23 -51.92 -18.15
N ILE D 46 44.20 -52.33 -18.90
CA ILE D 46 43.78 -51.56 -20.07
C ILE D 46 42.38 -50.93 -19.94
N LYS D 47 41.55 -51.39 -18.98
CA LYS D 47 40.19 -50.87 -18.85
C LYS D 47 39.60 -51.16 -17.49
N THR D 48 39.30 -50.09 -16.73
CA THR D 48 38.59 -50.18 -15.46
C THR D 48 37.19 -49.76 -15.88
N GLU D 49 36.15 -50.41 -15.37
CA GLU D 49 34.82 -50.13 -15.85
C GLU D 49 33.75 -50.36 -14.81
N ALA D 50 32.83 -49.40 -14.66
CA ALA D 50 31.67 -49.52 -13.78
C ALA D 50 30.56 -49.92 -14.72
N LYS D 51 30.26 -51.24 -14.71
CA LYS D 51 29.28 -51.93 -15.53
C LYS D 51 27.89 -51.19 -15.58
N GLN D 52 26.93 -51.39 -14.63
CA GLN D 52 25.68 -50.62 -14.74
C GLN D 52 25.17 -50.03 -13.42
N PRO D 53 25.39 -48.73 -13.21
CA PRO D 53 24.89 -48.13 -11.96
C PRO D 53 23.43 -47.73 -12.12
N ALA D 54 22.61 -47.98 -11.08
CA ALA D 54 21.20 -47.63 -11.08
C ALA D 54 21.09 -46.14 -10.91
N THR D 55 20.15 -45.48 -11.63
CA THR D 55 19.94 -44.02 -11.58
C THR D 55 19.36 -43.60 -10.24
N LEU D 56 19.94 -42.52 -9.66
CA LEU D 56 19.53 -41.96 -8.38
C LEU D 56 18.48 -40.86 -8.60
N ARG D 57 18.80 -39.88 -9.47
CA ARG D 57 17.98 -38.72 -9.80
C ARG D 57 18.28 -38.21 -11.20
N LYS D 58 17.25 -37.70 -11.89
CA LYS D 58 17.32 -37.13 -13.23
C LYS D 58 17.01 -35.62 -13.07
N TYR D 59 17.95 -34.74 -13.45
CA TYR D 59 17.73 -33.30 -13.36
C TYR D 59 17.48 -32.72 -14.73
N CYS D 60 16.57 -31.74 -14.83
CA CYS D 60 16.25 -31.07 -16.10
C CYS D 60 17.14 -29.85 -16.24
N ILE D 61 17.97 -29.82 -17.28
CA ILE D 61 18.86 -28.68 -17.51
C ILE D 61 18.28 -27.69 -18.56
N GLU D 62 17.47 -28.20 -19.52
CA GLU D 62 16.82 -27.37 -20.55
C GLU D 62 15.33 -27.72 -20.62
N ALA D 63 14.47 -26.69 -20.54
CA ALA D 63 13.03 -26.86 -20.54
C ALA D 63 12.28 -25.94 -21.50
N LYS D 64 10.98 -26.22 -21.74
CA LYS D 64 10.13 -25.42 -22.61
C LYS D 64 8.66 -25.44 -22.16
N LEU D 65 7.96 -24.29 -22.32
CA LEU D 65 6.54 -24.13 -21.97
C LEU D 65 5.64 -24.02 -23.18
N THR D 66 4.55 -24.81 -23.19
CA THR D 66 3.54 -24.93 -24.25
C THR D 66 2.11 -24.96 -23.63
N ASN D 67 1.05 -24.98 -24.46
CA ASN D 67 -0.35 -25.05 -24.03
C ASN D 67 -0.70 -24.01 -22.93
N THR D 68 -0.31 -22.73 -23.13
CA THR D 68 -0.61 -21.69 -22.15
C THR D 68 -2.10 -21.42 -22.09
N THR D 69 -2.71 -21.80 -20.95
CA THR D 69 -4.14 -21.66 -20.63
C THR D 69 -4.31 -20.66 -19.50
N THR D 70 -5.45 -19.96 -19.48
CA THR D 70 -5.73 -18.89 -18.51
C THR D 70 -7.23 -18.74 -18.28
N GLU D 71 -7.72 -18.91 -17.02
CA GLU D 71 -9.12 -18.69 -16.66
C GLU D 71 -9.17 -17.48 -15.71
N SER D 72 -10.26 -16.72 -15.77
CA SER D 72 -10.43 -15.52 -14.95
C SER D 72 -11.88 -15.38 -14.48
N ARG D 73 -12.11 -14.65 -13.38
CA ARG D 73 -13.45 -14.35 -12.84
C ARG D 73 -13.57 -12.89 -12.42
N CYS D 74 -14.77 -12.29 -12.56
CA CYS D 74 -15.05 -10.90 -12.17
C CYS D 74 -14.89 -10.65 -10.66
N PRO D 75 -14.57 -9.43 -10.18
CA PRO D 75 -14.39 -9.26 -8.73
C PRO D 75 -15.59 -9.74 -7.94
N THR D 76 -15.34 -10.34 -6.76
CA THR D 76 -16.31 -10.96 -5.83
C THR D 76 -17.02 -12.12 -6.53
N GLN D 77 -16.22 -12.99 -7.18
CA GLN D 77 -16.64 -14.20 -7.86
C GLN D 77 -15.80 -15.39 -7.39
N GLY D 78 -14.73 -15.09 -6.65
CA GLY D 78 -13.84 -16.11 -6.10
C GLY D 78 -12.71 -16.49 -7.02
N GLU D 79 -11.85 -17.38 -6.57
CA GLU D 79 -10.70 -17.79 -7.39
C GLU D 79 -11.08 -18.82 -8.47
N PRO D 80 -10.64 -18.61 -9.74
CA PRO D 80 -10.99 -19.58 -10.80
C PRO D 80 -10.21 -20.89 -10.66
N SER D 81 -10.53 -21.87 -11.52
CA SER D 81 -9.86 -23.17 -11.53
C SER D 81 -9.66 -23.76 -12.92
N LEU D 82 -8.59 -24.54 -13.09
CA LEU D 82 -8.28 -25.25 -14.33
C LEU D 82 -8.02 -26.73 -14.05
N ASN D 83 -8.40 -27.60 -15.01
CA ASN D 83 -8.16 -29.05 -14.92
C ASN D 83 -6.65 -29.33 -14.99
N GLU D 84 -5.88 -28.32 -15.38
CA GLU D 84 -4.43 -28.33 -15.50
C GLU D 84 -3.80 -28.20 -14.10
N GLU D 85 -4.61 -27.88 -13.06
CA GLU D 85 -4.15 -27.76 -11.68
C GLU D 85 -3.87 -29.12 -11.07
N GLN D 86 -4.80 -30.09 -11.26
CA GLN D 86 -4.64 -31.48 -10.78
C GLN D 86 -3.51 -32.21 -11.53
N ASP D 87 -3.27 -31.86 -12.83
CA ASP D 87 -2.21 -32.41 -13.68
C ASP D 87 -0.86 -31.81 -13.25
N LYS D 88 0.15 -32.68 -13.09
CA LYS D 88 1.47 -32.27 -12.62
C LYS D 88 2.51 -32.05 -13.76
N ARG D 89 2.10 -32.12 -15.05
CA ARG D 89 3.01 -31.79 -16.18
C ARG D 89 2.98 -30.25 -16.34
N PHE D 90 1.93 -29.63 -15.81
CA PHE D 90 1.63 -28.22 -15.84
C PHE D 90 2.11 -27.49 -14.59
N ILE D 91 2.53 -26.23 -14.79
CA ILE D 91 2.97 -25.32 -13.74
C ILE D 91 1.96 -24.19 -13.69
N CYS D 92 1.31 -23.95 -12.53
CA CYS D 92 0.29 -22.93 -12.46
C CYS D 92 0.46 -21.97 -11.32
N LYS D 93 0.01 -20.72 -11.55
CA LYS D 93 0.08 -19.61 -10.61
C LYS D 93 -1.18 -18.75 -10.66
N HIS D 94 -1.72 -18.44 -9.46
CA HIS D 94 -2.91 -17.60 -9.25
C HIS D 94 -2.45 -16.15 -9.10
N SER D 95 -3.28 -15.19 -9.51
CA SER D 95 -2.98 -13.76 -9.42
C SER D 95 -4.24 -12.89 -9.45
N MET D 96 -4.07 -11.58 -9.27
CA MET D 96 -5.14 -10.60 -9.28
C MET D 96 -4.91 -9.61 -10.41
N VAL D 97 -5.97 -9.25 -11.14
CA VAL D 97 -5.91 -8.28 -12.24
C VAL D 97 -7.03 -7.24 -12.14
N ASP D 98 -6.78 -6.00 -12.60
CA ASP D 98 -7.79 -4.93 -12.58
C ASP D 98 -8.96 -5.29 -13.48
N ARG D 99 -10.19 -5.23 -12.95
CA ARG D 99 -11.42 -5.52 -13.70
C ARG D 99 -12.43 -4.39 -13.58
N GLY D 100 -13.30 -4.29 -14.59
CA GLY D 100 -14.36 -3.29 -14.65
C GLY D 100 -15.16 -3.36 -15.92
N TRP D 101 -16.00 -2.33 -16.14
CA TRP D 101 -16.88 -2.16 -17.31
C TRP D 101 -16.11 -2.33 -18.62
N GLY D 102 -14.87 -1.82 -18.64
CA GLY D 102 -13.97 -1.87 -19.78
C GLY D 102 -13.59 -3.24 -20.26
N ASN D 103 -13.46 -4.21 -19.33
CA ASN D 103 -13.09 -5.58 -19.68
C ASN D 103 -14.19 -6.58 -19.31
N GLY D 104 -15.44 -6.19 -19.55
CA GLY D 104 -16.65 -7.00 -19.37
C GLY D 104 -17.05 -7.37 -17.96
N CYS D 105 -16.68 -6.58 -16.95
CA CYS D 105 -17.08 -6.86 -15.57
C CYS D 105 -18.09 -5.84 -15.06
N GLY D 106 -19.09 -6.33 -14.34
CA GLY D 106 -20.15 -5.51 -13.79
C GLY D 106 -19.68 -4.60 -12.67
N LEU D 107 -18.68 -5.06 -11.89
CA LEU D 107 -18.10 -4.33 -10.76
C LEU D 107 -16.64 -4.03 -10.98
N PHE D 108 -16.14 -2.94 -10.35
CA PHE D 108 -14.75 -2.54 -10.41
C PHE D 108 -13.99 -3.06 -9.19
N GLY D 109 -12.86 -3.71 -9.45
CA GLY D 109 -12.00 -4.27 -8.42
C GLY D 109 -11.00 -5.23 -9.01
N LYS D 110 -10.32 -6.01 -8.14
CA LYS D 110 -9.34 -7.00 -8.57
C LYS D 110 -10.03 -8.34 -8.82
N GLY D 111 -9.89 -8.84 -10.05
CA GLY D 111 -10.44 -10.10 -10.51
C GLY D 111 -9.36 -11.17 -10.55
N GLY D 112 -9.66 -12.32 -9.95
CA GLY D 112 -8.75 -13.45 -9.89
C GLY D 112 -8.48 -14.05 -11.25
N ILE D 113 -7.23 -14.47 -11.46
CA ILE D 113 -6.74 -15.08 -12.69
C ILE D 113 -5.80 -16.25 -12.34
N VAL D 114 -5.80 -17.30 -13.16
CA VAL D 114 -4.93 -18.45 -12.97
C VAL D 114 -4.34 -18.86 -14.31
N THR D 115 -3.00 -18.88 -14.41
CA THR D 115 -2.30 -19.22 -15.64
C THR D 115 -1.54 -20.54 -15.53
N CYS D 116 -1.58 -21.32 -16.63
CA CYS D 116 -1.00 -22.64 -16.79
C CYS D 116 -0.22 -22.81 -18.08
N ALA D 117 0.89 -23.52 -18.00
CA ALA D 117 1.71 -23.88 -19.15
C ALA D 117 2.24 -25.26 -18.87
N LYS D 118 2.41 -26.06 -19.92
CA LYS D 118 2.94 -27.42 -19.83
C LYS D 118 4.46 -27.35 -19.90
N PHE D 119 5.12 -27.97 -18.91
CA PHE D 119 6.58 -28.03 -18.80
C PHE D 119 7.07 -29.25 -19.57
N THR D 120 8.01 -29.05 -20.49
CA THR D 120 8.56 -30.11 -21.33
C THR D 120 10.08 -30.10 -21.22
N CYS D 121 10.72 -31.24 -20.88
CA CYS D 121 12.19 -31.26 -20.75
C CYS D 121 12.87 -31.56 -22.07
N LYS D 122 13.70 -30.62 -22.53
CA LYS D 122 14.49 -30.69 -23.78
C LYS D 122 15.81 -31.46 -23.58
N LYS D 123 16.57 -31.11 -22.52
CA LYS D 123 17.85 -31.73 -22.20
C LYS D 123 17.89 -32.01 -20.72
N ASN D 124 18.49 -33.13 -20.35
CA ASN D 124 18.60 -33.51 -18.94
C ASN D 124 19.91 -34.26 -18.62
N MET D 125 20.20 -34.37 -17.32
CA MET D 125 21.37 -35.07 -16.78
C MET D 125 20.98 -36.10 -15.69
N GLU D 126 21.81 -37.12 -15.46
CA GLU D 126 21.50 -38.10 -14.43
C GLU D 126 22.64 -38.41 -13.49
N GLY D 127 22.28 -38.69 -12.25
CA GLY D 127 23.21 -39.09 -11.20
C GLY D 127 23.16 -40.57 -10.98
N LYS D 128 24.27 -41.25 -11.26
CA LYS D 128 24.39 -42.70 -11.13
C LYS D 128 25.15 -43.04 -9.86
N ILE D 129 24.61 -43.99 -9.06
CA ILE D 129 25.23 -44.42 -7.80
C ILE D 129 26.11 -45.68 -8.03
N VAL D 130 27.44 -45.44 -8.18
CA VAL D 130 28.45 -46.49 -8.39
C VAL D 130 28.88 -47.05 -7.05
N GLN D 131 28.82 -48.38 -6.91
CA GLN D 131 29.24 -49.13 -5.73
C GLN D 131 30.64 -49.66 -6.04
N PRO D 132 31.58 -49.79 -5.06
CA PRO D 132 32.91 -50.33 -5.41
C PRO D 132 32.85 -51.72 -6.07
N GLU D 133 31.80 -52.50 -5.73
CA GLU D 133 31.50 -53.83 -6.26
C GLU D 133 31.15 -53.85 -7.77
N ASN D 134 30.68 -52.70 -8.31
CA ASN D 134 30.30 -52.52 -9.72
C ASN D 134 31.52 -52.48 -10.65
N LEU D 135 32.72 -52.21 -10.10
CA LEU D 135 33.92 -52.12 -10.93
C LEU D 135 34.39 -53.47 -11.43
N GLU D 136 34.86 -53.49 -12.68
CA GLU D 136 35.37 -54.68 -13.37
C GLU D 136 36.63 -54.25 -14.11
N TYR D 137 37.76 -54.74 -13.62
CA TYR D 137 39.09 -54.42 -14.11
C TYR D 137 39.51 -55.38 -15.19
N THR D 138 40.11 -54.90 -16.29
CA THR D 138 40.49 -55.80 -17.38
C THR D 138 42.00 -55.75 -17.62
N ILE D 139 42.70 -56.87 -17.31
CA ILE D 139 44.16 -57.01 -17.44
C ILE D 139 44.48 -57.86 -18.65
N VAL D 140 45.56 -57.49 -19.37
CA VAL D 140 46.06 -58.21 -20.55
C VAL D 140 47.42 -58.87 -20.26
N ILE D 141 47.47 -60.22 -20.25
CA ILE D 141 48.71 -60.97 -20.04
C ILE D 141 49.20 -61.49 -21.37
N THR D 142 50.35 -60.96 -21.83
CA THR D 142 50.91 -61.23 -23.16
C THR D 142 52.35 -61.74 -23.08
N PRO D 143 52.59 -63.06 -23.23
CA PRO D 143 53.96 -63.57 -23.15
C PRO D 143 54.90 -63.00 -24.19
N HIS D 144 56.13 -62.71 -23.73
CA HIS D 144 57.23 -62.17 -24.50
C HIS D 144 57.90 -63.34 -25.26
N SER D 145 57.44 -63.57 -26.50
CA SER D 145 57.92 -64.67 -27.35
C SER D 145 58.54 -64.18 -28.67
N GLY D 146 58.01 -63.08 -29.22
CA GLY D 146 58.47 -62.52 -30.48
C GLY D 146 57.73 -63.08 -31.69
N GLU D 147 56.50 -63.58 -31.48
CA GLU D 147 55.65 -64.12 -32.54
C GLU D 147 54.75 -63.02 -33.14
N LYS D 157 50.72 -65.88 -31.16
CA LYS D 157 50.78 -64.69 -30.31
C LYS D 157 49.43 -64.53 -29.57
N HIS D 158 49.11 -65.50 -28.71
CA HIS D 158 47.84 -65.50 -27.97
C HIS D 158 47.98 -64.97 -26.54
N GLY D 159 47.55 -63.71 -26.38
CA GLY D 159 47.52 -62.98 -25.12
C GLY D 159 46.14 -62.98 -24.49
N LYS D 160 46.01 -63.69 -23.34
CA LYS D 160 44.75 -63.82 -22.59
C LYS D 160 44.30 -62.52 -21.90
N GLU D 161 42.98 -62.25 -21.90
CA GLU D 161 42.34 -61.09 -21.30
C GLU D 161 41.60 -61.53 -20.06
N ILE D 162 42.07 -61.13 -18.85
CA ILE D 162 41.38 -61.54 -17.61
C ILE D 162 40.76 -60.35 -16.90
N LYS D 163 39.52 -60.55 -16.40
CA LYS D 163 38.76 -59.52 -15.74
C LYS D 163 38.61 -59.80 -14.25
N ILE D 164 39.05 -58.87 -13.41
CA ILE D 164 38.93 -59.03 -11.97
C ILE D 164 38.00 -57.96 -11.36
N THR D 165 37.52 -58.21 -10.14
CA THR D 165 36.61 -57.32 -9.42
C THR D 165 37.07 -57.27 -7.95
N PRO D 166 36.63 -56.30 -7.09
CA PRO D 166 37.09 -56.31 -5.69
C PRO D 166 36.65 -57.52 -4.87
N GLN D 167 35.81 -58.40 -5.46
CA GLN D 167 35.32 -59.63 -4.85
C GLN D 167 36.07 -60.83 -5.47
N SER D 168 36.46 -60.69 -6.76
CA SER D 168 37.21 -61.72 -7.49
C SER D 168 38.60 -61.85 -6.88
N SER D 169 39.56 -60.96 -7.28
CA SER D 169 40.98 -60.95 -6.87
C SER D 169 41.72 -62.25 -7.30
N THR D 170 41.49 -63.38 -6.61
CA THR D 170 42.11 -64.68 -6.93
C THR D 170 41.67 -65.12 -8.33
N THR D 171 42.65 -65.31 -9.25
CA THR D 171 42.41 -65.64 -10.67
C THR D 171 43.51 -66.52 -11.25
N GLU D 172 43.13 -67.45 -12.15
CA GLU D 172 44.04 -68.38 -12.85
C GLU D 172 43.98 -68.15 -14.37
N ALA D 173 45.06 -67.67 -14.96
CA ALA D 173 45.10 -67.45 -16.40
C ALA D 173 45.97 -68.50 -17.06
N GLU D 174 45.43 -69.20 -18.06
CA GLU D 174 46.14 -70.23 -18.82
C GLU D 174 46.63 -69.65 -20.16
N LEU D 175 47.95 -69.65 -20.33
CA LEU D 175 48.61 -69.16 -21.54
C LEU D 175 49.04 -70.36 -22.38
N THR D 176 48.50 -70.43 -23.60
CA THR D 176 48.70 -71.52 -24.56
C THR D 176 50.18 -71.83 -24.85
N GLY D 177 50.59 -73.06 -24.53
CA GLY D 177 51.95 -73.57 -24.72
C GLY D 177 52.96 -73.15 -23.66
N TYR D 178 52.49 -72.55 -22.56
CA TYR D 178 53.36 -72.09 -21.46
C TYR D 178 52.94 -72.62 -20.09
N GLY D 179 51.64 -72.72 -19.85
CA GLY D 179 51.10 -73.22 -18.59
C GLY D 179 50.03 -72.33 -18.01
N THR D 180 50.10 -72.06 -16.69
CA THR D 180 49.11 -71.19 -16.02
C THR D 180 49.77 -70.26 -15.01
N VAL D 181 49.20 -69.06 -14.83
CA VAL D 181 49.64 -68.08 -13.84
C VAL D 181 48.43 -67.79 -12.92
N THR D 182 48.65 -67.37 -11.67
CA THR D 182 47.53 -67.09 -10.74
C THR D 182 47.71 -65.73 -9.98
N MET D 183 46.88 -64.73 -10.34
CA MET D 183 46.91 -63.37 -9.77
C MET D 183 45.98 -63.21 -8.55
N GLU D 184 46.44 -62.44 -7.54
CA GLU D 184 45.70 -62.13 -6.30
C GLU D 184 45.85 -60.61 -6.10
N CYS D 185 45.16 -59.86 -6.96
CA CYS D 185 45.20 -58.40 -7.07
C CYS D 185 44.41 -57.65 -6.03
N SER D 186 44.95 -56.51 -5.57
CA SER D 186 44.33 -55.67 -4.54
C SER D 186 43.91 -54.30 -5.08
N PRO D 187 42.62 -54.15 -5.53
CA PRO D 187 42.17 -52.86 -6.05
C PRO D 187 42.23 -51.71 -5.06
N ARG D 188 42.59 -50.53 -5.58
CA ARG D 188 42.65 -49.27 -4.85
C ARG D 188 41.92 -48.21 -5.67
N THR D 189 40.84 -47.67 -5.07
CA THR D 189 39.90 -46.67 -5.61
C THR D 189 40.34 -45.25 -5.23
N GLY D 190 40.55 -45.06 -3.92
CA GLY D 190 40.94 -43.78 -3.31
C GLY D 190 39.81 -42.79 -3.12
N LEU D 191 38.55 -43.31 -3.13
CA LEU D 191 37.28 -42.57 -3.02
C LEU D 191 36.20 -43.40 -2.31
N ASP D 192 35.32 -42.73 -1.52
CA ASP D 192 34.20 -43.39 -0.84
C ASP D 192 32.97 -43.27 -1.72
N PHE D 193 32.70 -44.34 -2.48
CA PHE D 193 31.61 -44.43 -3.44
C PHE D 193 30.20 -44.42 -2.82
N ASN D 194 30.10 -44.16 -1.50
CA ASN D 194 28.84 -44.02 -0.78
C ASN D 194 28.51 -42.51 -0.70
N GLU D 195 29.55 -41.68 -0.45
CA GLU D 195 29.48 -40.21 -0.36
C GLU D 195 29.57 -39.60 -1.76
N MET D 196 29.78 -40.44 -2.79
CA MET D 196 29.95 -40.02 -4.17
C MET D 196 28.79 -40.35 -5.10
N VAL D 197 28.59 -39.50 -6.12
CA VAL D 197 27.59 -39.66 -7.18
C VAL D 197 28.29 -39.48 -8.51
N LEU D 198 28.05 -40.39 -9.46
CA LEU D 198 28.63 -40.32 -10.80
C LEU D 198 27.68 -39.58 -11.74
N LEU D 199 27.92 -38.27 -11.96
CA LEU D 199 27.09 -37.37 -12.77
C LEU D 199 27.33 -37.46 -14.31
N GLN D 200 26.25 -37.72 -15.09
CA GLN D 200 26.30 -37.88 -16.54
C GLN D 200 25.67 -36.72 -17.31
N MET D 201 26.36 -36.18 -18.33
CA MET D 201 25.86 -35.09 -19.18
C MET D 201 26.13 -35.36 -20.68
N GLU D 202 25.62 -36.53 -21.16
CA GLU D 202 25.73 -37.12 -22.50
C GLU D 202 27.20 -37.34 -22.92
N ASP D 203 27.90 -36.24 -23.22
CA ASP D 203 29.31 -36.30 -23.60
C ASP D 203 30.16 -36.67 -22.38
N LYS D 204 30.23 -35.77 -21.39
CA LYS D 204 31.09 -35.85 -20.20
C LYS D 204 30.45 -36.51 -18.99
N ALA D 205 31.26 -36.77 -17.95
CA ALA D 205 30.86 -37.29 -16.65
C ALA D 205 31.79 -36.83 -15.54
N TRP D 206 31.26 -36.67 -14.30
CA TRP D 206 32.03 -36.22 -13.14
C TRP D 206 31.66 -36.98 -11.88
N LEU D 207 32.60 -37.04 -10.93
CA LEU D 207 32.35 -37.69 -9.65
C LEU D 207 32.29 -36.60 -8.58
N VAL D 208 31.07 -36.35 -8.08
CA VAL D 208 30.75 -35.31 -7.10
C VAL D 208 30.23 -35.85 -5.78
N HIS D 209 30.17 -35.01 -4.75
CA HIS D 209 29.64 -35.41 -3.45
C HIS D 209 28.12 -35.61 -3.51
N ARG D 210 27.60 -36.51 -2.68
CA ARG D 210 26.18 -36.85 -2.61
C ARG D 210 25.29 -35.65 -2.29
N GLN D 211 25.50 -35.00 -1.12
CA GLN D 211 24.69 -33.84 -0.70
C GLN D 211 24.69 -32.70 -1.72
N TRP D 212 25.85 -32.42 -2.33
CA TRP D 212 25.99 -31.39 -3.37
C TRP D 212 25.00 -31.63 -4.53
N PHE D 213 24.98 -32.88 -5.03
CA PHE D 213 24.11 -33.34 -6.13
C PHE D 213 22.63 -33.21 -5.75
N LEU D 214 22.24 -33.71 -4.57
CA LEU D 214 20.86 -33.66 -4.10
C LEU D 214 20.39 -32.22 -3.80
N ASP D 215 21.32 -31.30 -3.53
CA ASP D 215 21.03 -29.90 -3.23
C ASP D 215 20.98 -28.97 -4.45
N LEU D 216 21.15 -29.51 -5.68
CA LEU D 216 21.13 -28.70 -6.92
C LEU D 216 19.77 -28.05 -7.20
N PRO D 217 19.74 -26.73 -7.53
CA PRO D 217 18.45 -26.07 -7.77
C PRO D 217 17.98 -26.21 -9.21
N LEU D 218 17.48 -27.40 -9.54
CA LEU D 218 16.97 -27.74 -10.86
C LEU D 218 15.75 -28.68 -10.74
N PRO D 219 14.84 -28.73 -11.76
CA PRO D 219 13.68 -29.62 -11.67
C PRO D 219 14.15 -31.06 -11.75
N TRP D 220 13.57 -31.96 -10.93
CA TRP D 220 14.03 -33.34 -10.93
C TRP D 220 12.96 -34.40 -10.91
N LEU D 221 13.36 -35.61 -11.28
CA LEU D 221 12.56 -36.83 -11.28
C LEU D 221 13.34 -37.92 -10.53
N PRO D 222 12.65 -38.81 -9.77
CA PRO D 222 13.37 -39.89 -9.08
C PRO D 222 13.98 -40.83 -10.10
N GLY D 223 15.11 -41.47 -9.75
CA GLY D 223 15.79 -42.41 -10.62
C GLY D 223 14.88 -43.50 -11.15
N ALA D 224 13.94 -43.93 -10.29
CA ALA D 224 12.92 -44.95 -10.54
C ALA D 224 11.93 -44.57 -11.65
N ASP D 225 11.75 -43.25 -11.89
CA ASP D 225 10.81 -42.73 -12.89
C ASP D 225 11.23 -43.02 -14.34
N THR D 226 10.27 -43.60 -15.10
CA THR D 226 10.39 -43.96 -16.52
C THR D 226 9.58 -43.01 -17.40
N GLN D 227 8.34 -42.66 -16.95
CA GLN D 227 7.38 -41.76 -17.61
C GLN D 227 8.01 -40.45 -18.16
N GLY D 228 8.89 -39.84 -17.36
CA GLY D 228 9.61 -38.61 -17.69
C GLY D 228 8.73 -37.40 -17.92
N SER D 229 7.74 -37.17 -17.04
CA SER D 229 6.81 -36.04 -17.20
C SER D 229 6.57 -35.20 -15.93
N ASN D 230 6.25 -35.84 -14.79
CA ASN D 230 5.93 -35.17 -13.52
C ASN D 230 7.18 -34.66 -12.78
N TRP D 231 7.78 -33.60 -13.33
CA TRP D 231 8.99 -32.99 -12.80
C TRP D 231 8.74 -32.24 -11.51
N ILE D 232 9.51 -32.55 -10.45
CA ILE D 232 9.43 -31.86 -9.15
C ILE D 232 10.20 -30.55 -9.31
N GLN D 233 9.90 -29.52 -8.50
CA GLN D 233 10.60 -28.21 -8.49
C GLN D 233 10.64 -27.46 -9.86
N LYS D 234 9.60 -27.54 -10.73
CA LYS D 234 9.52 -26.85 -12.03
C LYS D 234 9.72 -25.32 -11.90
N GLU D 235 9.50 -24.81 -10.68
CA GLU D 235 9.64 -23.42 -10.27
C GLU D 235 11.11 -22.92 -10.28
N THR D 236 12.11 -23.82 -10.33
CA THR D 236 13.53 -23.42 -10.40
C THR D 236 13.80 -22.83 -11.78
N LEU D 237 13.39 -23.53 -12.86
CA LEU D 237 13.56 -23.05 -14.23
C LEU D 237 12.44 -22.07 -14.69
N VAL D 238 11.24 -22.07 -14.01
CA VAL D 238 10.06 -21.25 -14.39
C VAL D 238 9.62 -20.17 -13.33
N THR D 239 9.50 -18.89 -13.77
CA THR D 239 9.07 -17.74 -12.93
C THR D 239 7.83 -17.01 -13.50
N PHE D 240 6.97 -16.47 -12.60
CA PHE D 240 5.73 -15.75 -12.94
C PHE D 240 5.81 -14.25 -12.64
N LYS D 241 5.30 -13.40 -13.56
CA LYS D 241 5.38 -11.93 -13.46
C LYS D 241 4.07 -11.18 -13.78
N ASN D 242 3.59 -10.33 -12.83
CA ASN D 242 2.39 -9.49 -12.97
C ASN D 242 2.70 -8.07 -12.41
N PRO D 243 3.43 -7.23 -13.20
CA PRO D 243 3.85 -5.92 -12.66
C PRO D 243 2.84 -4.77 -12.71
N HIS D 244 1.83 -4.83 -13.59
CA HIS D 244 0.88 -3.73 -13.72
C HIS D 244 -0.58 -4.10 -13.46
N ALA D 245 -0.83 -5.34 -12.93
CA ALA D 245 -2.18 -5.88 -12.65
C ALA D 245 -3.05 -5.96 -13.93
N LYS D 246 -2.38 -6.19 -15.08
CA LYS D 246 -2.96 -6.29 -16.42
C LYS D 246 -2.86 -7.73 -16.92
N LYS D 247 -1.65 -8.30 -16.82
CA LYS D 247 -1.29 -9.62 -17.33
C LYS D 247 -0.34 -10.39 -16.45
N GLN D 248 -0.53 -11.72 -16.43
CA GLN D 248 0.32 -12.68 -15.72
C GLN D 248 1.22 -13.35 -16.79
N ASP D 249 2.54 -13.30 -16.57
CA ASP D 249 3.45 -13.88 -17.56
C ASP D 249 4.38 -14.98 -17.01
N VAL D 250 4.58 -16.01 -17.82
CA VAL D 250 5.36 -17.20 -17.52
C VAL D 250 6.68 -17.13 -18.33
N VAL D 251 7.83 -17.64 -17.78
CA VAL D 251 9.13 -17.53 -18.46
C VAL D 251 10.16 -18.60 -18.01
N VAL D 252 10.68 -19.37 -19.00
CA VAL D 252 11.74 -20.38 -18.78
C VAL D 252 13.10 -19.68 -18.58
N LEU D 253 14.01 -20.33 -17.87
CA LEU D 253 15.31 -19.76 -17.56
C LEU D 253 16.43 -20.17 -18.53
N GLY D 254 16.11 -20.89 -19.62
CA GLY D 254 17.13 -21.28 -20.60
C GLY D 254 18.11 -22.35 -20.15
N SER D 255 18.88 -22.92 -21.10
CA SER D 255 19.82 -24.04 -20.87
C SER D 255 20.82 -23.83 -19.75
N GLN D 256 20.80 -24.72 -18.76
CA GLN D 256 21.71 -24.68 -17.61
C GLN D 256 22.95 -25.56 -17.83
N GLU D 257 23.19 -26.01 -19.09
CA GLU D 257 24.29 -26.88 -19.49
C GLU D 257 25.65 -26.29 -19.17
N GLY D 258 25.91 -25.07 -19.67
CA GLY D 258 27.15 -24.33 -19.48
C GLY D 258 27.31 -23.89 -18.04
N ALA D 259 26.18 -23.52 -17.39
CA ALA D 259 26.09 -23.13 -15.99
C ALA D 259 26.54 -24.30 -15.11
N MET D 260 26.20 -25.56 -15.52
CA MET D 260 26.58 -26.79 -14.84
C MET D 260 28.06 -27.04 -14.99
N HIS D 261 28.61 -26.91 -16.21
CA HIS D 261 30.04 -27.13 -16.47
C HIS D 261 30.90 -26.27 -15.57
N THR D 262 30.49 -24.99 -15.39
CA THR D 262 31.20 -24.06 -14.52
C THR D 262 31.13 -24.52 -13.06
N ALA D 263 29.96 -25.05 -12.65
CA ALA D 263 29.76 -25.57 -11.30
C ALA D 263 30.64 -26.78 -11.01
N LEU D 264 31.00 -27.59 -12.06
CA LEU D 264 31.82 -28.81 -11.98
C LEU D 264 33.26 -28.58 -12.43
N THR D 265 33.91 -27.54 -11.88
CA THR D 265 35.28 -27.24 -12.27
C THR D 265 36.24 -28.20 -11.54
N GLY D 266 36.32 -28.08 -10.22
CA GLY D 266 37.19 -28.92 -9.39
C GLY D 266 36.91 -30.40 -9.40
N ALA D 267 35.68 -30.80 -9.80
CA ALA D 267 35.21 -32.18 -9.86
C ALA D 267 36.08 -33.07 -10.73
N THR D 268 36.20 -34.34 -10.32
CA THR D 268 36.97 -35.36 -10.99
C THR D 268 36.21 -35.82 -12.23
N GLU D 269 36.76 -35.56 -13.42
CA GLU D 269 36.14 -35.97 -14.69
C GLU D 269 36.23 -37.49 -14.89
N ILE D 270 35.33 -38.09 -15.67
CA ILE D 270 35.32 -39.54 -15.95
C ILE D 270 35.13 -39.71 -17.46
N GLN D 271 36.12 -40.32 -18.12
CA GLN D 271 36.16 -40.52 -19.56
C GLN D 271 35.25 -41.68 -20.00
N MET D 272 33.93 -41.46 -19.98
CA MET D 272 32.97 -42.49 -20.40
C MET D 272 32.83 -42.55 -21.93
N SER D 273 32.76 -43.77 -22.50
CA SER D 273 32.63 -43.99 -23.95
C SER D 273 31.40 -44.81 -24.31
N SER D 274 30.31 -44.09 -24.70
CA SER D 274 29.00 -44.65 -25.10
C SER D 274 28.37 -45.52 -23.99
N GLY D 275 27.72 -44.87 -23.04
CA GLY D 275 27.03 -45.50 -21.92
C GLY D 275 27.94 -45.95 -20.79
N ASN D 276 28.82 -46.94 -21.06
CA ASN D 276 29.77 -47.51 -20.10
C ASN D 276 30.74 -46.43 -19.58
N LEU D 277 31.02 -46.46 -18.26
CA LEU D 277 31.87 -45.43 -17.65
C LEU D 277 33.24 -45.96 -17.21
N LEU D 278 34.32 -45.40 -17.82
CA LEU D 278 35.72 -45.80 -17.67
C LEU D 278 36.54 -44.98 -16.68
N PHE D 279 37.23 -45.68 -15.76
CA PHE D 279 38.04 -45.10 -14.69
C PHE D 279 39.52 -45.40 -14.86
N THR D 280 40.34 -44.69 -14.06
CA THR D 280 41.80 -44.79 -13.99
C THR D 280 42.04 -45.69 -12.77
N GLY D 281 42.34 -46.96 -13.04
CA GLY D 281 42.55 -47.97 -12.02
C GLY D 281 43.94 -48.09 -11.44
N HIS D 282 44.05 -48.89 -10.35
CA HIS D 282 45.28 -49.15 -9.62
C HIS D 282 45.19 -50.47 -8.88
N LEU D 283 46.08 -51.40 -9.25
CA LEU D 283 46.15 -52.74 -8.67
C LEU D 283 47.52 -53.03 -8.10
N LYS D 284 47.57 -53.93 -7.11
CA LYS D 284 48.79 -54.36 -6.45
C LYS D 284 48.58 -55.84 -6.34
N CYS D 285 49.15 -56.57 -7.31
CA CYS D 285 48.99 -58.01 -7.44
C CYS D 285 50.13 -58.81 -6.83
N ARG D 286 49.96 -60.14 -6.81
CA ARG D 286 50.93 -61.16 -6.42
C ARG D 286 50.67 -62.32 -7.36
N LEU D 287 51.62 -62.60 -8.28
CA LEU D 287 51.40 -63.70 -9.23
C LEU D 287 52.40 -64.85 -9.04
N ARG D 288 51.89 -66.08 -8.91
CA ARG D 288 52.70 -67.27 -8.74
C ARG D 288 52.92 -67.94 -10.09
N MET D 289 54.20 -68.08 -10.50
CA MET D 289 54.62 -68.68 -11.77
C MET D 289 54.98 -70.16 -11.65
N ASP D 290 54.45 -70.84 -10.61
CA ASP D 290 54.66 -72.25 -10.29
C ASP D 290 54.25 -73.17 -11.45
N LYS D 291 53.04 -72.94 -12.01
CA LYS D 291 52.44 -73.73 -13.08
C LYS D 291 52.89 -73.26 -14.48
N LEU D 292 53.72 -72.21 -14.54
CA LEU D 292 54.24 -71.65 -15.78
C LEU D 292 55.62 -72.25 -16.09
N GLN D 293 55.85 -72.59 -17.37
CA GLN D 293 57.08 -73.23 -17.84
C GLN D 293 57.52 -72.68 -19.19
N LEU D 294 58.79 -72.90 -19.56
CA LEU D 294 59.35 -72.42 -20.82
C LEU D 294 59.14 -73.38 -21.99
N LYS D 295 58.51 -72.85 -23.05
CA LYS D 295 58.18 -73.55 -24.30
C LYS D 295 59.44 -73.93 -25.07
N GLY D 296 59.38 -75.06 -25.78
CA GLY D 296 60.44 -75.57 -26.64
C GLY D 296 61.76 -75.93 -26.00
N MET D 297 61.73 -76.57 -24.82
CA MET D 297 62.96 -76.95 -24.13
C MET D 297 63.61 -78.22 -24.69
N SER D 298 62.81 -79.08 -25.33
CA SER D 298 63.24 -80.34 -25.97
C SER D 298 63.55 -80.12 -27.46
N TYR D 299 64.06 -78.93 -27.81
CA TYR D 299 64.37 -78.52 -29.18
C TYR D 299 65.88 -78.45 -29.41
N SER D 300 66.28 -78.51 -30.70
CA SER D 300 67.68 -78.42 -31.13
C SER D 300 68.09 -76.94 -31.27
N MET D 301 69.21 -76.69 -31.95
CA MET D 301 69.69 -75.35 -32.22
C MET D 301 69.58 -75.12 -33.71
N CYS D 302 69.38 -73.88 -34.12
CA CYS D 302 69.27 -73.53 -35.52
C CYS D 302 70.67 -73.48 -36.14
N THR D 303 71.00 -74.52 -36.89
CA THR D 303 72.29 -74.65 -37.57
C THR D 303 72.33 -73.83 -38.88
N GLY D 304 71.15 -73.36 -39.30
CA GLY D 304 70.92 -72.57 -40.50
C GLY D 304 71.17 -71.07 -40.37
N LYS D 305 70.80 -70.34 -41.45
CA LYS D 305 71.03 -68.92 -41.68
C LYS D 305 69.95 -67.95 -41.19
N PHE D 306 70.38 -66.81 -40.73
CA PHE D 306 69.44 -65.82 -40.28
C PHE D 306 69.59 -64.55 -41.11
N LYS D 307 68.45 -63.93 -41.44
CA LYS D 307 68.38 -62.71 -42.23
C LYS D 307 67.74 -61.61 -41.39
N ILE D 308 68.25 -60.37 -41.50
CA ILE D 308 67.66 -59.25 -40.79
C ILE D 308 66.46 -58.78 -41.59
N VAL D 309 65.30 -58.76 -40.93
CA VAL D 309 64.03 -58.34 -41.47
C VAL D 309 63.81 -56.85 -41.10
N LYS D 310 64.14 -56.50 -39.83
CA LYS D 310 64.04 -55.15 -39.28
C LYS D 310 65.27 -54.82 -38.45
N GLU D 311 65.96 -53.71 -38.80
CA GLU D 311 67.18 -53.20 -38.18
C GLU D 311 67.07 -53.08 -36.66
N ILE D 312 68.18 -53.34 -35.91
CA ILE D 312 68.26 -53.23 -34.44
C ILE D 312 67.80 -51.83 -34.02
N ALA D 313 67.05 -51.72 -32.89
CA ALA D 313 66.59 -50.41 -32.40
C ALA D 313 66.69 -50.31 -30.90
N GLU D 314 67.05 -49.14 -30.39
CA GLU D 314 67.10 -48.97 -28.93
C GLU D 314 65.73 -48.43 -28.51
N THR D 315 65.17 -49.05 -27.46
CA THR D 315 63.88 -48.62 -26.94
C THR D 315 64.05 -47.44 -25.96
N GLN D 316 62.94 -46.93 -25.39
CA GLN D 316 62.97 -45.81 -24.44
C GLN D 316 63.75 -46.16 -23.16
N HIS D 317 64.04 -47.46 -23.01
CA HIS D 317 64.81 -48.07 -21.94
C HIS D 317 65.99 -48.73 -22.65
N GLY D 318 67.09 -48.92 -21.93
CA GLY D 318 68.33 -49.49 -22.46
C GLY D 318 68.25 -50.54 -23.55
N THR D 319 67.24 -51.42 -23.49
CA THR D 319 67.01 -52.57 -24.39
C THR D 319 67.03 -52.26 -25.92
N ILE D 320 67.35 -53.30 -26.68
CA ILE D 320 67.39 -53.32 -28.15
C ILE D 320 66.34 -54.30 -28.59
N VAL D 321 65.97 -54.26 -29.88
CA VAL D 321 65.05 -55.21 -30.48
C VAL D 321 65.43 -55.47 -31.96
N ILE D 322 65.09 -56.66 -32.48
CA ILE D 322 65.43 -57.05 -33.84
C ILE D 322 64.46 -58.06 -34.39
N ARG D 323 64.12 -57.97 -35.68
CA ARG D 323 63.27 -58.96 -36.35
C ARG D 323 64.13 -59.70 -37.33
N VAL D 324 64.20 -61.03 -37.14
CA VAL D 324 65.07 -61.96 -37.86
C VAL D 324 64.34 -63.15 -38.45
N GLN D 325 64.79 -63.59 -39.64
CA GLN D 325 64.23 -64.73 -40.34
C GLN D 325 65.22 -65.91 -40.50
N TYR D 326 64.76 -67.14 -40.23
CA TYR D 326 65.58 -68.32 -40.39
C TYR D 326 65.53 -68.72 -41.85
N GLU D 327 66.60 -69.34 -42.34
CA GLU D 327 66.71 -69.76 -43.75
C GLU D 327 67.05 -71.25 -43.91
N GLY D 328 67.62 -71.85 -42.87
CA GLY D 328 68.00 -73.26 -42.84
C GLY D 328 66.85 -74.24 -42.80
N ASP D 329 67.21 -75.53 -42.65
CA ASP D 329 66.26 -76.64 -42.60
C ASP D 329 65.94 -77.15 -41.17
N GLY D 330 66.48 -76.47 -40.15
CA GLY D 330 66.28 -76.79 -38.75
C GLY D 330 64.84 -76.79 -38.26
N SER D 331 63.95 -76.04 -38.95
CA SER D 331 62.51 -75.90 -38.67
C SER D 331 62.29 -75.60 -37.15
N PRO D 332 61.51 -76.31 -36.27
CA PRO D 332 61.45 -75.90 -34.85
C PRO D 332 62.78 -76.17 -34.10
N CYS D 333 63.54 -75.07 -33.89
CA CYS D 333 64.86 -75.04 -33.24
C CYS D 333 65.01 -73.79 -32.40
N LYS D 334 65.96 -73.78 -31.46
CA LYS D 334 66.26 -72.64 -30.60
C LYS D 334 67.22 -71.70 -31.32
N ILE D 335 67.01 -70.37 -31.18
CA ILE D 335 67.85 -69.36 -31.83
C ILE D 335 69.18 -69.17 -31.07
N PRO D 336 70.36 -69.37 -31.75
CA PRO D 336 71.64 -69.09 -31.09
C PRO D 336 71.83 -67.57 -30.95
N PHE D 337 71.64 -67.06 -29.72
CA PHE D 337 71.73 -65.63 -29.43
C PHE D 337 72.63 -65.32 -28.26
N GLU D 338 73.52 -64.33 -28.46
CA GLU D 338 74.55 -63.92 -27.48
C GLU D 338 74.97 -62.48 -27.70
N ILE D 339 75.23 -61.75 -26.59
CA ILE D 339 75.74 -60.38 -26.59
C ILE D 339 77.03 -60.50 -25.81
N THR D 340 78.15 -60.42 -26.51
CA THR D 340 79.46 -60.62 -25.89
C THR D 340 80.40 -59.43 -25.96
N ASP D 341 81.54 -59.59 -25.26
CA ASP D 341 82.67 -58.67 -25.22
C ASP D 341 83.32 -58.70 -26.59
N LEU D 342 84.16 -57.68 -26.84
CA LEU D 342 84.95 -57.52 -28.05
C LEU D 342 85.93 -58.72 -28.23
N GLU D 343 85.96 -59.60 -27.21
CA GLU D 343 86.73 -60.84 -27.09
C GLU D 343 86.00 -62.04 -27.73
N LYS D 344 84.65 -61.95 -27.87
CA LYS D 344 83.76 -63.00 -28.42
C LYS D 344 83.74 -64.28 -27.56
N VAL D 347 80.08 -63.73 -22.24
CA VAL D 347 78.73 -63.18 -22.45
C VAL D 347 78.47 -62.01 -21.49
N LEU D 348 78.12 -60.85 -22.05
CA LEU D 348 77.89 -59.61 -21.32
C LEU D 348 76.42 -59.23 -21.11
N GLY D 349 75.63 -59.28 -22.16
CA GLY D 349 74.21 -58.92 -22.11
C GLY D 349 73.31 -60.08 -21.75
N ARG D 350 72.04 -59.74 -21.36
CA ARG D 350 70.97 -60.67 -20.99
C ARG D 350 69.77 -60.56 -21.92
N LEU D 351 68.96 -61.62 -21.98
CA LEU D 351 67.77 -61.62 -22.80
C LEU D 351 66.52 -61.25 -22.00
N ILE D 352 65.60 -60.55 -22.68
CA ILE D 352 64.27 -60.13 -22.23
C ILE D 352 63.28 -61.10 -22.89
N THR D 353 63.58 -61.51 -24.14
CA THR D 353 62.83 -62.53 -24.90
C THR D 353 63.54 -63.85 -24.54
N VAL D 354 63.36 -64.34 -23.30
CA VAL D 354 64.01 -65.58 -22.85
C VAL D 354 63.68 -66.77 -23.76
N ASN D 355 64.70 -67.58 -24.09
CA ASN D 355 64.62 -68.78 -24.93
C ASN D 355 63.92 -68.51 -26.30
N PRO D 356 64.43 -67.63 -27.20
CA PRO D 356 63.70 -67.41 -28.47
C PRO D 356 63.79 -68.65 -29.37
N ILE D 357 62.69 -68.95 -30.05
CA ILE D 357 62.56 -70.13 -30.89
C ILE D 357 62.04 -69.79 -32.27
N VAL D 358 62.51 -70.51 -33.29
CA VAL D 358 61.97 -70.37 -34.64
C VAL D 358 60.82 -71.39 -34.70
N THR D 359 59.59 -70.94 -34.96
CA THR D 359 58.45 -71.85 -35.02
C THR D 359 58.32 -72.36 -36.46
N GLU D 360 58.50 -71.45 -37.43
CA GLU D 360 58.49 -71.73 -38.87
C GLU D 360 59.50 -70.80 -39.52
N LYS D 361 60.35 -71.36 -40.41
CA LYS D 361 61.43 -70.63 -41.07
C LYS D 361 60.92 -69.41 -41.88
N ASP D 362 59.75 -69.54 -42.52
CA ASP D 362 59.15 -68.49 -43.31
C ASP D 362 58.34 -67.47 -42.45
N SER D 363 58.53 -67.54 -41.11
CA SER D 363 57.91 -66.64 -40.14
C SER D 363 59.02 -65.89 -39.35
N PRO D 364 59.00 -64.54 -39.31
CA PRO D 364 60.06 -63.81 -38.58
C PRO D 364 59.93 -63.84 -37.06
N VAL D 365 60.98 -63.42 -36.36
CA VAL D 365 60.97 -63.40 -34.90
C VAL D 365 61.55 -62.11 -34.37
N ASN D 366 60.95 -61.62 -33.28
CA ASN D 366 61.38 -60.41 -32.58
C ASN D 366 62.21 -60.80 -31.37
N ILE D 367 63.35 -60.11 -31.12
CA ILE D 367 64.17 -60.45 -29.97
C ILE D 367 64.55 -59.19 -29.25
N GLU D 368 64.12 -59.09 -27.98
CA GLU D 368 64.48 -57.99 -27.10
C GLU D 368 65.55 -58.53 -26.21
N ALA D 369 66.53 -57.67 -25.90
CA ALA D 369 67.66 -58.00 -25.03
C ALA D 369 68.26 -56.73 -24.43
N GLU D 370 68.80 -56.84 -23.20
CA GLU D 370 69.39 -55.71 -22.49
C GLU D 370 70.90 -55.74 -22.76
N PRO D 371 71.46 -54.87 -23.60
CA PRO D 371 72.90 -54.96 -23.85
C PRO D 371 73.70 -54.23 -22.77
N PRO D 372 74.99 -54.57 -22.61
CA PRO D 372 75.79 -53.87 -21.59
C PRO D 372 76.22 -52.46 -22.01
N PHE D 373 76.75 -51.70 -21.04
CA PHE D 373 77.23 -50.34 -21.25
C PHE D 373 78.54 -50.33 -22.01
N GLY D 374 78.55 -49.55 -23.08
CA GLY D 374 79.69 -49.39 -23.97
C GLY D 374 79.54 -50.20 -25.23
N ASP D 375 80.67 -50.68 -25.77
CA ASP D 375 80.64 -51.49 -26.98
C ASP D 375 80.53 -52.99 -26.66
N SER D 376 79.71 -53.69 -27.44
CA SER D 376 79.46 -55.13 -27.37
C SER D 376 79.15 -55.63 -28.78
N TYR D 377 78.98 -56.95 -28.95
CA TYR D 377 78.67 -57.54 -30.24
C TYR D 377 77.48 -58.46 -30.15
N ILE D 378 76.52 -58.30 -31.06
CA ILE D 378 75.29 -59.07 -31.11
C ILE D 378 75.51 -60.26 -32.03
N ILE D 379 75.55 -61.46 -31.43
CA ILE D 379 75.81 -62.71 -32.12
C ILE D 379 74.51 -63.50 -32.35
N VAL D 380 74.23 -63.79 -33.63
CA VAL D 380 73.03 -64.47 -34.10
C VAL D 380 73.41 -65.60 -35.07
N GLY D 381 73.35 -66.82 -34.56
CA GLY D 381 73.59 -68.01 -35.36
C GLY D 381 74.85 -68.80 -35.14
N VAL D 382 75.05 -69.77 -36.03
CA VAL D 382 76.17 -70.70 -36.11
C VAL D 382 77.11 -70.20 -37.20
N GLU D 383 78.40 -70.45 -36.95
CA GLU D 383 79.62 -70.05 -37.69
C GLU D 383 79.45 -69.89 -39.21
N PRO D 384 78.90 -70.85 -40.03
CA PRO D 384 78.71 -70.52 -41.46
C PRO D 384 77.51 -69.56 -41.61
N GLY D 385 77.82 -68.31 -41.98
CA GLY D 385 76.85 -67.25 -42.15
C GLY D 385 76.35 -66.66 -40.84
N GLN D 386 77.22 -66.62 -39.81
CA GLN D 386 76.90 -66.09 -38.48
C GLN D 386 76.73 -64.57 -38.52
N LEU D 387 75.75 -64.04 -37.74
CA LEU D 387 75.44 -62.60 -37.68
C LEU D 387 76.06 -61.92 -36.50
N LYS D 388 77.02 -61.02 -36.79
CA LYS D 388 77.75 -60.24 -35.80
C LYS D 388 77.40 -58.77 -36.03
N LEU D 389 76.96 -58.06 -34.97
CA LEU D 389 76.56 -56.65 -35.08
C LEU D 389 77.15 -55.82 -33.94
N ASN D 390 77.68 -54.63 -34.24
CA ASN D 390 78.24 -53.80 -33.17
C ASN D 390 77.18 -52.89 -32.57
N TRP D 391 77.22 -52.72 -31.23
CA TRP D 391 76.29 -51.85 -30.49
C TRP D 391 76.98 -50.97 -29.46
N LEU D 392 76.50 -49.73 -29.30
CA LEU D 392 76.97 -48.79 -28.29
C LEU D 392 75.83 -48.31 -27.35
N ARG D 393 76.00 -48.53 -26.03
CA ARG D 393 75.05 -48.11 -24.99
C ARG D 393 75.77 -47.15 -24.02
N PRO D 394 75.21 -45.96 -23.71
CA PRO D 394 75.94 -45.01 -22.86
C PRO D 394 75.65 -45.09 -21.37
N GLU E 3 -47.82 50.82 57.08
CA GLU E 3 -47.64 50.84 55.63
C GLU E 3 -46.15 50.70 55.23
N VAL E 4 -45.69 51.38 54.14
CA VAL E 4 -44.32 51.34 53.58
C VAL E 4 -43.31 51.92 54.58
N GLN E 5 -42.32 51.10 54.98
CA GLN E 5 -41.25 51.46 55.94
C GLN E 5 -39.87 50.98 55.49
N LEU E 6 -38.99 51.92 55.07
CA LEU E 6 -37.62 51.59 54.66
C LEU E 6 -36.71 51.85 55.86
N VAL E 7 -36.09 50.78 56.39
CA VAL E 7 -35.24 50.89 57.58
C VAL E 7 -33.83 50.34 57.35
N GLU E 8 -32.87 51.26 57.30
CA GLU E 8 -31.46 50.99 57.10
C GLU E 8 -30.73 50.80 58.44
N SER E 9 -29.57 50.06 58.44
CA SER E 9 -28.74 49.78 59.62
C SER E 9 -28.31 51.03 60.38
N GLY E 10 -28.01 50.87 61.66
CA GLY E 10 -27.58 51.96 62.53
C GLY E 10 -26.25 52.60 62.18
N ALA E 11 -25.87 53.65 62.94
CA ALA E 11 -24.63 54.41 62.76
C ALA E 11 -23.39 53.53 62.91
N GLU E 12 -22.38 53.76 62.05
CA GLU E 12 -21.13 53.01 62.04
C GLU E 12 -19.93 53.95 61.83
N VAL E 13 -18.87 53.76 62.61
CA VAL E 13 -17.64 54.55 62.54
C VAL E 13 -16.53 53.62 62.00
N LYS E 14 -15.89 54.03 60.89
CA LYS E 14 -14.83 53.23 60.26
C LYS E 14 -13.59 54.04 59.91
N LYS E 15 -12.39 53.50 60.21
CA LYS E 15 -11.09 54.11 59.92
C LYS E 15 -10.80 54.13 58.40
N PRO E 16 -9.98 55.08 57.86
CA PRO E 16 -9.75 55.12 56.41
C PRO E 16 -9.18 53.85 55.78
N GLY E 17 -9.64 53.57 54.56
CA GLY E 17 -9.24 52.41 53.77
C GLY E 17 -10.11 51.21 53.96
N ALA E 18 -10.92 51.18 55.04
CA ALA E 18 -11.82 50.08 55.39
C ALA E 18 -13.00 49.88 54.41
N SER E 19 -13.94 49.00 54.77
CA SER E 19 -15.12 48.68 53.97
C SER E 19 -16.39 48.73 54.84
N VAL E 20 -17.44 49.42 54.34
CA VAL E 20 -18.73 49.54 55.04
C VAL E 20 -19.85 48.81 54.32
N LYS E 21 -20.68 48.09 55.08
CA LYS E 21 -21.86 47.43 54.53
C LYS E 21 -23.06 47.99 55.26
N VAL E 22 -24.01 48.54 54.48
CA VAL E 22 -25.22 49.14 55.03
C VAL E 22 -26.47 48.43 54.45
N SER E 23 -27.28 47.85 55.36
CA SER E 23 -28.52 47.15 55.03
C SER E 23 -29.67 48.16 54.88
N CYS E 24 -30.81 47.72 54.33
CA CYS E 24 -32.02 48.53 54.14
C CYS E 24 -33.21 47.59 54.00
N LYS E 25 -33.91 47.33 55.13
CA LYS E 25 -35.06 46.44 55.18
C LYS E 25 -36.32 47.15 54.77
N ALA E 26 -37.01 46.57 53.77
CA ALA E 26 -38.26 47.05 53.18
C ALA E 26 -39.45 46.32 53.80
N SER E 27 -40.47 47.09 54.21
CA SER E 27 -41.68 46.57 54.84
C SER E 27 -42.92 47.34 54.38
N GLY E 28 -44.06 46.66 54.43
CA GLY E 28 -45.36 47.21 54.04
C GLY E 28 -45.66 47.24 52.56
N TYR E 29 -44.83 46.56 51.74
CA TYR E 29 -44.98 46.48 50.29
C TYR E 29 -44.24 45.28 49.69
N THR E 30 -44.54 44.95 48.42
CA THR E 30 -43.88 43.85 47.70
C THR E 30 -42.50 44.34 47.25
N PHE E 31 -41.45 43.93 48.01
CA PHE E 31 -40.05 44.30 47.81
C PHE E 31 -39.49 43.85 46.45
N THR E 32 -39.84 42.64 46.00
CA THR E 32 -39.40 42.02 44.74
C THR E 32 -39.83 42.78 43.48
N SER E 33 -40.93 43.56 43.55
CA SER E 33 -41.43 44.34 42.41
C SER E 33 -41.04 45.84 42.48
N TYR E 34 -39.89 46.12 43.12
CA TYR E 34 -39.34 47.47 43.30
C TYR E 34 -37.81 47.51 43.17
N ALA E 35 -37.27 48.66 42.74
CA ALA E 35 -35.82 48.85 42.65
C ALA E 35 -35.36 49.75 43.80
N MET E 36 -34.33 49.31 44.53
CA MET E 36 -33.79 50.09 45.63
C MET E 36 -32.62 50.93 45.14
N HIS E 37 -32.73 52.25 45.34
CA HIS E 37 -31.69 53.20 44.96
C HIS E 37 -30.91 53.60 46.18
N TRP E 38 -29.64 53.98 45.99
CA TRP E 38 -28.76 54.42 47.06
C TRP E 38 -28.29 55.83 46.77
N VAL E 39 -28.48 56.73 47.75
CA VAL E 39 -28.12 58.14 47.63
C VAL E 39 -27.36 58.59 48.88
N ARG E 40 -26.17 59.20 48.70
CA ARG E 40 -25.41 59.68 49.83
C ARG E 40 -25.55 61.18 50.01
N GLN E 41 -25.72 61.59 51.27
CA GLN E 41 -25.87 62.98 51.69
C GLN E 41 -24.61 63.39 52.45
N ALA E 42 -23.75 64.17 51.78
CA ALA E 42 -22.52 64.71 52.35
C ALA E 42 -22.85 65.72 53.48
N PRO E 43 -21.93 66.02 54.45
CA PRO E 43 -22.29 66.95 55.53
C PRO E 43 -22.55 68.37 55.05
N GLY E 44 -23.82 68.78 55.12
CA GLY E 44 -24.30 70.08 54.69
C GLY E 44 -24.00 70.38 53.24
N GLN E 45 -24.23 69.37 52.36
CA GLN E 45 -23.97 69.46 50.93
C GLN E 45 -25.10 68.83 50.13
N ARG E 46 -24.92 68.78 48.80
CA ARG E 46 -25.85 68.21 47.82
C ARG E 46 -26.00 66.68 47.96
N LEU E 47 -27.11 66.14 47.43
CA LEU E 47 -27.40 64.71 47.42
C LEU E 47 -26.67 64.08 46.23
N GLU E 48 -26.11 62.89 46.41
CA GLU E 48 -25.38 62.18 45.36
C GLU E 48 -25.99 60.82 45.08
N TRP E 49 -26.45 60.59 43.83
CA TRP E 49 -27.02 59.31 43.43
C TRP E 49 -25.87 58.33 43.17
N MET E 50 -25.88 57.19 43.89
CA MET E 50 -24.84 56.16 43.80
C MET E 50 -25.16 55.03 42.85
N GLY E 51 -26.42 54.62 42.80
CA GLY E 51 -26.86 53.53 41.94
C GLY E 51 -28.09 52.81 42.42
N TRP E 52 -28.55 51.81 41.62
CA TRP E 52 -29.73 51.02 41.94
C TRP E 52 -29.56 49.51 41.78
N ILE E 53 -30.53 48.75 42.31
CA ILE E 53 -30.65 47.29 42.23
C ILE E 53 -32.09 46.89 41.98
N ASN E 54 -32.34 46.15 40.90
CA ASN E 54 -33.69 45.68 40.61
C ASN E 54 -33.83 44.44 41.48
N ALA E 55 -34.67 44.50 42.54
CA ALA E 55 -34.85 43.40 43.50
C ALA E 55 -35.43 42.12 42.89
N GLY E 56 -36.07 42.25 41.73
CA GLY E 56 -36.64 41.13 40.99
C GLY E 56 -35.59 40.20 40.44
N ASN E 57 -34.94 40.61 39.34
CA ASN E 57 -33.90 39.82 38.67
C ASN E 57 -32.54 39.90 39.37
N GLY E 58 -32.22 41.04 39.98
CA GLY E 58 -30.95 41.26 40.67
C GLY E 58 -30.00 42.21 39.96
N ASN E 59 -30.39 42.72 38.77
CA ASN E 59 -29.63 43.64 37.93
C ASN E 59 -29.27 44.92 38.66
N THR E 60 -28.12 45.51 38.30
CA THR E 60 -27.63 46.74 38.93
C THR E 60 -27.09 47.73 37.92
N LYS E 61 -27.15 49.02 38.29
CA LYS E 61 -26.56 50.13 37.54
C LYS E 61 -25.94 51.07 38.56
N TYR E 62 -24.62 51.25 38.46
CA TYR E 62 -23.83 52.08 39.36
C TYR E 62 -23.43 53.40 38.67
N SER E 63 -23.19 54.46 39.47
CA SER E 63 -22.73 55.77 39.00
C SER E 63 -21.25 55.63 38.61
N GLN E 64 -20.77 56.44 37.64
CA GLN E 64 -19.35 56.40 37.21
C GLN E 64 -18.42 56.74 38.36
N LYS E 65 -18.85 57.68 39.24
CA LYS E 65 -18.15 58.16 40.44
C LYS E 65 -17.87 57.04 41.47
N PHE E 66 -18.73 56.00 41.50
CA PHE E 66 -18.65 54.88 42.44
C PHE E 66 -18.52 53.50 41.76
N GLN E 67 -18.47 53.47 40.42
CA GLN E 67 -18.40 52.29 39.54
C GLN E 67 -17.56 51.12 40.07
N ASP E 68 -16.32 51.38 40.55
CA ASP E 68 -15.44 50.34 41.07
C ASP E 68 -15.04 50.60 42.53
N ARG E 69 -16.05 50.72 43.41
CA ARG E 69 -15.90 50.94 44.85
C ARG E 69 -17.17 50.49 45.56
N VAL E 70 -18.33 50.71 44.93
CA VAL E 70 -19.65 50.37 45.41
C VAL E 70 -20.12 49.05 44.79
N THR E 71 -20.76 48.21 45.60
CA THR E 71 -21.35 46.94 45.20
C THR E 71 -22.68 46.81 45.92
N ILE E 72 -23.79 46.78 45.15
CA ILE E 72 -25.13 46.68 45.69
C ILE E 72 -25.65 45.24 45.54
N THR E 73 -26.21 44.70 46.63
CA THR E 73 -26.76 43.35 46.74
C THR E 73 -28.16 43.35 47.38
N ARG E 74 -28.89 42.23 47.24
CA ARG E 74 -30.24 42.08 47.77
C ARG E 74 -30.51 40.71 48.39
N ASP E 75 -31.41 40.68 49.38
CA ASP E 75 -31.87 39.46 50.07
C ASP E 75 -33.38 39.37 49.87
N THR E 76 -33.81 38.56 48.89
CA THR E 76 -35.22 38.38 48.58
C THR E 76 -35.95 37.72 49.75
N SER E 77 -35.32 36.72 50.40
CA SER E 77 -35.88 35.97 51.53
C SER E 77 -35.99 36.78 52.85
N ALA E 78 -35.32 37.95 52.95
CA ALA E 78 -35.38 38.78 54.16
C ALA E 78 -35.77 40.25 53.90
N SER E 79 -36.25 40.57 52.66
CA SER E 79 -36.69 41.89 52.20
C SER E 79 -35.67 43.02 52.47
N THR E 80 -34.36 42.69 52.42
CA THR E 80 -33.28 43.63 52.69
C THR E 80 -32.42 43.93 51.46
N ALA E 81 -31.95 45.19 51.37
CA ALA E 81 -31.08 45.68 50.30
C ALA E 81 -29.78 46.16 50.92
N TYR E 82 -28.64 45.61 50.47
CA TYR E 82 -27.31 45.91 51.00
C TYR E 82 -26.44 46.69 50.02
N MET E 83 -25.67 47.63 50.54
CA MET E 83 -24.74 48.42 49.76
C MET E 83 -23.37 48.38 50.44
N GLU E 84 -22.35 47.93 49.71
CA GLU E 84 -21.00 47.84 50.24
C GLU E 84 -20.08 48.81 49.53
N LEU E 85 -19.44 49.70 50.31
CA LEU E 85 -18.50 50.70 49.81
C LEU E 85 -17.09 50.32 50.30
N SER E 86 -16.20 50.03 49.35
CA SER E 86 -14.82 49.63 49.60
C SER E 86 -13.85 50.81 49.48
N SER E 87 -12.65 50.69 50.14
CA SER E 87 -11.56 51.68 50.18
C SER E 87 -12.10 53.09 50.52
N LEU E 88 -12.62 53.26 51.74
CA LEU E 88 -13.24 54.52 52.19
C LEU E 88 -12.23 55.59 52.59
N ARG E 89 -12.57 56.83 52.25
CA ARG E 89 -11.80 58.05 52.46
C ARG E 89 -12.58 59.05 53.29
N SER E 90 -11.92 60.13 53.74
CA SER E 90 -12.52 61.22 54.54
C SER E 90 -13.69 61.91 53.79
N GLU E 91 -13.66 61.84 52.44
CA GLU E 91 -14.68 62.37 51.54
C GLU E 91 -16.00 61.58 51.72
N ASP E 92 -15.89 60.26 51.93
CA ASP E 92 -17.02 59.34 52.09
C ASP E 92 -17.82 59.52 53.39
N THR E 93 -17.38 60.42 54.30
CA THR E 93 -18.09 60.73 55.55
C THR E 93 -19.40 61.39 55.16
N ALA E 94 -20.51 60.61 55.20
CA ALA E 94 -21.84 61.06 54.79
C ALA E 94 -22.98 60.25 55.42
N ILE E 95 -24.22 60.73 55.27
CA ILE E 95 -25.42 60.00 55.70
C ILE E 95 -25.87 59.26 54.45
N TYR E 96 -26.04 57.94 54.56
CA TYR E 96 -26.41 57.11 53.42
C TYR E 96 -27.89 56.73 53.45
N TYR E 97 -28.61 57.09 52.36
CA TYR E 97 -30.05 56.88 52.19
C TYR E 97 -30.38 55.84 51.13
N CYS E 98 -31.41 55.04 51.40
CA CYS E 98 -31.95 54.09 50.44
C CYS E 98 -33.35 54.56 50.12
N ALA E 99 -33.69 54.57 48.83
CA ALA E 99 -34.99 55.04 48.35
C ALA E 99 -35.54 54.14 47.26
N ARG E 100 -36.82 53.76 47.37
CA ARG E 100 -37.49 52.86 46.41
C ARG E 100 -37.96 53.58 45.13
N ASP E 101 -38.38 52.79 44.12
CA ASP E 101 -38.97 53.16 42.82
C ASP E 101 -39.54 51.90 42.17
N LYS E 102 -40.76 51.96 41.63
CA LYS E 102 -41.38 50.79 41.03
C LYS E 102 -40.76 50.38 39.70
N VAL E 103 -40.71 49.08 39.49
CA VAL E 103 -40.19 48.45 38.30
C VAL E 103 -41.40 48.10 37.41
N ASP E 104 -41.21 48.12 36.08
CA ASP E 104 -42.21 47.75 35.09
C ASP E 104 -42.88 46.39 35.45
N ASP E 105 -44.18 46.22 35.10
CA ASP E 105 -45.04 45.05 35.36
C ASP E 105 -44.44 43.71 34.89
N TYR E 106 -43.51 43.76 33.92
CA TYR E 106 -42.82 42.60 33.35
C TYR E 106 -41.53 42.26 34.09
N GLY E 107 -41.12 43.14 35.02
CA GLY E 107 -39.91 42.97 35.82
C GLY E 107 -38.67 43.71 35.32
N ASP E 108 -38.75 44.33 34.14
CA ASP E 108 -37.64 45.07 33.53
C ASP E 108 -37.52 46.48 34.14
N TYR E 109 -36.38 47.18 33.95
CA TYR E 109 -36.23 48.51 34.55
C TYR E 109 -35.50 49.52 33.64
N TRP E 110 -35.97 49.66 32.37
CA TRP E 110 -35.42 50.62 31.42
C TRP E 110 -35.72 52.02 31.91
N PHE E 111 -37.02 52.36 31.95
CA PHE E 111 -37.47 53.67 32.38
C PHE E 111 -38.03 53.61 33.79
N PRO E 112 -37.69 54.60 34.65
CA PRO E 112 -38.23 54.58 36.02
C PRO E 112 -39.66 55.12 36.07
N THR E 113 -40.26 55.11 37.27
CA THR E 113 -41.61 55.64 37.38
C THR E 113 -41.53 57.11 37.78
N LEU E 114 -42.39 57.96 37.18
CA LEU E 114 -42.45 59.42 37.35
C LEU E 114 -42.14 59.91 38.77
N TRP E 115 -42.72 59.20 39.76
CA TRP E 115 -42.52 59.42 41.18
C TRP E 115 -41.33 58.54 41.58
N TYR E 116 -40.08 59.05 41.44
CA TYR E 116 -38.99 58.12 41.73
C TYR E 116 -38.79 57.89 43.21
N PHE E 117 -38.28 58.85 43.97
CA PHE E 117 -38.04 58.52 45.35
C PHE E 117 -39.20 58.93 46.25
N ASP E 118 -40.33 58.22 46.08
CA ASP E 118 -41.57 58.41 46.84
C ASP E 118 -41.40 58.07 48.32
N TYR E 119 -40.60 57.02 48.61
CA TYR E 119 -40.28 56.56 49.95
C TYR E 119 -38.79 56.40 50.12
N TRP E 120 -38.26 56.90 51.26
CA TRP E 120 -36.84 56.86 51.63
C TRP E 120 -36.67 56.17 52.99
N GLY E 121 -35.42 55.87 53.34
CA GLY E 121 -35.04 55.35 54.64
C GLY E 121 -34.67 56.49 55.55
N GLN E 122 -34.50 56.23 56.86
CA GLN E 122 -34.11 57.26 57.85
C GLN E 122 -32.68 57.84 57.63
N GLY E 123 -31.77 57.02 57.13
CA GLY E 123 -30.38 57.37 56.85
C GLY E 123 -29.41 56.59 57.70
N THR E 124 -28.11 56.67 57.36
CA THR E 124 -27.02 56.00 58.11
C THR E 124 -25.75 56.85 58.04
N LEU E 125 -25.35 57.46 59.17
CA LEU E 125 -24.14 58.27 59.20
C LEU E 125 -22.90 57.38 59.30
N VAL E 126 -22.08 57.39 58.25
CA VAL E 126 -20.82 56.65 58.17
C VAL E 126 -19.71 57.68 58.41
N THR E 127 -19.06 57.59 59.59
CA THR E 127 -18.00 58.52 59.98
C THR E 127 -16.61 57.94 59.70
N VAL E 128 -15.76 58.70 58.96
CA VAL E 128 -14.39 58.28 58.62
C VAL E 128 -13.36 59.03 59.48
N SER E 129 -12.65 58.29 60.35
CA SER E 129 -11.65 58.81 61.29
C SER E 129 -10.24 58.50 60.80
N GLU F 3 26.07 10.05 30.68
CA GLU F 3 24.92 9.48 29.98
C GLU F 3 23.60 9.70 30.75
N VAL F 4 22.66 8.71 30.72
CA VAL F 4 21.35 8.77 31.37
C VAL F 4 21.47 8.81 32.90
N GLN F 5 20.90 9.87 33.52
CA GLN F 5 20.92 10.10 34.96
C GLN F 5 19.57 10.60 35.52
N LEU F 6 18.86 9.75 36.27
CA LEU F 6 17.59 10.12 36.90
C LEU F 6 17.88 10.52 38.35
N VAL F 7 17.66 11.80 38.68
CA VAL F 7 17.96 12.31 40.02
C VAL F 7 16.76 12.97 40.70
N GLU F 8 16.26 12.32 41.75
CA GLU F 8 15.13 12.78 42.53
C GLU F 8 15.56 13.61 43.74
N SER F 9 14.60 14.34 44.33
CA SER F 9 14.82 15.21 45.51
C SER F 9 15.32 14.43 46.74
N GLY F 10 15.96 15.15 47.65
CA GLY F 10 16.50 14.59 48.89
C GLY F 10 15.46 14.10 49.87
N ALA F 11 15.93 13.50 50.99
CA ALA F 11 15.11 12.96 52.07
C ALA F 11 14.21 14.02 52.71
N GLU F 12 12.96 13.64 53.02
CA GLU F 12 11.96 14.53 53.63
C GLU F 12 11.18 13.79 54.72
N VAL F 13 10.98 14.45 55.87
CA VAL F 13 10.25 13.92 57.01
C VAL F 13 8.95 14.73 57.15
N LYS F 14 7.80 14.04 57.13
CA LYS F 14 6.48 14.69 57.21
C LYS F 14 5.53 14.01 58.22
N LYS F 15 4.84 14.82 59.04
CA LYS F 15 3.87 14.36 60.04
C LYS F 15 2.60 13.80 59.36
N PRO F 16 1.84 12.86 60.01
CA PRO F 16 0.65 12.28 59.34
C PRO F 16 -0.42 13.27 58.90
N GLY F 17 -1.03 12.98 57.76
CA GLY F 17 -2.08 13.79 57.15
C GLY F 17 -1.58 14.80 56.15
N ALA F 18 -0.27 15.13 56.20
CA ALA F 18 0.39 16.11 55.33
C ALA F 18 0.45 15.70 53.84
N SER F 19 1.19 16.48 53.04
CA SER F 19 1.36 16.25 51.61
C SER F 19 2.85 16.35 51.21
N VAL F 20 3.35 15.35 50.45
CA VAL F 20 4.73 15.32 49.97
C VAL F 20 4.84 15.49 48.47
N LYS F 21 5.82 16.30 48.03
CA LYS F 21 6.11 16.49 46.62
C LYS F 21 7.54 16.06 46.39
N VAL F 22 7.73 15.11 45.47
CA VAL F 22 9.06 14.58 45.14
C VAL F 22 9.36 14.79 43.64
N SER F 23 10.44 15.52 43.35
CA SER F 23 10.91 15.83 42.00
C SER F 23 11.76 14.67 41.47
N CYS F 24 12.06 14.65 40.15
CA CYS F 24 12.89 13.64 39.48
C CYS F 24 13.42 14.25 38.17
N LYS F 25 14.64 14.79 38.21
CA LYS F 25 15.28 15.42 37.07
C LYS F 25 15.97 14.39 36.17
N ALA F 26 15.61 14.42 34.89
CA ALA F 26 16.12 13.54 33.85
C ALA F 26 17.23 14.24 33.06
N SER F 27 18.35 13.51 32.86
CA SER F 27 19.52 14.02 32.14
C SER F 27 20.16 12.93 31.28
N GLY F 28 20.85 13.37 30.22
CA GLY F 28 21.54 12.50 29.28
C GLY F 28 20.68 11.84 28.23
N TYR F 29 19.42 12.28 28.09
CA TYR F 29 18.45 11.78 27.11
C TYR F 29 17.30 12.75 26.84
N THR F 30 16.53 12.53 25.76
CA THR F 30 15.37 13.35 25.42
C THR F 30 14.21 12.96 26.34
N PHE F 31 13.98 13.79 27.37
CA PHE F 31 12.96 13.62 28.41
C PHE F 31 11.52 13.60 27.85
N THR F 32 11.22 14.46 26.87
CA THR F 32 9.91 14.60 26.22
C THR F 32 9.43 13.35 25.48
N SER F 33 10.36 12.49 25.03
CA SER F 33 10.02 11.26 24.30
C SER F 33 10.07 9.99 25.20
N TYR F 34 9.81 10.18 26.52
CA TYR F 34 9.83 9.12 27.54
C TYR F 34 8.73 9.29 28.58
N ALA F 35 8.27 8.18 29.17
CA ALA F 35 7.26 8.21 30.24
C ALA F 35 7.94 7.92 31.57
N MET F 36 7.68 8.77 32.56
CA MET F 36 8.27 8.58 33.89
C MET F 36 7.29 7.83 34.78
N HIS F 37 7.75 6.70 35.32
CA HIS F 37 6.96 5.87 36.21
C HIS F 37 7.39 6.11 37.64
N TRP F 38 6.47 5.89 38.58
CA TRP F 38 6.72 6.06 40.00
C TRP F 38 6.47 4.75 40.72
N VAL F 39 7.46 4.29 41.49
CA VAL F 39 7.40 3.02 42.22
C VAL F 39 7.87 3.24 43.66
N ARG F 40 7.06 2.80 44.64
CA ARG F 40 7.44 2.94 46.03
C ARG F 40 7.96 1.63 46.62
N GLN F 41 9.05 1.74 47.37
CA GLN F 41 9.71 0.62 48.04
C GLN F 41 9.49 0.76 49.53
N ALA F 42 8.58 -0.08 50.06
CA ALA F 42 8.26 -0.13 51.48
C ALA F 42 9.48 -0.65 52.29
N PRO F 43 9.61 -0.39 53.61
CA PRO F 43 10.82 -0.84 54.34
C PRO F 43 10.93 -2.36 54.43
N GLY F 44 11.91 -2.89 53.69
CA GLY F 44 12.20 -4.31 53.58
C GLY F 44 11.02 -5.12 53.09
N GLN F 45 10.36 -4.62 52.03
CA GLN F 45 9.17 -5.23 51.43
C GLN F 45 9.24 -5.17 49.91
N ARG F 46 8.17 -5.63 49.26
CA ARG F 46 7.98 -5.65 47.81
C ARG F 46 7.87 -4.23 47.20
N LEU F 47 8.13 -4.12 45.89
CA LEU F 47 8.03 -2.88 45.13
C LEU F 47 6.58 -2.67 44.72
N GLU F 48 6.10 -1.42 44.77
CA GLU F 48 4.71 -1.09 44.42
C GLU F 48 4.66 -0.06 43.30
N TRP F 49 4.03 -0.42 42.17
CA TRP F 49 3.89 0.50 41.04
C TRP F 49 2.75 1.47 41.34
N MET F 50 3.05 2.78 41.31
CA MET F 50 2.09 3.84 41.62
C MET F 50 1.40 4.45 40.41
N GLY F 51 2.14 4.59 39.31
CA GLY F 51 1.61 5.17 38.09
C GLY F 51 2.65 5.81 37.19
N TRP F 52 2.20 6.33 36.03
CA TRP F 52 3.07 6.98 35.04
C TRP F 52 2.56 8.31 34.50
N ILE F 53 3.46 9.05 33.81
CA ILE F 53 3.21 10.33 33.14
C ILE F 53 3.92 10.34 31.79
N ASN F 54 3.17 10.54 30.70
CA ASN F 54 3.78 10.64 29.38
C ASN F 54 4.27 12.08 29.30
N ALA F 55 5.60 12.30 29.34
CA ALA F 55 6.21 13.63 29.33
C ALA F 55 5.93 14.45 28.07
N GLY F 56 5.55 13.77 26.99
CA GLY F 56 5.20 14.40 25.72
C GLY F 56 3.92 15.21 25.81
N ASN F 57 2.78 14.51 25.80
CA ASN F 57 1.46 15.14 25.87
C ASN F 57 1.05 15.58 27.28
N GLY F 58 1.48 14.83 28.30
CA GLY F 58 1.16 15.11 29.70
C GLY F 58 0.21 14.14 30.34
N ASN F 59 -0.30 13.15 29.56
CA ASN F 59 -1.24 12.10 29.98
C ASN F 59 -0.72 11.30 31.16
N THR F 60 -1.65 10.81 32.01
CA THR F 60 -1.29 10.03 33.19
C THR F 60 -2.19 8.83 33.38
N LYS F 61 -1.66 7.79 34.04
CA LYS F 61 -2.37 6.59 34.46
C LYS F 61 -1.89 6.23 35.85
N TYR F 62 -2.81 6.23 36.82
CA TYR F 62 -2.55 5.97 38.23
C TYR F 62 -3.06 4.56 38.61
N SER F 63 -2.44 3.95 39.65
CA SER F 63 -2.84 2.66 40.21
C SER F 63 -4.14 2.86 41.00
N GLN F 64 -5.00 1.82 41.09
CA GLN F 64 -6.27 1.92 41.85
C GLN F 64 -6.01 2.22 43.33
N LYS F 65 -4.91 1.65 43.89
CA LYS F 65 -4.44 1.81 45.27
C LYS F 65 -4.11 3.28 45.63
N PHE F 66 -3.71 4.09 44.64
CA PHE F 66 -3.30 5.48 44.81
C PHE F 66 -4.13 6.49 43.98
N GLN F 67 -5.13 5.99 43.23
CA GLN F 67 -6.04 6.72 42.31
C GLN F 67 -6.43 8.13 42.76
N ASP F 68 -6.87 8.30 44.03
CA ASP F 68 -7.29 9.59 44.55
C ASP F 68 -6.47 10.00 45.79
N ARG F 69 -5.15 10.06 45.61
CA ARG F 69 -4.17 10.45 46.65
C ARG F 69 -2.89 10.94 45.98
N VAL F 70 -2.52 10.29 44.87
CA VAL F 70 -1.34 10.57 44.06
C VAL F 70 -1.72 11.45 42.86
N THR F 71 -0.86 12.43 42.55
CA THR F 71 -0.99 13.32 41.40
C THR F 71 0.40 13.52 40.81
N ILE F 72 0.58 13.06 39.57
CA ILE F 72 1.86 13.16 38.87
C ILE F 72 1.83 14.31 37.87
N THR F 73 2.90 15.13 37.88
CA THR F 73 3.08 16.31 37.02
C THR F 73 4.49 16.33 36.39
N ARG F 74 4.66 17.16 35.35
CA ARG F 74 5.93 17.28 34.62
C ARG F 74 6.30 18.72 34.26
N ASP F 75 7.61 18.98 34.17
CA ASP F 75 8.20 20.26 33.78
C ASP F 75 9.05 20.02 32.52
N THR F 76 8.47 20.30 31.35
CA THR F 76 9.15 20.11 30.07
C THR F 76 10.37 21.04 29.96
N SER F 77 10.22 22.30 30.40
CA SER F 77 11.27 23.34 30.36
C SER F 77 12.44 23.10 31.33
N ALA F 78 12.30 22.19 32.32
CA ALA F 78 13.37 21.90 33.28
C ALA F 78 13.71 20.40 33.41
N SER F 79 13.20 19.55 32.48
CA SER F 79 13.40 18.09 32.41
C SER F 79 13.13 17.35 33.75
N THR F 80 12.15 17.85 34.52
CA THR F 80 11.79 17.29 35.83
C THR F 80 10.41 16.64 35.81
N ALA F 81 10.24 15.59 36.65
CA ALA F 81 8.98 14.87 36.86
C ALA F 81 8.63 14.90 38.34
N TYR F 82 7.44 15.42 38.69
CA TYR F 82 6.98 15.57 40.07
C TYR F 82 5.84 14.63 40.43
N MET F 83 5.86 14.10 41.65
CA MET F 83 4.82 13.22 42.17
C MET F 83 4.39 13.76 43.52
N GLU F 84 3.09 14.05 43.67
CA GLU F 84 2.54 14.56 44.91
C GLU F 84 1.59 13.55 45.54
N LEU F 85 1.88 13.16 46.79
CA LEU F 85 1.08 12.22 47.56
C LEU F 85 0.40 12.97 48.70
N SER F 86 -0.94 13.01 48.68
CA SER F 86 -1.77 13.70 49.67
C SER F 86 -2.29 12.75 50.75
N SER F 87 -2.65 13.32 51.94
CA SER F 87 -3.17 12.61 53.11
C SER F 87 -2.31 11.39 53.47
N LEU F 88 -1.04 11.64 53.83
CA LEU F 88 -0.12 10.55 54.13
C LEU F 88 -0.37 9.89 55.51
N ARG F 89 -0.05 8.61 55.58
CA ARG F 89 -0.21 7.72 56.73
C ARG F 89 1.11 7.00 57.03
N SER F 90 1.19 6.31 58.20
CA SER F 90 2.37 5.55 58.63
C SER F 90 2.76 4.44 57.64
N GLU F 91 1.76 3.97 56.85
CA GLU F 91 1.91 2.97 55.79
C GLU F 91 2.77 3.52 54.65
N ASP F 92 2.60 4.83 54.33
CA ASP F 92 3.31 5.54 53.25
C ASP F 92 4.82 5.76 53.51
N THR F 93 5.33 5.37 54.69
CA THR F 93 6.75 5.47 55.03
C THR F 93 7.50 4.50 54.10
N ALA F 94 8.13 5.04 53.03
CA ALA F 94 8.82 4.24 52.01
C ALA F 94 9.88 5.04 51.24
N ILE F 95 10.69 4.34 50.42
CA ILE F 95 11.71 4.92 49.55
C ILE F 95 11.05 5.03 48.17
N TYR F 96 10.90 6.26 47.66
CA TYR F 96 10.20 6.51 46.40
C TYR F 96 11.14 6.61 45.21
N TYR F 97 10.92 5.75 44.21
CA TYR F 97 11.73 5.64 42.99
C TYR F 97 11.00 6.11 41.73
N CYS F 98 11.73 6.78 40.85
CA CYS F 98 11.22 7.18 39.54
C CYS F 98 12.02 6.38 38.51
N ALA F 99 11.33 5.80 37.53
CA ALA F 99 11.96 4.97 36.49
C ALA F 99 11.37 5.27 35.11
N ARG F 100 12.23 5.45 34.10
CA ARG F 100 11.82 5.76 32.72
C ARG F 100 11.36 4.54 31.92
N ASP F 101 10.75 4.79 30.73
CA ASP F 101 10.30 3.85 29.70
C ASP F 101 9.96 4.64 28.45
N LYS F 102 10.42 4.17 27.26
CA LYS F 102 10.18 4.89 26.02
C LYS F 102 8.73 4.84 25.55
N VAL F 103 8.30 5.94 24.96
CA VAL F 103 6.98 6.13 24.42
C VAL F 103 7.08 5.89 22.90
N ASP F 104 5.98 5.38 22.31
CA ASP F 104 5.77 5.11 20.88
C ASP F 104 6.23 6.31 20.03
N ASP F 105 6.80 6.02 18.85
CA ASP F 105 7.33 6.98 17.87
C ASP F 105 6.34 8.11 17.48
N TYR F 106 5.03 7.87 17.67
CA TYR F 106 3.96 8.80 17.37
C TYR F 106 3.59 9.68 18.59
N GLY F 107 4.17 9.36 19.75
CA GLY F 107 3.95 10.07 21.01
C GLY F 107 2.91 9.46 21.94
N ASP F 108 2.20 8.41 21.48
CA ASP F 108 1.16 7.71 22.26
C ASP F 108 1.81 6.70 23.22
N TYR F 109 1.05 6.20 24.22
CA TYR F 109 1.65 5.24 25.16
C TYR F 109 0.69 4.10 25.57
N TRP F 110 0.10 3.41 24.57
CA TRP F 110 -0.81 2.27 24.78
C TRP F 110 0.04 1.13 25.39
N PHE F 111 1.00 0.63 24.60
CA PHE F 111 1.87 -0.46 25.01
C PHE F 111 3.25 0.06 25.38
N PRO F 112 3.82 -0.45 26.50
CA PRO F 112 5.17 0.02 26.88
C PRO F 112 6.26 -0.68 26.08
N THR F 113 7.51 -0.31 26.31
CA THR F 113 8.60 -0.95 25.61
C THR F 113 9.12 -2.12 26.44
N LEU F 114 9.42 -3.27 25.80
CA LEU F 114 9.85 -4.54 26.41
C LEU F 114 10.76 -4.36 27.63
N TRP F 115 11.72 -3.43 27.52
CA TRP F 115 12.67 -3.04 28.56
C TRP F 115 11.99 -1.89 29.32
N TYR F 116 11.15 -2.20 30.34
CA TYR F 116 10.46 -1.07 30.94
C TYR F 116 11.34 -0.25 31.85
N PHE F 117 11.73 -0.75 33.01
CA PHE F 117 12.50 0.15 33.87
C PHE F 117 14.00 -0.05 33.71
N ASP F 118 14.51 0.32 32.51
CA ASP F 118 15.92 0.24 32.13
C ASP F 118 16.80 1.16 32.98
N TYR F 119 16.28 2.35 33.32
CA TYR F 119 16.94 3.36 34.16
C TYR F 119 16.03 3.81 35.28
N TRP F 120 16.58 3.89 36.51
CA TRP F 120 15.89 4.31 37.74
C TRP F 120 16.62 5.50 38.39
N GLY F 121 15.97 6.11 39.37
CA GLY F 121 16.54 7.17 40.19
C GLY F 121 17.15 6.55 41.44
N GLN F 122 17.90 7.33 42.25
CA GLN F 122 18.54 6.87 43.48
C GLN F 122 17.55 6.47 44.60
N GLY F 123 16.42 7.17 44.66
CA GLY F 123 15.37 6.96 45.65
C GLY F 123 15.17 8.15 46.58
N THR F 124 14.06 8.19 47.32
CA THR F 124 13.73 9.26 48.27
C THR F 124 12.96 8.70 49.47
N LEU F 125 13.61 8.65 50.65
CA LEU F 125 12.95 8.15 51.85
C LEU F 125 12.04 9.20 52.46
N VAL F 126 10.73 8.90 52.44
CA VAL F 126 9.69 9.75 53.00
C VAL F 126 9.29 9.11 54.34
N THR F 127 9.66 9.77 55.45
CA THR F 127 9.40 9.27 56.80
C THR F 127 8.16 9.91 57.41
N VAL F 128 7.22 9.07 57.89
CA VAL F 128 5.97 9.53 58.51
C VAL F 128 6.02 9.37 60.03
N SER F 129 6.02 10.50 60.76
CA SER F 129 6.11 10.57 62.23
C SER F 129 4.75 10.88 62.85
N GLU G 3 -13.78 3.39 -46.39
CA GLU G 3 -13.48 3.14 -44.97
C GLU G 3 -12.94 1.70 -44.75
N VAL G 4 -13.31 1.05 -43.61
CA VAL G 4 -12.87 -0.28 -43.21
C VAL G 4 -13.41 -1.36 -44.17
N GLN G 5 -12.48 -2.14 -44.78
CA GLN G 5 -12.80 -3.20 -45.73
C GLN G 5 -11.95 -4.47 -45.52
N LEU G 6 -12.57 -5.56 -45.03
CA LEU G 6 -11.90 -6.84 -44.84
C LEU G 6 -12.19 -7.73 -46.05
N VAL G 7 -11.16 -8.04 -46.85
CA VAL G 7 -11.34 -8.83 -48.07
C VAL G 7 -10.47 -10.09 -48.10
N GLU G 8 -11.13 -11.23 -48.02
CA GLU G 8 -10.46 -12.52 -48.06
C GLU G 8 -10.37 -13.09 -49.48
N SER G 9 -9.57 -14.15 -49.65
CA SER G 9 -9.35 -14.83 -50.93
C SER G 9 -10.63 -15.49 -51.47
N GLY G 10 -10.66 -15.71 -52.79
CA GLY G 10 -11.79 -16.32 -53.48
C GLY G 10 -12.05 -17.77 -53.12
N ALA G 11 -13.13 -18.34 -53.70
CA ALA G 11 -13.56 -19.72 -53.50
C ALA G 11 -12.48 -20.73 -53.94
N GLU G 12 -12.32 -21.80 -53.15
CA GLU G 12 -11.34 -22.86 -53.40
C GLU G 12 -11.94 -24.24 -53.13
N VAL G 13 -11.69 -25.19 -54.04
CA VAL G 13 -12.17 -26.57 -53.94
C VAL G 13 -10.95 -27.46 -53.71
N LYS G 14 -10.97 -28.24 -52.61
CA LYS G 14 -9.86 -29.14 -52.25
C LYS G 14 -10.31 -30.55 -51.86
N LYS G 15 -9.61 -31.57 -52.37
CA LYS G 15 -9.86 -32.98 -52.09
C LYS G 15 -9.50 -33.35 -50.63
N PRO G 16 -10.13 -34.39 -50.00
CA PRO G 16 -9.82 -34.70 -48.59
C PRO G 16 -8.36 -35.01 -48.28
N GLY G 17 -7.93 -34.56 -47.10
CA GLY G 17 -6.57 -34.74 -46.60
C GLY G 17 -5.63 -33.59 -46.92
N ALA G 18 -6.01 -32.75 -47.91
CA ALA G 18 -5.22 -31.61 -48.37
C ALA G 18 -5.09 -30.47 -47.34
N SER G 19 -4.51 -29.33 -47.77
CA SER G 19 -4.30 -28.15 -46.94
C SER G 19 -4.77 -26.88 -47.65
N VAL G 20 -5.56 -26.04 -46.95
CA VAL G 20 -6.07 -24.78 -47.49
C VAL G 20 -5.47 -23.57 -46.81
N LYS G 21 -5.12 -22.54 -47.61
CA LYS G 21 -4.62 -21.28 -47.09
C LYS G 21 -5.56 -20.19 -47.57
N VAL G 22 -6.12 -19.43 -46.62
CA VAL G 22 -7.05 -18.36 -46.92
C VAL G 22 -6.53 -17.02 -46.37
N SER G 23 -6.32 -16.04 -47.29
CA SER G 23 -5.84 -14.70 -46.97
C SER G 23 -7.01 -13.82 -46.53
N CYS G 24 -6.72 -12.63 -45.95
CA CYS G 24 -7.70 -11.64 -45.50
C CYS G 24 -7.02 -10.28 -45.42
N LYS G 25 -7.15 -9.48 -46.49
CA LYS G 25 -6.55 -8.15 -46.59
C LYS G 25 -7.40 -7.11 -45.92
N ALA G 26 -6.77 -6.36 -45.00
CA ALA G 26 -7.37 -5.29 -44.21
C ALA G 26 -7.07 -3.93 -44.83
N SER G 27 -8.10 -3.09 -44.97
CA SER G 27 -7.99 -1.76 -45.56
C SER G 27 -8.88 -0.74 -44.84
N GLY G 28 -8.48 0.52 -44.90
CA GLY G 28 -9.20 1.64 -44.30
C GLY G 28 -8.98 1.83 -42.80
N TYR G 29 -7.98 1.13 -42.22
CA TYR G 29 -7.62 1.22 -40.80
C TYR G 29 -6.19 0.72 -40.54
N THR G 30 -5.65 1.02 -39.34
CA THR G 30 -4.33 0.58 -38.91
C THR G 30 -4.41 -0.91 -38.51
N PHE G 31 -3.97 -1.79 -39.43
CA PHE G 31 -3.99 -3.24 -39.31
C PHE G 31 -3.16 -3.77 -38.12
N THR G 32 -1.97 -3.18 -37.88
CA THR G 32 -1.03 -3.54 -36.82
C THR G 32 -1.58 -3.37 -35.40
N SER G 33 -2.57 -2.48 -35.20
CA SER G 33 -3.17 -2.21 -33.90
C SER G 33 -4.53 -2.93 -33.71
N TYR G 34 -4.71 -4.09 -34.40
CA TYR G 34 -5.93 -4.90 -34.37
C TYR G 34 -5.62 -6.40 -34.39
N ALA G 35 -6.53 -7.20 -33.81
CA ALA G 35 -6.39 -8.67 -33.84
C ALA G 35 -7.40 -9.25 -34.83
N MET G 36 -6.93 -10.11 -35.72
CA MET G 36 -7.79 -10.74 -36.71
C MET G 36 -8.27 -12.09 -36.19
N HIS G 37 -9.57 -12.27 -36.12
CA HIS G 37 -10.20 -13.50 -35.67
C HIS G 37 -10.68 -14.29 -36.87
N TRP G 38 -10.74 -15.61 -36.73
CA TRP G 38 -11.21 -16.51 -37.77
C TRP G 38 -12.41 -17.29 -37.28
N VAL G 39 -13.51 -17.24 -38.03
CA VAL G 39 -14.77 -17.92 -37.68
C VAL G 39 -15.28 -18.69 -38.89
N ARG G 40 -15.60 -19.98 -38.71
CA ARG G 40 -16.13 -20.78 -39.81
C ARG G 40 -17.64 -20.96 -39.68
N GLN G 41 -18.32 -20.81 -40.82
CA GLN G 41 -19.76 -20.94 -40.95
C GLN G 41 -20.06 -22.21 -41.74
N ALA G 42 -20.49 -23.26 -41.01
CA ALA G 42 -20.86 -24.55 -41.58
C ALA G 42 -22.12 -24.39 -42.46
N PRO G 43 -22.42 -25.31 -43.43
CA PRO G 43 -23.60 -25.11 -44.28
C PRO G 43 -24.93 -25.18 -43.53
N GLY G 44 -25.57 -24.02 -43.40
CA GLY G 44 -26.83 -23.83 -42.69
C GLY G 44 -26.76 -24.28 -41.25
N GLN G 45 -25.69 -23.89 -40.56
CA GLN G 45 -25.43 -24.23 -39.16
C GLN G 45 -24.89 -23.03 -38.38
N ARG G 46 -24.54 -23.26 -37.11
CA ARG G 46 -23.98 -22.30 -36.18
C ARG G 46 -22.57 -21.82 -36.60
N LEU G 47 -22.17 -20.65 -36.07
CA LEU G 47 -20.85 -20.06 -36.30
C LEU G 47 -19.86 -20.69 -35.33
N GLU G 48 -18.64 -20.97 -35.79
CA GLU G 48 -17.60 -21.59 -34.96
C GLU G 48 -16.36 -20.71 -34.89
N TRP G 49 -15.99 -20.28 -33.68
CA TRP G 49 -14.78 -19.48 -33.48
C TRP G 49 -13.56 -20.39 -33.52
N MET G 50 -12.62 -20.09 -34.44
CA MET G 50 -11.41 -20.89 -34.65
C MET G 50 -10.18 -20.39 -33.91
N GLY G 51 -10.03 -19.07 -33.82
CA GLY G 51 -8.91 -18.45 -33.14
C GLY G 51 -8.56 -17.07 -33.63
N TRP G 52 -7.53 -16.46 -33.00
CA TRP G 52 -7.08 -15.12 -33.35
C TRP G 52 -5.57 -14.96 -33.50
N ILE G 53 -5.15 -13.81 -34.07
CA ILE G 53 -3.76 -13.38 -34.27
C ILE G 53 -3.62 -11.90 -33.94
N ASN G 54 -2.74 -11.56 -33.00
CA ASN G 54 -2.49 -10.16 -32.68
C ASN G 54 -1.52 -9.70 -33.74
N ALA G 55 -1.97 -8.84 -34.69
CA ALA G 55 -1.16 -8.36 -35.82
C ALA G 55 0.08 -7.54 -35.40
N GLY G 56 0.07 -7.02 -34.18
CA GLY G 56 1.17 -6.25 -33.61
C GLY G 56 2.39 -7.12 -33.36
N ASN G 57 2.35 -7.90 -32.27
CA ASN G 57 3.46 -8.78 -31.88
C ASN G 57 3.52 -10.08 -32.68
N GLY G 58 2.36 -10.61 -33.08
CA GLY G 58 2.28 -11.86 -33.84
C GLY G 58 1.70 -13.03 -33.08
N ASN G 59 1.39 -12.82 -31.77
CA ASN G 59 0.83 -13.81 -30.84
C ASN G 59 -0.47 -14.41 -31.35
N THR G 60 -0.72 -15.67 -31.01
CA THR G 60 -1.93 -16.38 -31.43
C THR G 60 -2.56 -17.18 -30.31
N LYS G 61 -3.88 -17.40 -30.41
CA LYS G 61 -4.67 -18.25 -29.52
C LYS G 61 -5.65 -19.00 -30.39
N TYR G 62 -5.54 -20.33 -30.39
CA TYR G 62 -6.36 -21.24 -31.18
C TYR G 62 -7.41 -21.95 -30.30
N SER G 63 -8.53 -22.35 -30.91
CA SER G 63 -9.60 -23.11 -30.25
C SER G 63 -9.10 -24.54 -30.03
N GLN G 64 -9.57 -25.23 -28.98
CA GLN G 64 -9.17 -26.62 -28.68
C GLN G 64 -9.54 -27.55 -29.85
N LYS G 65 -10.70 -27.29 -30.50
CA LYS G 65 -11.26 -28.02 -31.64
C LYS G 65 -10.33 -27.99 -32.88
N PHE G 66 -9.52 -26.94 -33.03
CA PHE G 66 -8.63 -26.71 -34.16
C PHE G 66 -7.14 -26.58 -33.78
N GLN G 67 -6.82 -26.69 -32.47
CA GLN G 67 -5.51 -26.54 -31.83
C GLN G 67 -4.32 -27.07 -32.65
N ASP G 68 -4.41 -28.30 -33.20
CA ASP G 68 -3.34 -28.92 -33.98
C ASP G 68 -3.79 -29.27 -35.40
N ARG G 69 -4.29 -28.27 -36.14
CA ARG G 69 -4.76 -28.39 -37.52
C ARG G 69 -4.75 -27.01 -38.19
N VAL G 70 -5.07 -25.98 -37.41
CA VAL G 70 -5.12 -24.58 -37.83
C VAL G 70 -3.82 -23.87 -37.42
N THR G 71 -3.32 -23.02 -38.32
CA THR G 71 -2.14 -22.17 -38.11
C THR G 71 -2.44 -20.80 -38.70
N ILE G 72 -2.47 -19.77 -37.85
CA ILE G 72 -2.75 -18.37 -38.25
C ILE G 72 -1.46 -17.56 -38.34
N THR G 73 -1.27 -16.87 -39.49
CA THR G 73 -0.11 -16.03 -39.80
C THR G 73 -0.54 -14.64 -40.28
N ARG G 74 0.41 -13.68 -40.29
CA ARG G 74 0.16 -12.31 -40.71
C ARG G 74 1.29 -11.71 -41.54
N ASP G 75 0.92 -10.76 -42.43
CA ASP G 75 1.83 -10.00 -43.29
C ASP G 75 1.66 -8.52 -42.95
N THR G 76 2.57 -7.99 -42.11
CA THR G 76 2.52 -6.59 -41.70
C THR G 76 2.75 -5.66 -42.89
N SER G 77 3.70 -6.01 -43.78
CA SER G 77 4.07 -5.25 -44.98
C SER G 77 3.00 -5.23 -46.08
N ALA G 78 1.99 -6.12 -46.04
CA ALA G 78 0.92 -6.17 -47.04
C ALA G 78 -0.51 -6.14 -46.46
N SER G 79 -0.65 -5.81 -45.15
CA SER G 79 -1.92 -5.72 -44.39
C SER G 79 -2.84 -6.95 -44.55
N THR G 80 -2.25 -8.15 -44.73
CA THR G 80 -2.97 -9.41 -44.94
C THR G 80 -2.82 -10.41 -43.78
N ALA G 81 -3.92 -11.12 -43.45
CA ALA G 81 -3.98 -12.14 -42.39
C ALA G 81 -4.30 -13.49 -43.05
N TYR G 82 -3.44 -14.49 -42.81
CA TYR G 82 -3.57 -15.82 -43.41
C TYR G 82 -3.93 -16.89 -42.38
N MET G 83 -4.79 -17.83 -42.79
CA MET G 83 -5.20 -18.96 -41.96
C MET G 83 -5.01 -20.24 -42.76
N GLU G 84 -4.20 -21.17 -42.23
CA GLU G 84 -3.95 -22.44 -42.89
C GLU G 84 -4.55 -23.60 -42.10
N LEU G 85 -5.42 -24.37 -42.77
CA LEU G 85 -6.08 -25.53 -42.18
C LEU G 85 -5.53 -26.79 -42.85
N SER G 86 -4.87 -27.65 -42.06
CA SER G 86 -4.26 -28.90 -42.51
C SER G 86 -5.16 -30.10 -42.27
N SER G 87 -4.93 -31.20 -43.04
CA SER G 87 -5.66 -32.47 -43.00
C SER G 87 -7.18 -32.26 -43.02
N LEU G 88 -7.67 -31.78 -44.17
CA LEU G 88 -9.08 -31.46 -44.41
C LEU G 88 -9.98 -32.70 -44.44
N ARG G 89 -11.23 -32.53 -43.97
CA ARG G 89 -12.27 -33.56 -44.00
C ARG G 89 -13.57 -32.97 -44.54
N SER G 90 -14.56 -33.83 -44.85
CA SER G 90 -15.89 -33.43 -45.36
C SER G 90 -16.63 -32.51 -44.40
N GLU G 91 -16.29 -32.59 -43.09
CA GLU G 91 -16.83 -31.75 -42.01
C GLU G 91 -16.37 -30.29 -42.20
N ASP G 92 -15.12 -30.09 -42.67
CA ASP G 92 -14.51 -28.77 -42.88
C ASP G 92 -15.12 -27.96 -44.06
N THR G 93 -16.09 -28.55 -44.81
CA THR G 93 -16.79 -27.87 -45.91
C THR G 93 -17.62 -26.74 -45.27
N ALA G 94 -17.10 -25.48 -45.35
CA ALA G 94 -17.73 -24.31 -44.73
C ALA G 94 -17.31 -22.99 -45.39
N ILE G 95 -17.99 -21.89 -45.01
CA ILE G 95 -17.69 -20.53 -45.46
C ILE G 95 -16.81 -19.94 -44.35
N TYR G 96 -15.59 -19.54 -44.68
CA TYR G 96 -14.63 -19.04 -43.70
C TYR G 96 -14.58 -17.52 -43.66
N TYR G 97 -14.84 -16.96 -42.46
CA TYR G 97 -14.90 -15.51 -42.19
C TYR G 97 -13.75 -15.02 -41.31
N CYS G 98 -13.25 -13.82 -41.64
CA CYS G 98 -12.24 -13.15 -40.83
C CYS G 98 -12.92 -11.90 -40.28
N ALA G 99 -12.73 -11.65 -38.97
CA ALA G 99 -13.35 -10.51 -38.29
C ALA G 99 -12.36 -9.83 -37.34
N ARG G 100 -12.28 -8.49 -37.39
CA ARG G 100 -11.36 -7.71 -36.55
C ARG G 100 -11.88 -7.47 -35.13
N ASP G 101 -10.99 -6.95 -34.24
CA ASP G 101 -11.19 -6.52 -32.85
C ASP G 101 -9.96 -5.75 -32.39
N LYS G 102 -10.16 -4.58 -31.73
CA LYS G 102 -9.03 -3.77 -31.29
C LYS G 102 -8.24 -4.36 -30.14
N VAL G 103 -6.94 -4.14 -30.20
CA VAL G 103 -5.97 -4.57 -29.21
C VAL G 103 -5.67 -3.37 -28.28
N ASP G 104 -5.33 -3.66 -27.01
CA ASP G 104 -4.93 -2.73 -25.94
C ASP G 104 -3.86 -1.73 -26.47
N ASP G 105 -3.90 -0.48 -25.99
CA ASP G 105 -3.00 0.62 -26.36
C ASP G 105 -1.48 0.30 -26.22
N TYR G 106 -1.15 -0.67 -25.37
CA TYR G 106 0.20 -1.14 -25.10
C TYR G 106 0.62 -2.30 -26.04
N GLY G 107 -0.34 -2.79 -26.83
CA GLY G 107 -0.13 -3.88 -27.79
C GLY G 107 -0.51 -5.26 -27.30
N ASP G 108 -0.90 -5.40 -26.02
CA ASP G 108 -1.28 -6.69 -25.41
C ASP G 108 -2.72 -7.05 -25.78
N TYR G 109 -3.12 -8.33 -25.61
CA TYR G 109 -4.50 -8.71 -25.96
C TYR G 109 -5.13 -9.72 -24.98
N TRP G 110 -5.08 -9.43 -23.66
CA TRP G 110 -5.70 -10.29 -22.65
C TRP G 110 -7.19 -10.23 -22.82
N PHE G 111 -7.77 -9.03 -22.62
CA PHE G 111 -9.20 -8.81 -22.73
C PHE G 111 -9.55 -8.15 -24.04
N PRO G 112 -10.61 -8.62 -24.73
CA PRO G 112 -11.00 -7.99 -26.01
C PRO G 112 -11.80 -6.71 -25.81
N THR G 113 -12.16 -6.04 -26.90
CA THR G 113 -12.95 -4.83 -26.78
C THR G 113 -14.43 -5.19 -26.89
N LEU G 114 -15.29 -4.58 -26.04
CA LEU G 114 -16.74 -4.84 -25.93
C LEU G 114 -17.44 -5.15 -27.25
N TRP G 115 -17.08 -4.39 -28.30
CA TRP G 115 -17.56 -4.53 -29.67
C TRP G 115 -16.56 -5.47 -30.36
N TYR G 116 -16.77 -6.80 -30.24
CA TYR G 116 -15.71 -7.65 -30.82
C TYR G 116 -15.77 -7.70 -32.32
N PHE G 117 -16.74 -8.37 -32.94
CA PHE G 117 -16.67 -8.45 -34.38
C PHE G 117 -17.48 -7.36 -35.07
N ASP G 118 -17.00 -6.11 -34.93
CA ASP G 118 -17.59 -4.89 -35.51
C ASP G 118 -17.53 -4.91 -37.04
N TYR G 119 -16.43 -5.44 -37.59
CA TYR G 119 -16.20 -5.58 -39.03
C TYR G 119 -15.78 -7.00 -39.38
N TRP G 120 -16.39 -7.56 -40.44
CA TRP G 120 -16.14 -8.91 -40.96
C TRP G 120 -15.73 -8.86 -42.43
N GLY G 121 -15.27 -10.00 -42.95
CA GLY G 121 -14.96 -10.18 -44.36
C GLY G 121 -16.17 -10.75 -45.08
N GLN G 122 -16.15 -10.82 -46.42
CA GLN G 122 -17.26 -11.35 -47.23
C GLN G 122 -17.49 -12.87 -47.05
N GLY G 123 -16.41 -13.62 -46.81
CA GLY G 123 -16.42 -15.07 -46.62
C GLY G 123 -15.66 -15.81 -47.71
N THR G 124 -15.37 -17.11 -47.48
CA THR G 124 -14.65 -17.98 -48.43
C THR G 124 -15.18 -19.42 -48.34
N LEU G 125 -15.91 -19.89 -49.36
CA LEU G 125 -16.41 -21.25 -49.35
C LEU G 125 -15.34 -22.24 -49.73
N VAL G 126 -14.96 -23.10 -48.78
CA VAL G 126 -13.97 -24.15 -48.96
C VAL G 126 -14.75 -25.46 -49.11
N THR G 127 -14.77 -26.01 -50.33
CA THR G 127 -15.52 -27.23 -50.66
C THR G 127 -14.62 -28.47 -50.62
N VAL G 128 -15.03 -29.51 -49.85
CA VAL G 128 -14.27 -30.76 -49.72
C VAL G 128 -14.95 -31.89 -50.51
N SER G 129 -14.27 -32.36 -51.57
CA SER G 129 -14.74 -33.40 -52.48
C SER G 129 -14.06 -34.75 -52.19
N GLU H 3 34.00 -67.55 -38.11
CA GLU H 3 34.90 -66.53 -37.58
C GLU H 3 34.46 -65.10 -37.99
N VAL H 4 35.41 -64.18 -38.28
CA VAL H 4 35.16 -62.79 -38.65
C VAL H 4 34.44 -62.68 -40.00
N GLN H 5 33.26 -62.02 -40.00
CA GLN H 5 32.42 -61.83 -41.19
C GLN H 5 31.81 -60.41 -41.27
N LEU H 6 32.30 -59.59 -42.23
CA LEU H 6 31.77 -58.24 -42.45
C LEU H 6 30.76 -58.31 -43.59
N VAL H 7 29.48 -58.05 -43.29
CA VAL H 7 28.42 -58.16 -44.29
C VAL H 7 27.62 -56.86 -44.43
N GLU H 8 27.82 -56.17 -45.57
CA GLU H 8 27.15 -54.92 -45.93
C GLU H 8 25.85 -55.17 -46.73
N SER H 9 24.91 -54.21 -46.70
CA SER H 9 23.62 -54.28 -47.39
C SER H 9 23.73 -54.58 -48.89
N GLY H 10 22.66 -55.12 -49.46
CA GLY H 10 22.58 -55.47 -50.88
C GLY H 10 22.63 -54.29 -51.83
N ALA H 11 22.63 -54.59 -53.15
CA ALA H 11 22.68 -53.60 -54.23
C ALA H 11 21.49 -52.63 -54.20
N GLU H 12 21.78 -51.34 -54.46
CA GLU H 12 20.77 -50.27 -54.44
C GLU H 12 20.98 -49.32 -55.63
N VAL H 13 19.88 -48.97 -56.30
CA VAL H 13 19.89 -48.06 -57.45
C VAL H 13 19.19 -46.77 -57.02
N LYS H 14 19.88 -45.62 -57.15
CA LYS H 14 19.34 -44.31 -56.76
C LYS H 14 19.54 -43.22 -57.82
N LYS H 15 18.48 -42.43 -58.08
CA LYS H 15 18.49 -41.31 -59.03
C LYS H 15 19.37 -40.15 -58.53
N PRO H 16 19.95 -39.28 -59.41
CA PRO H 16 20.83 -38.21 -58.93
C PRO H 16 20.21 -37.23 -57.95
N GLY H 17 21.03 -36.77 -57.00
CA GLY H 17 20.64 -35.83 -55.97
C GLY H 17 20.15 -36.48 -54.69
N ALA H 18 19.77 -37.78 -54.75
CA ALA H 18 19.24 -38.57 -53.64
C ALA H 18 20.27 -38.85 -52.54
N SER H 19 19.90 -39.71 -51.57
CA SER H 19 20.73 -40.09 -50.44
C SER H 19 20.74 -41.61 -50.25
N VAL H 20 21.93 -42.22 -50.09
CA VAL H 20 22.10 -43.66 -49.88
C VAL H 20 22.59 -43.99 -48.49
N LYS H 21 22.01 -45.02 -47.87
CA LYS H 21 22.45 -45.52 -46.58
C LYS H 21 22.85 -46.96 -46.75
N VAL H 22 24.11 -47.27 -46.42
CA VAL H 22 24.65 -48.63 -46.55
C VAL H 22 25.12 -49.15 -45.19
N SER H 23 24.52 -50.26 -44.74
CA SER H 23 24.82 -50.93 -43.47
C SER H 23 26.04 -51.84 -43.65
N CYS H 24 26.62 -52.32 -42.54
CA CYS H 24 27.78 -53.24 -42.51
C CYS H 24 27.78 -53.95 -41.16
N LYS H 25 27.20 -55.17 -41.13
CA LYS H 25 27.10 -55.98 -39.92
C LYS H 25 28.36 -56.78 -39.69
N ALA H 26 28.92 -56.61 -38.48
CA ALA H 26 30.13 -57.26 -38.02
C ALA H 26 29.80 -58.48 -37.16
N SER H 27 30.46 -59.61 -37.46
CA SER H 27 30.25 -60.87 -36.75
C SER H 27 31.56 -61.63 -36.56
N GLY H 28 31.59 -62.46 -35.52
CA GLY H 28 32.73 -63.29 -35.16
C GLY H 28 33.85 -62.59 -34.41
N TYR H 29 33.59 -61.35 -33.93
CA TYR H 29 34.55 -60.55 -33.16
C TYR H 29 33.86 -59.46 -32.34
N THR H 30 34.59 -58.85 -31.38
CA THR H 30 34.09 -57.76 -30.55
C THR H 30 34.10 -56.48 -31.38
N PHE H 31 32.92 -56.10 -31.88
CA PHE H 31 32.68 -54.93 -32.75
C PHE H 31 33.04 -53.59 -32.07
N THR H 32 32.71 -53.44 -30.77
CA THR H 32 32.96 -52.24 -29.96
C THR H 32 34.44 -51.88 -29.80
N SER H 33 35.35 -52.85 -29.91
CA SER H 33 36.79 -52.63 -29.78
C SER H 33 37.52 -52.54 -31.15
N TYR H 34 36.80 -52.10 -32.19
CA TYR H 34 37.29 -51.97 -33.56
C TYR H 34 36.74 -50.72 -34.26
N ALA H 35 37.50 -50.17 -35.23
CA ALA H 35 37.06 -49.04 -36.01
C ALA H 35 36.69 -49.50 -37.42
N MET H 36 35.51 -49.11 -37.88
CA MET H 36 35.04 -49.48 -39.21
C MET H 36 35.39 -48.38 -40.20
N HIS H 37 36.13 -48.75 -41.24
CA HIS H 37 36.53 -47.84 -42.30
C HIS H 37 35.66 -48.05 -43.51
N TRP H 38 35.48 -46.99 -44.31
CA TRP H 38 34.70 -47.05 -45.53
C TRP H 38 35.57 -46.68 -46.72
N VAL H 39 35.59 -47.54 -47.74
CA VAL H 39 36.39 -47.35 -48.95
C VAL H 39 35.54 -47.59 -50.19
N ARG H 40 35.54 -46.65 -51.13
CA ARG H 40 34.77 -46.82 -52.36
C ARG H 40 35.67 -47.21 -53.53
N GLN H 41 35.17 -48.17 -54.30
CA GLN H 41 35.84 -48.71 -55.49
C GLN H 41 35.06 -48.27 -56.72
N ALA H 42 35.62 -47.28 -57.43
CA ALA H 42 35.07 -46.73 -58.65
C ALA H 42 35.11 -47.80 -59.76
N PRO H 43 34.27 -47.72 -60.84
CA PRO H 43 34.29 -48.78 -61.87
C PRO H 43 35.62 -48.86 -62.63
N GLY H 44 36.36 -49.95 -62.36
CA GLY H 44 37.66 -50.22 -62.94
C GLY H 44 38.67 -49.12 -62.68
N GLN H 45 38.72 -48.64 -61.43
CA GLN H 45 39.61 -47.56 -61.00
C GLN H 45 40.22 -47.86 -59.64
N ARG H 46 41.01 -46.91 -59.12
CA ARG H 46 41.68 -46.95 -57.82
C ARG H 46 40.68 -46.96 -56.63
N LEU H 47 41.15 -47.43 -55.46
CA LEU H 47 40.37 -47.46 -54.23
C LEU H 47 40.46 -46.09 -53.56
N GLU H 48 39.33 -45.63 -52.99
CA GLU H 48 39.27 -44.32 -52.35
C GLU H 48 38.86 -44.45 -50.89
N TRP H 49 39.71 -44.02 -49.96
CA TRP H 49 39.40 -44.05 -48.54
C TRP H 49 38.46 -42.88 -48.21
N MET H 50 37.28 -43.19 -47.66
CA MET H 50 36.25 -42.20 -47.33
C MET H 50 36.29 -41.71 -45.89
N GLY H 51 36.60 -42.61 -44.96
CA GLY H 51 36.66 -42.27 -43.55
C GLY H 51 36.41 -43.43 -42.60
N TRP H 52 36.49 -43.15 -41.30
CA TRP H 52 36.29 -44.16 -40.26
C TRP H 52 35.36 -43.74 -39.11
N ILE H 53 34.96 -44.74 -38.29
CA ILE H 53 34.13 -44.59 -37.08
C ILE H 53 34.68 -45.50 -35.98
N ASN H 54 35.03 -44.91 -34.83
CA ASN H 54 35.50 -45.71 -33.70
C ASN H 54 34.22 -46.20 -33.05
N ALA H 55 33.94 -47.52 -33.16
CA ALA H 55 32.70 -48.13 -32.63
C ALA H 55 32.54 -48.03 -31.12
N GLY H 56 33.67 -47.82 -30.41
CA GLY H 56 33.70 -47.65 -28.96
C GLY H 56 33.02 -46.38 -28.51
N ASN H 57 33.70 -45.25 -28.67
CA ASN H 57 33.20 -43.93 -28.27
C ASN H 57 32.20 -43.32 -29.26
N GLY H 58 32.39 -43.60 -30.55
CA GLY H 58 31.52 -43.08 -31.61
C GLY H 58 32.17 -42.04 -32.49
N ASN H 59 33.43 -41.65 -32.19
CA ASN H 59 34.23 -40.65 -32.90
C ASN H 59 34.39 -40.98 -34.39
N THR H 60 34.49 -39.95 -35.22
CA THR H 60 34.65 -40.13 -36.66
C THR H 60 35.70 -39.20 -37.26
N LYS H 61 36.30 -39.63 -38.38
CA LYS H 61 37.23 -38.86 -39.18
C LYS H 61 36.90 -39.14 -40.64
N TYR H 62 36.52 -38.08 -41.36
CA TYR H 62 36.14 -38.15 -42.76
C TYR H 62 37.25 -37.57 -43.67
N SER H 63 37.29 -38.03 -44.93
CA SER H 63 38.23 -37.55 -45.94
C SER H 63 37.78 -36.14 -46.37
N GLN H 64 38.71 -35.27 -46.81
CA GLN H 64 38.38 -33.92 -47.26
C GLN H 64 37.43 -33.94 -48.46
N LYS H 65 37.63 -34.94 -49.36
CA LYS H 65 36.84 -35.21 -50.57
C LYS H 65 35.34 -35.49 -50.28
N PHE H 66 35.04 -36.03 -49.10
CA PHE H 66 33.68 -36.41 -48.67
C PHE H 66 33.20 -35.72 -47.38
N GLN H 67 34.06 -34.84 -46.80
CA GLN H 67 33.86 -34.10 -45.54
C GLN H 67 32.43 -33.63 -45.27
N ASP H 68 31.75 -33.03 -46.25
CA ASP H 68 30.39 -32.51 -46.11
C ASP H 68 29.41 -33.16 -47.09
N ARG H 69 29.34 -34.49 -47.09
CA ARG H 69 28.46 -35.31 -47.94
C ARG H 69 28.26 -36.68 -47.31
N VAL H 70 29.31 -37.20 -46.68
CA VAL H 70 29.33 -38.49 -45.99
C VAL H 70 29.12 -38.29 -44.49
N THR H 71 28.33 -39.18 -43.89
CA THR H 71 28.04 -39.24 -42.46
C THR H 71 28.06 -40.69 -42.04
N ILE H 72 29.01 -41.06 -41.17
CA ILE H 72 29.15 -42.43 -40.70
C ILE H 72 28.58 -42.55 -39.28
N THR H 73 27.77 -43.60 -39.07
CA THR H 73 27.09 -43.94 -37.80
C THR H 73 27.26 -45.43 -37.43
N ARG H 74 26.86 -45.84 -36.21
CA ARG H 74 26.97 -47.24 -35.79
C ARG H 74 25.89 -47.68 -34.82
N ASP H 75 25.71 -49.00 -34.65
CA ASP H 75 24.77 -49.60 -33.70
C ASP H 75 25.49 -50.76 -32.98
N THR H 76 26.01 -50.48 -31.77
CA THR H 76 26.75 -51.43 -30.92
C THR H 76 25.96 -52.72 -30.68
N SER H 77 24.75 -52.57 -30.10
CA SER H 77 23.80 -53.64 -29.76
C SER H 77 23.52 -54.57 -30.94
N ALA H 78 23.38 -54.00 -32.16
CA ALA H 78 23.13 -54.76 -33.39
C ALA H 78 24.40 -55.07 -34.21
N SER H 79 25.58 -54.61 -33.73
CA SER H 79 26.90 -54.80 -34.36
C SER H 79 26.90 -54.43 -35.86
N THR H 80 26.35 -53.24 -36.19
CA THR H 80 26.25 -52.73 -37.55
C THR H 80 26.82 -51.32 -37.66
N ALA H 81 27.47 -51.05 -38.79
CA ALA H 81 28.08 -49.76 -39.12
C ALA H 81 27.41 -49.21 -40.37
N TYR H 82 26.88 -47.98 -40.27
CA TYR H 82 26.15 -47.32 -41.36
C TYR H 82 26.90 -46.14 -41.94
N MET H 83 26.82 -45.99 -43.26
CA MET H 83 27.44 -44.88 -43.97
C MET H 83 26.38 -44.25 -44.87
N GLU H 84 26.14 -42.94 -44.67
CA GLU H 84 25.16 -42.21 -45.46
C GLU H 84 25.84 -41.19 -46.35
N LEU H 85 25.61 -41.29 -47.66
CA LEU H 85 26.16 -40.37 -48.66
C LEU H 85 25.01 -39.54 -49.23
N SER H 86 25.07 -38.22 -49.02
CA SER H 86 24.07 -37.25 -49.46
C SER H 86 24.47 -36.58 -50.78
N SER H 87 23.45 -36.06 -51.52
CA SER H 87 23.58 -35.35 -52.80
C SER H 87 24.45 -36.14 -53.79
N LEU H 88 23.91 -37.28 -54.25
CA LEU H 88 24.56 -38.21 -55.16
C LEU H 88 24.71 -37.70 -56.58
N ARG H 89 25.86 -38.04 -57.21
CA ARG H 89 26.15 -37.70 -58.59
C ARG H 89 26.57 -38.95 -59.36
N SER H 90 26.66 -38.85 -60.70
CA SER H 90 27.08 -39.94 -61.60
C SER H 90 28.49 -40.46 -61.28
N GLU H 91 29.32 -39.60 -60.66
CA GLU H 91 30.69 -39.89 -60.21
C GLU H 91 30.65 -40.91 -59.06
N ASP H 92 29.64 -40.81 -58.18
CA ASP H 92 29.46 -41.67 -57.00
C ASP H 92 29.05 -43.13 -57.33
N THR H 93 28.84 -43.45 -58.62
CA THR H 93 28.51 -44.82 -59.07
C THR H 93 29.77 -45.68 -58.79
N ALA H 94 29.74 -46.46 -57.68
CA ALA H 94 30.87 -47.29 -57.24
C ALA H 94 30.43 -48.47 -56.36
N ILE H 95 31.37 -49.40 -56.06
CA ILE H 95 31.16 -50.55 -55.17
C ILE H 95 31.73 -50.11 -53.79
N TYR H 96 30.88 -50.02 -52.78
CA TYR H 96 31.25 -49.51 -51.47
C TYR H 96 31.63 -50.62 -50.50
N TYR H 97 32.86 -50.55 -49.96
CA TYR H 97 33.45 -51.52 -49.05
C TYR H 97 33.63 -50.99 -47.63
N CYS H 98 33.38 -51.85 -46.64
CA CYS H 98 33.63 -51.55 -45.24
C CYS H 98 34.75 -52.48 -44.80
N ALA H 99 35.75 -51.95 -44.09
CA ALA H 99 36.90 -52.72 -43.63
C ALA H 99 37.28 -52.35 -42.21
N ARG H 100 37.53 -53.35 -41.35
CA ARG H 100 37.87 -53.15 -39.93
C ARG H 100 39.34 -52.82 -39.70
N ASP H 101 39.67 -52.40 -38.46
CA ASP H 101 41.01 -52.09 -37.91
C ASP H 101 40.88 -51.96 -36.39
N LYS H 102 41.78 -52.58 -35.62
CA LYS H 102 41.71 -52.52 -34.17
C LYS H 102 42.05 -51.15 -33.59
N VAL H 103 41.37 -50.81 -32.52
CA VAL H 103 41.52 -49.57 -31.78
C VAL H 103 42.43 -49.92 -30.58
N ASP H 104 43.36 -49.02 -30.20
CA ASP H 104 44.27 -49.20 -29.05
C ASP H 104 43.49 -49.69 -27.81
N ASP H 105 44.08 -50.59 -26.96
CA ASP H 105 43.45 -51.20 -25.77
C ASP H 105 42.80 -50.19 -24.79
N TYR H 106 43.26 -48.93 -24.84
CA TYR H 106 42.79 -47.83 -24.02
C TYR H 106 41.60 -47.08 -24.66
N GLY H 107 41.18 -47.50 -25.85
CA GLY H 107 40.02 -46.97 -26.56
C GLY H 107 40.09 -45.64 -27.31
N ASP H 108 41.32 -45.14 -27.57
CA ASP H 108 41.61 -43.94 -28.36
C ASP H 108 42.14 -44.42 -29.70
N TYR H 109 41.85 -43.71 -30.79
CA TYR H 109 42.27 -44.18 -32.10
C TYR H 109 43.17 -43.19 -32.85
N TRP H 110 44.25 -42.73 -32.20
CA TRP H 110 45.19 -41.80 -32.83
C TRP H 110 45.92 -42.53 -33.94
N PHE H 111 46.68 -43.59 -33.58
CA PHE H 111 47.43 -44.41 -34.51
C PHE H 111 46.72 -45.73 -34.80
N PRO H 112 46.65 -46.16 -36.08
CA PRO H 112 45.99 -47.43 -36.39
C PRO H 112 46.91 -48.64 -36.13
N THR H 113 46.39 -49.85 -36.36
CA THR H 113 47.21 -51.03 -36.17
C THR H 113 47.84 -51.42 -37.50
N LEU H 114 49.14 -51.82 -37.48
CA LEU H 114 49.98 -52.15 -38.66
C LEU H 114 49.23 -52.87 -39.79
N TRP H 115 48.38 -53.84 -39.41
CA TRP H 115 47.51 -54.62 -40.28
C TRP H 115 46.20 -53.83 -40.35
N TYR H 116 46.08 -52.84 -41.27
CA TYR H 116 44.86 -52.06 -41.20
C TYR H 116 43.66 -52.80 -41.77
N PHE H 117 43.57 -53.00 -43.08
CA PHE H 117 42.35 -53.65 -43.54
C PHE H 117 42.50 -55.15 -43.70
N ASP H 118 42.65 -55.84 -42.55
CA ASP H 118 42.81 -57.29 -42.43
C ASP H 118 41.54 -58.03 -42.90
N TYR H 119 40.36 -57.47 -42.59
CA TYR H 119 39.06 -58.00 -42.98
C TYR H 119 38.21 -56.93 -43.63
N TRP H 120 37.57 -57.28 -44.76
CA TRP H 120 36.70 -56.41 -45.57
C TRP H 120 35.30 -57.04 -45.72
N GLY H 121 34.37 -56.24 -46.23
CA GLY H 121 33.02 -56.69 -46.56
C GLY H 121 32.98 -57.10 -48.02
N GLN H 122 31.85 -57.69 -48.51
CA GLN H 122 31.76 -58.15 -49.91
C GLN H 122 31.69 -57.03 -50.93
N GLY H 123 31.09 -55.92 -50.52
CA GLY H 123 30.89 -54.73 -51.34
C GLY H 123 29.42 -54.42 -51.55
N THR H 124 29.12 -53.20 -52.06
CA THR H 124 27.76 -52.75 -52.35
C THR H 124 27.75 -51.81 -53.57
N LEU H 125 27.23 -52.28 -54.71
CA LEU H 125 27.19 -51.44 -55.91
C LEU H 125 26.04 -50.45 -55.84
N VAL H 126 26.40 -49.16 -55.77
CA VAL H 126 25.45 -48.05 -55.73
C VAL H 126 25.44 -47.46 -57.15
N THR H 127 24.32 -47.66 -57.88
CA THR H 127 24.18 -47.21 -59.26
C THR H 127 23.41 -45.89 -59.33
N VAL H 128 23.99 -44.87 -60.00
CA VAL H 128 23.37 -43.55 -60.17
C VAL H 128 22.82 -43.38 -61.60
N SER H 129 21.47 -43.29 -61.72
CA SER H 129 20.76 -43.16 -62.98
C SER H 129 20.28 -41.73 -63.20
N GLN I 7 -18.60 68.88 41.97
CA GLN I 7 -19.36 69.84 41.17
C GLN I 7 -20.80 69.38 41.01
N SER I 8 -21.78 70.24 41.39
CA SER I 8 -23.22 69.94 41.28
C SER I 8 -23.64 69.85 39.82
N ALA I 9 -24.47 68.86 39.47
CA ALA I 9 -24.92 68.67 38.10
C ALA I 9 -26.06 69.61 37.71
N LEU I 10 -26.89 70.05 38.71
CA LEU I 10 -28.01 70.99 38.51
C LEU I 10 -27.79 72.32 39.24
N THR I 11 -28.03 73.44 38.53
CA THR I 11 -27.87 74.80 39.06
C THR I 11 -29.09 75.21 39.89
N GLN I 12 -28.90 75.31 41.21
CA GLN I 12 -29.94 75.69 42.16
C GLN I 12 -29.48 76.89 43.02
N PRO I 13 -30.37 77.87 43.35
CA PRO I 13 -29.93 79.01 44.16
C PRO I 13 -29.61 78.61 45.60
N ALA I 14 -28.59 79.25 46.20
CA ALA I 14 -28.12 78.98 47.56
C ALA I 14 -29.22 78.99 48.63
N SER I 15 -29.95 80.12 48.76
CA SER I 15 -31.02 80.28 49.75
C SER I 15 -32.08 81.26 49.26
N VAL I 16 -33.31 81.09 49.79
CA VAL I 16 -34.47 81.90 49.46
C VAL I 16 -35.17 82.34 50.76
N SER I 17 -35.66 83.59 50.79
CA SER I 17 -36.39 84.14 51.92
C SER I 17 -37.67 84.81 51.45
N GLY I 18 -38.72 84.67 52.25
CA GLY I 18 -40.02 85.24 51.95
C GLY I 18 -40.90 85.46 53.17
N SER I 19 -41.74 86.51 53.11
CA SER I 19 -42.67 86.90 54.18
C SER I 19 -43.80 85.87 54.37
N PRO I 20 -44.25 85.58 55.62
CA PRO I 20 -45.31 84.58 55.81
C PRO I 20 -46.64 84.94 55.14
N GLY I 21 -47.06 84.09 54.20
CA GLY I 21 -48.30 84.26 53.43
C GLY I 21 -48.11 84.67 51.99
N GLN I 22 -46.86 84.96 51.59
CA GLN I 22 -46.51 85.38 50.22
C GLN I 22 -45.97 84.22 49.38
N SER I 23 -46.06 84.35 48.04
CA SER I 23 -45.58 83.36 47.07
C SER I 23 -44.11 83.58 46.71
N ILE I 24 -43.37 82.48 46.49
CA ILE I 24 -41.96 82.53 46.11
C ILE I 24 -41.61 81.36 45.15
N THR I 25 -40.63 81.59 44.25
CA THR I 25 -40.20 80.64 43.23
C THR I 25 -38.73 80.23 43.39
N ILE I 26 -38.45 78.92 43.30
CA ILE I 26 -37.10 78.36 43.35
C ILE I 26 -36.81 77.75 41.98
N SER I 27 -35.71 78.19 41.34
CA SER I 27 -35.27 77.74 40.02
C SER I 27 -34.35 76.51 40.06
N CYS I 28 -34.25 75.80 38.92
CA CYS I 28 -33.45 74.58 38.74
C CYS I 28 -33.01 74.52 37.27
N THR I 29 -31.74 74.82 37.00
CA THR I 29 -31.18 74.83 35.65
C THR I 29 -30.46 73.53 35.35
N GLY I 30 -30.78 72.95 34.20
CA GLY I 30 -30.21 71.71 33.70
C GLY I 30 -29.77 71.82 32.25
N THR I 31 -29.64 70.66 31.58
CA THR I 31 -29.21 70.57 30.18
C THR I 31 -30.28 69.89 29.32
N SER I 32 -30.03 69.80 28.00
CA SER I 32 -30.91 69.18 27.02
C SER I 32 -31.00 67.66 27.19
N SER I 33 -30.13 67.10 28.03
CA SER I 33 -30.02 65.68 28.31
C SER I 33 -30.64 65.25 29.65
N ASP I 34 -31.37 66.15 30.34
CA ASP I 34 -32.01 65.83 31.63
C ASP I 34 -33.31 66.62 31.90
N VAL I 35 -33.22 67.95 32.13
CA VAL I 35 -34.34 68.85 32.41
C VAL I 35 -34.93 69.34 31.07
N GLY I 36 -34.05 69.56 30.10
CA GLY I 36 -34.43 70.03 28.78
C GLY I 36 -35.09 68.99 27.90
N GLY I 37 -34.67 67.73 28.02
CA GLY I 37 -35.17 66.66 27.19
C GLY I 37 -36.22 65.74 27.77
N PHE I 38 -36.34 65.69 29.11
CA PHE I 38 -37.28 64.77 29.77
C PHE I 38 -38.12 65.43 30.86
N ASN I 39 -39.35 64.89 31.04
CA ASN I 39 -40.30 65.34 32.06
C ASN I 39 -39.96 64.81 33.46
N TYR I 40 -38.96 63.91 33.58
CA TYR I 40 -38.50 63.34 34.85
C TYR I 40 -37.88 64.43 35.71
N VAL I 41 -38.72 65.21 36.39
CA VAL I 41 -38.27 66.32 37.24
C VAL I 41 -39.00 66.17 38.54
N SER I 42 -38.23 66.13 39.63
CA SER I 42 -38.80 65.99 40.95
C SER I 42 -38.23 67.00 41.93
N TRP I 43 -38.99 67.32 42.98
CA TRP I 43 -38.59 68.24 44.02
C TRP I 43 -38.73 67.58 45.38
N PHE I 44 -37.78 67.81 46.28
CA PHE I 44 -37.78 67.19 47.61
C PHE I 44 -37.64 68.20 48.73
N GLN I 45 -38.43 68.03 49.81
CA GLN I 45 -38.39 68.89 50.99
C GLN I 45 -37.66 68.13 52.09
N GLN I 46 -36.64 68.76 52.68
CA GLN I 46 -35.87 68.15 53.75
C GLN I 46 -35.72 69.11 54.93
N HIS I 47 -36.49 68.86 55.98
CA HIS I 47 -36.41 69.63 57.23
C HIS I 47 -35.18 69.09 57.99
N PRO I 48 -34.43 69.94 58.75
CA PRO I 48 -33.22 69.44 59.44
C PRO I 48 -33.40 68.14 60.23
N GLY I 49 -32.45 67.22 60.03
CA GLY I 49 -32.43 65.92 60.67
C GLY I 49 -33.16 64.83 59.90
N LYS I 50 -34.37 65.15 59.40
CA LYS I 50 -35.25 64.24 58.65
C LYS I 50 -34.72 63.85 57.25
N ALA I 51 -35.30 62.77 56.69
CA ALA I 51 -35.00 62.25 55.36
C ALA I 51 -35.74 63.10 54.31
N PRO I 52 -35.32 63.13 53.01
CA PRO I 52 -36.05 63.95 52.03
C PRO I 52 -37.44 63.41 51.71
N LYS I 53 -38.39 64.31 51.39
CA LYS I 53 -39.78 63.96 51.07
C LYS I 53 -40.16 64.47 49.69
N LEU I 54 -40.61 63.56 48.79
CA LEU I 54 -41.04 63.85 47.42
C LEU I 54 -42.21 64.87 47.49
N MET I 55 -41.96 66.10 46.99
CA MET I 55 -42.94 67.20 46.97
C MET I 55 -43.63 67.30 45.65
N LEU I 56 -42.86 67.22 44.55
CA LEU I 56 -43.39 67.27 43.18
C LEU I 56 -42.67 66.29 42.28
N TYR I 57 -43.40 65.67 41.36
CA TYR I 57 -42.88 64.71 40.36
C TYR I 57 -43.51 65.02 39.01
N ASP I 58 -42.88 64.61 37.89
CA ASP I 58 -43.35 64.88 36.52
C ASP I 58 -43.69 66.37 36.38
N VAL I 59 -42.73 67.21 36.85
CA VAL I 59 -42.75 68.68 36.88
C VAL I 59 -43.89 69.24 37.76
N THR I 60 -45.15 69.13 37.28
CA THR I 60 -46.36 69.67 37.87
C THR I 60 -47.01 68.82 38.96
N SER I 61 -47.09 67.47 38.78
CA SER I 61 -47.75 66.54 39.70
C SER I 61 -47.22 66.57 41.15
N ARG I 62 -48.02 66.10 42.11
CA ARG I 62 -47.65 66.04 43.53
C ARG I 62 -48.27 64.82 44.25
N PRO I 63 -47.56 64.20 45.23
CA PRO I 63 -48.12 63.02 45.94
C PRO I 63 -49.32 63.35 46.81
N SER I 64 -50.07 62.30 47.22
CA SER I 64 -51.32 62.37 47.99
C SER I 64 -51.30 63.28 49.24
N GLY I 65 -50.39 63.01 50.17
CA GLY I 65 -50.30 63.79 51.41
C GLY I 65 -49.42 65.02 51.33
N VAL I 66 -49.53 65.78 50.20
CA VAL I 66 -48.75 67.00 49.94
C VAL I 66 -49.68 68.17 49.66
N SER I 67 -49.40 69.32 50.32
CA SER I 67 -50.14 70.58 50.20
C SER I 67 -50.17 71.09 48.77
N SER I 68 -51.35 71.59 48.35
CA SER I 68 -51.63 72.12 47.01
C SER I 68 -51.01 73.50 46.71
N ARG I 69 -50.34 74.11 47.69
CA ARG I 69 -49.66 75.40 47.57
C ARG I 69 -48.46 75.28 46.64
N PHE I 70 -47.77 74.12 46.70
CA PHE I 70 -46.59 73.76 45.92
C PHE I 70 -46.95 73.51 44.46
N SER I 71 -46.31 74.25 43.54
CA SER I 71 -46.54 74.17 42.10
C SER I 71 -45.23 73.91 41.35
N GLY I 72 -45.36 73.35 40.15
CA GLY I 72 -44.22 73.06 39.29
C GLY I 72 -44.31 73.69 37.92
N SER I 73 -43.16 74.08 37.35
CA SER I 73 -43.06 74.70 36.03
C SER I 73 -41.78 74.24 35.31
N LYS I 74 -41.77 74.32 33.97
CA LYS I 74 -40.61 73.96 33.15
C LYS I 74 -40.62 74.73 31.84
N SER I 75 -39.47 75.36 31.54
CA SER I 75 -39.23 76.13 30.31
C SER I 75 -37.81 75.79 29.84
N GLY I 76 -37.70 75.26 28.62
CA GLY I 76 -36.42 74.85 28.03
C GLY I 76 -35.71 73.87 28.93
N ASN I 77 -34.54 74.28 29.45
CA ASN I 77 -33.72 73.49 30.36
C ASN I 77 -33.81 74.00 31.81
N THR I 78 -34.88 74.76 32.15
CA THR I 78 -35.07 75.32 33.49
C THR I 78 -36.45 74.99 34.09
N ALA I 79 -36.43 74.35 35.28
CA ALA I 79 -37.62 73.95 36.04
C ALA I 79 -37.76 74.80 37.30
N SER I 80 -39.02 75.13 37.66
CA SER I 80 -39.34 76.00 38.80
C SER I 80 -40.32 75.38 39.82
N LEU I 81 -40.02 75.58 41.14
CA LEU I 81 -40.87 75.16 42.28
C LEU I 81 -41.50 76.44 42.82
N THR I 82 -42.83 76.55 42.81
CA THR I 82 -43.50 77.77 43.27
C THR I 82 -44.39 77.48 44.49
N ILE I 83 -44.02 78.03 45.65
CA ILE I 83 -44.78 77.86 46.90
C ILE I 83 -45.61 79.10 47.19
N SER I 84 -46.90 79.08 46.78
CA SER I 84 -47.82 80.19 46.99
C SER I 84 -48.37 80.17 48.41
N GLY I 85 -48.26 81.31 49.10
CA GLY I 85 -48.72 81.46 50.48
C GLY I 85 -47.82 80.71 51.44
N LEU I 86 -46.78 81.39 51.94
CA LEU I 86 -45.81 80.80 52.86
C LEU I 86 -46.38 80.50 54.24
N GLN I 87 -46.36 79.21 54.61
CA GLN I 87 -46.83 78.70 55.88
C GLN I 87 -45.65 78.56 56.85
N ALA I 88 -45.92 78.30 58.14
CA ALA I 88 -44.94 78.16 59.22
C ALA I 88 -43.90 77.04 58.97
N GLU I 89 -44.35 75.77 58.82
CA GLU I 89 -43.45 74.64 58.60
C GLU I 89 -43.06 74.48 57.12
N ASP I 90 -42.40 75.53 56.59
CA ASP I 90 -41.90 75.59 55.22
C ASP I 90 -40.38 75.74 55.23
N GLU I 91 -39.83 76.28 56.34
CA GLU I 91 -38.41 76.52 56.59
C GLU I 91 -37.64 75.18 56.53
N ALA I 92 -37.23 74.79 55.32
CA ALA I 92 -36.53 73.53 55.03
C ALA I 92 -35.61 73.65 53.80
N ASP I 93 -34.89 72.56 53.49
CA ASP I 93 -33.98 72.48 52.35
C ASP I 93 -34.67 71.80 51.16
N TYR I 94 -34.74 72.50 50.01
CA TYR I 94 -35.38 71.98 48.81
C TYR I 94 -34.37 71.58 47.74
N TYR I 95 -34.55 70.38 47.15
CA TYR I 95 -33.66 69.82 46.13
C TYR I 95 -34.42 69.35 44.91
N CYS I 96 -33.98 69.77 43.71
CA CYS I 96 -34.58 69.31 42.45
C CYS I 96 -33.76 68.12 41.93
N SER I 97 -34.40 67.21 41.19
CA SER I 97 -33.72 66.04 40.64
C SER I 97 -34.21 65.72 39.25
N SER I 98 -33.37 65.04 38.46
CA SER I 98 -33.71 64.66 37.09
C SER I 98 -33.10 63.34 36.65
N HIS I 99 -33.84 62.58 35.84
CA HIS I 99 -33.38 61.34 35.23
C HIS I 99 -32.81 61.72 33.86
N THR I 100 -31.52 61.46 33.67
CA THR I 100 -30.78 61.79 32.45
C THR I 100 -31.03 60.82 31.30
N SER I 101 -30.61 61.22 30.09
CA SER I 101 -30.73 60.43 28.87
C SER I 101 -29.92 59.14 28.99
N ARG I 102 -28.80 59.22 29.71
CA ARG I 102 -27.89 58.09 29.93
C ARG I 102 -28.43 57.08 30.95
N GLY I 103 -29.61 57.35 31.49
CA GLY I 103 -30.27 56.46 32.43
C GLY I 103 -29.83 56.61 33.87
N THR I 104 -29.23 57.77 34.22
CA THR I 104 -28.74 58.06 35.57
C THR I 104 -29.56 59.18 36.23
N TRP I 105 -29.33 59.46 37.52
CA TRP I 105 -30.03 60.50 38.28
C TRP I 105 -29.08 61.60 38.71
N VAL I 106 -29.52 62.86 38.54
CA VAL I 106 -28.74 64.04 38.92
C VAL I 106 -29.51 64.91 39.91
N PHE I 107 -28.79 65.50 40.86
CA PHE I 107 -29.39 66.38 41.86
C PHE I 107 -28.91 67.82 41.72
N GLY I 108 -29.58 68.73 42.41
CA GLY I 108 -29.22 70.14 42.45
C GLY I 108 -28.44 70.47 43.70
N GLY I 109 -27.88 71.68 43.75
CA GLY I 109 -27.12 72.16 44.90
C GLY I 109 -27.92 72.18 46.19
N GLY I 110 -29.14 72.69 46.09
CA GLY I 110 -30.05 72.80 47.22
C GLY I 110 -30.36 74.24 47.58
N THR I 111 -31.54 74.47 48.16
CA THR I 111 -31.97 75.80 48.57
C THR I 111 -32.52 75.76 49.99
N LYS I 112 -31.99 76.65 50.85
CA LYS I 112 -32.42 76.79 52.23
C LYS I 112 -33.51 77.86 52.24
N LEU I 113 -34.74 77.44 52.57
CA LEU I 113 -35.87 78.36 52.62
C LEU I 113 -36.01 78.93 54.02
N THR I 114 -36.21 80.26 54.12
CA THR I 114 -36.36 80.95 55.39
C THR I 114 -37.73 81.64 55.47
N VAL I 115 -38.49 81.29 56.53
CA VAL I 115 -39.86 81.80 56.77
C VAL I 115 -39.89 83.24 57.32
N LEU I 116 -38.81 83.67 58.03
CA LEU I 116 -38.63 85.00 58.62
C LEU I 116 -39.68 85.33 59.71
N GLN J 7 -0.92 -7.47 50.01
CA GLN J 7 -0.80 -8.76 49.34
C GLN J 7 -0.04 -8.62 48.01
N SER J 8 1.05 -9.39 47.83
CA SER J 8 1.88 -9.40 46.62
C SER J 8 1.09 -9.96 45.43
N ALA J 9 1.20 -9.32 44.27
CA ALA J 9 0.48 -9.76 43.08
C ALA J 9 1.14 -10.96 42.36
N LEU J 10 2.48 -11.11 42.49
CA LEU J 10 3.22 -12.22 41.89
C LEU J 10 3.92 -13.06 42.95
N THR J 11 3.78 -14.41 42.85
CA THR J 11 4.32 -15.39 43.79
C THR J 11 5.82 -15.64 43.55
N GLN J 12 6.66 -15.17 44.46
CA GLN J 12 8.11 -15.31 44.40
C GLN J 12 8.65 -16.00 45.69
N PRO J 13 9.67 -16.89 45.60
CA PRO J 13 10.17 -17.54 46.82
C PRO J 13 10.92 -16.56 47.73
N ALA J 14 10.80 -16.74 49.05
CA ALA J 14 11.41 -15.89 50.08
C ALA J 14 12.91 -15.66 49.89
N SER J 15 13.70 -16.75 49.86
CA SER J 15 15.16 -16.69 49.70
C SER J 15 15.71 -17.92 49.00
N VAL J 16 16.86 -17.75 48.34
CA VAL J 16 17.56 -18.79 47.61
C VAL J 16 19.05 -18.79 48.00
N SER J 17 19.63 -20.00 48.15
CA SER J 17 21.04 -20.18 48.49
C SER J 17 21.69 -21.17 47.54
N GLY J 18 22.93 -20.90 47.18
CA GLY J 18 23.69 -21.74 46.26
C GLY J 18 25.20 -21.60 46.41
N SER J 19 25.92 -22.71 46.17
CA SER J 19 27.38 -22.79 46.25
C SER J 19 28.07 -21.97 45.15
N PRO J 20 29.22 -21.29 45.43
CA PRO J 20 29.88 -20.48 44.38
C PRO J 20 30.35 -21.28 43.17
N GLY J 21 29.79 -20.97 42.01
CA GLY J 21 30.10 -21.62 40.74
C GLY J 21 29.02 -22.54 40.19
N GLN J 22 27.95 -22.75 40.98
CA GLN J 22 26.83 -23.61 40.61
C GLN J 22 25.63 -22.81 40.08
N SER J 23 24.75 -23.48 39.30
CA SER J 23 23.54 -22.89 38.71
C SER J 23 22.35 -22.98 39.67
N ILE J 24 21.48 -21.95 39.66
CA ILE J 24 20.27 -21.91 40.49
C ILE J 24 19.13 -21.18 39.76
N THR J 25 17.88 -21.58 40.04
CA THR J 25 16.66 -21.04 39.41
C THR J 25 15.72 -20.37 40.42
N ILE J 26 15.20 -19.17 40.07
CA ILE J 26 14.28 -18.36 40.88
C ILE J 26 12.93 -18.22 40.13
N SER J 27 11.87 -18.85 40.67
CA SER J 27 10.53 -18.87 40.08
C SER J 27 9.71 -17.59 40.30
N CYS J 28 8.69 -17.38 39.45
CA CYS J 28 7.78 -16.23 39.49
C CYS J 28 6.43 -16.68 38.93
N THR J 29 5.45 -16.87 39.82
CA THR J 29 4.11 -17.32 39.46
C THR J 29 3.15 -16.13 39.32
N GLY J 30 2.44 -16.11 38.20
CA GLY J 30 1.46 -15.09 37.86
C GLY J 30 0.14 -15.69 37.39
N THR J 31 -0.65 -14.89 36.67
CA THR J 31 -1.96 -15.28 36.14
C THR J 31 -2.01 -15.17 34.62
N SER J 32 -3.14 -15.59 34.01
CA SER J 32 -3.37 -15.55 32.57
C SER J 32 -3.49 -14.12 32.03
N SER J 33 -3.59 -13.15 32.94
CA SER J 33 -3.73 -11.73 32.63
C SER J 33 -2.45 -10.91 32.79
N ASP J 34 -1.29 -11.57 32.98
CA ASP J 34 0.01 -10.90 33.09
C ASP J 34 1.18 -11.76 32.57
N VAL J 35 1.59 -12.80 33.35
CA VAL J 35 2.71 -13.69 33.04
C VAL J 35 2.25 -14.75 32.05
N GLY J 36 1.01 -15.19 32.20
CA GLY J 36 0.41 -16.21 31.35
C GLY J 36 0.00 -15.72 29.97
N GLY J 37 -0.43 -14.47 29.88
CA GLY J 37 -0.91 -13.90 28.63
C GLY J 37 0.04 -13.01 27.85
N PHE J 38 1.06 -12.45 28.52
CA PHE J 38 2.00 -11.52 27.88
C PHE J 38 3.46 -11.81 28.12
N ASN J 39 4.31 -11.46 27.14
CA ASN J 39 5.76 -11.62 27.18
C ASN J 39 6.43 -10.54 28.04
N TYR J 40 5.68 -9.50 28.49
CA TYR J 40 6.19 -8.42 29.33
C TYR J 40 6.60 -8.96 30.68
N VAL J 41 7.79 -9.54 30.76
CA VAL J 41 8.32 -10.12 32.00
C VAL J 41 9.72 -9.60 32.15
N SER J 42 9.98 -9.01 33.32
CA SER J 42 11.28 -8.46 33.60
C SER J 42 11.80 -8.89 34.96
N TRP J 43 13.13 -8.89 35.12
CA TRP J 43 13.79 -9.25 36.36
C TRP J 43 14.73 -8.13 36.78
N PHE J 44 14.78 -7.83 38.08
CA PHE J 44 15.61 -6.75 38.61
C PHE J 44 16.52 -7.20 39.74
N GLN J 45 17.79 -6.76 39.71
CA GLN J 45 18.79 -7.06 40.75
C GLN J 45 18.93 -5.82 41.63
N GLN J 46 18.80 -6.00 42.95
CA GLN J 46 18.94 -4.91 43.90
C GLN J 46 19.87 -5.28 45.05
N HIS J 47 21.11 -4.75 44.98
CA HIS J 47 22.11 -4.95 46.02
C HIS J 47 21.73 -3.98 47.16
N PRO J 48 21.97 -4.33 48.45
CA PRO J 48 21.57 -3.43 49.55
C PRO J 48 21.97 -1.96 49.40
N GLY J 49 21.01 -1.07 49.63
CA GLY J 49 21.19 0.38 49.52
C GLY J 49 20.89 0.94 48.16
N LYS J 50 21.41 0.28 47.10
CA LYS J 50 21.26 0.66 45.69
C LYS J 50 19.82 0.55 45.14
N ALA J 51 19.60 1.22 44.00
CA ALA J 51 18.34 1.22 43.25
C ALA J 51 18.26 -0.09 42.42
N PRO J 52 17.05 -0.57 42.00
CA PRO J 52 17.00 -1.81 41.21
C PRO J 52 17.61 -1.67 39.80
N LYS J 53 18.18 -2.76 39.26
CA LYS J 53 18.80 -2.78 37.93
C LYS J 53 18.17 -3.85 37.06
N LEU J 54 17.67 -3.44 35.87
CA LEU J 54 17.06 -4.33 34.89
C LEU J 54 18.06 -5.42 34.45
N MET J 55 17.75 -6.68 34.78
CA MET J 55 18.59 -7.83 34.48
C MET J 55 18.12 -8.57 33.24
N LEU J 56 16.81 -8.80 33.14
CA LEU J 56 16.19 -9.47 32.01
C LEU J 56 14.87 -8.82 31.65
N TYR J 57 14.57 -8.76 30.35
CA TYR J 57 13.32 -8.20 29.81
C TYR J 57 12.83 -9.12 28.70
N ASP J 58 11.52 -9.08 28.36
CA ASP J 58 10.90 -9.94 27.33
C ASP J 58 11.31 -11.39 27.58
N VAL J 59 11.17 -11.82 28.86
CA VAL J 59 11.49 -13.13 29.43
C VAL J 59 13.00 -13.48 29.29
N THR J 60 13.45 -13.79 28.05
CA THR J 60 14.80 -14.24 27.70
C THR J 60 15.85 -13.14 27.53
N SER J 61 15.50 -12.02 26.87
CA SER J 61 16.43 -10.91 26.55
C SER J 61 17.11 -10.28 27.78
N ARG J 62 18.27 -9.61 27.57
CA ARG J 62 19.02 -8.94 28.62
C ARG J 62 19.72 -7.65 28.11
N PRO J 63 19.83 -6.58 28.95
CA PRO J 63 20.48 -5.33 28.49
C PRO J 63 21.99 -5.48 28.24
N SER J 64 22.57 -4.51 27.51
CA SER J 64 23.98 -4.49 27.06
C SER J 64 25.03 -4.80 28.14
N GLY J 65 25.04 -4.04 29.24
CA GLY J 65 26.01 -4.22 30.32
C GLY J 65 25.60 -5.21 31.39
N VAL J 66 25.02 -6.36 30.96
CA VAL J 66 24.55 -7.44 31.84
C VAL J 66 25.20 -8.77 31.46
N SER J 67 25.71 -9.50 32.47
CA SER J 67 26.37 -10.81 32.34
C SER J 67 25.46 -11.85 31.68
N SER J 68 26.03 -12.65 30.78
CA SER J 68 25.35 -13.70 30.01
C SER J 68 24.99 -14.97 30.82
N ARG J 69 25.36 -15.01 32.11
CA ARG J 69 25.08 -16.12 33.02
C ARG J 69 23.59 -16.18 33.32
N PHE J 70 22.96 -15.00 33.41
CA PHE J 70 21.53 -14.81 33.69
C PHE J 70 20.68 -15.20 32.49
N SER J 71 19.75 -16.15 32.71
CA SER J 71 18.83 -16.66 31.69
C SER J 71 17.37 -16.51 32.12
N GLY J 72 16.48 -16.50 31.14
CA GLY J 72 15.05 -16.39 31.36
C GLY J 72 14.25 -17.53 30.75
N SER J 73 13.16 -17.92 31.41
CA SER J 73 12.26 -18.99 30.96
C SER J 73 10.81 -18.65 31.32
N LYS J 74 9.85 -19.24 30.60
CA LYS J 74 8.43 -19.05 30.85
C LYS J 74 7.63 -20.27 30.38
N SER J 75 6.78 -20.77 31.28
CA SER J 75 5.88 -21.90 31.05
C SER J 75 4.53 -21.54 31.67
N GLY J 76 3.48 -21.50 30.85
CA GLY J 76 2.13 -21.16 31.28
C GLY J 76 2.11 -19.81 31.96
N ASN J 77 1.78 -19.79 33.27
CA ASN J 77 1.73 -18.58 34.08
C ASN J 77 2.94 -18.48 35.04
N THR J 78 4.04 -19.21 34.73
CA THR J 78 5.24 -19.24 35.57
C THR J 78 6.53 -18.91 34.78
N ALA J 79 7.19 -17.80 35.12
CA ALA J 79 8.42 -17.35 34.44
C ALA J 79 9.60 -17.38 35.40
N SER J 80 10.73 -17.93 34.97
CA SER J 80 11.87 -18.09 35.86
C SER J 80 13.20 -17.50 35.39
N LEU J 81 14.01 -17.02 36.36
CA LEU J 81 15.37 -16.49 36.16
C LEU J 81 16.36 -17.58 36.59
N THR J 82 17.33 -17.92 35.70
CA THR J 82 18.34 -18.96 35.95
C THR J 82 19.76 -18.36 35.89
N ILE J 83 20.45 -18.35 37.04
CA ILE J 83 21.82 -17.82 37.12
C ILE J 83 22.83 -18.98 37.16
N SER J 84 23.38 -19.32 35.98
CA SER J 84 24.36 -20.39 35.85
C SER J 84 25.75 -19.91 36.24
N GLY J 85 26.39 -20.65 37.15
CA GLY J 85 27.71 -20.32 37.66
C GLY J 85 27.68 -19.12 38.59
N LEU J 86 27.46 -19.37 39.89
CA LEU J 86 27.36 -18.31 40.88
C LEU J 86 28.68 -17.59 41.15
N GLN J 87 28.68 -16.28 40.88
CA GLN J 87 29.83 -15.40 41.07
C GLN J 87 29.70 -14.70 42.44
N ALA J 88 30.77 -14.00 42.88
CA ALA J 88 30.85 -13.28 44.16
C ALA J 88 29.79 -12.20 44.34
N GLU J 89 29.73 -11.19 43.45
CA GLU J 89 28.75 -10.10 43.55
C GLU J 89 27.39 -10.47 42.93
N ASP J 90 26.78 -11.51 43.50
CA ASP J 90 25.46 -12.01 43.10
C ASP J 90 24.48 -11.91 44.27
N GLU J 91 25.02 -11.87 45.51
CA GLU J 91 24.30 -11.76 46.78
C GLU J 91 23.50 -10.46 46.81
N ALA J 92 22.26 -10.50 46.28
CA ALA J 92 21.36 -9.35 46.17
C ALA J 92 19.90 -9.81 46.24
N ASP J 93 18.94 -8.85 46.14
CA ASP J 93 17.50 -9.14 46.15
C ASP J 93 16.91 -9.00 44.74
N TYR J 94 16.34 -10.10 44.21
CA TYR J 94 15.79 -10.21 42.86
C TYR J 94 14.27 -10.11 42.83
N TYR J 95 13.75 -9.28 41.91
CA TYR J 95 12.31 -9.02 41.76
C TYR J 95 11.85 -9.21 40.33
N CYS J 96 10.78 -10.00 40.11
CA CYS J 96 10.18 -10.18 38.79
C CYS J 96 9.03 -9.16 38.64
N SER J 97 8.74 -8.74 37.41
CA SER J 97 7.68 -7.79 37.15
C SER J 97 6.95 -8.12 35.87
N SER J 98 5.69 -7.68 35.76
CA SER J 98 4.86 -7.94 34.59
C SER J 98 3.87 -6.83 34.28
N HIS J 99 3.65 -6.58 32.99
CA HIS J 99 2.66 -5.62 32.52
C HIS J 99 1.36 -6.40 32.28
N THR J 100 0.31 -6.04 33.01
CA THR J 100 -0.99 -6.69 32.99
C THR J 100 -1.83 -6.32 31.78
N SER J 101 -2.92 -7.08 31.55
CA SER J 101 -3.86 -6.87 30.46
C SER J 101 -4.56 -5.53 30.61
N ARG J 102 -4.79 -5.12 31.88
CA ARG J 102 -5.45 -3.86 32.23
C ARG J 102 -4.55 -2.63 32.03
N GLY J 103 -3.32 -2.86 31.59
CA GLY J 103 -2.37 -1.80 31.31
C GLY J 103 -1.61 -1.29 32.52
N THR J 104 -1.53 -2.10 33.57
CA THR J 104 -0.83 -1.76 34.82
C THR J 104 0.41 -2.65 35.04
N TRP J 105 1.24 -2.34 36.05
CA TRP J 105 2.44 -3.11 36.37
C TRP J 105 2.34 -3.78 37.72
N VAL J 106 2.74 -5.06 37.78
CA VAL J 106 2.73 -5.86 39.01
C VAL J 106 4.12 -6.37 39.35
N PHE J 107 4.44 -6.42 40.63
CA PHE J 107 5.73 -6.91 41.11
C PHE J 107 5.58 -8.20 41.93
N GLY J 108 6.70 -8.86 42.18
CA GLY J 108 6.76 -10.07 43.00
C GLY J 108 7.20 -9.75 44.41
N GLY J 109 7.10 -10.73 45.30
CA GLY J 109 7.50 -10.59 46.69
C GLY J 109 8.97 -10.22 46.86
N GLY J 110 9.82 -10.92 46.11
CA GLY J 110 11.27 -10.73 46.13
C GLY J 110 12.01 -11.95 46.65
N THR J 111 13.25 -12.18 46.17
CA THR J 111 14.06 -13.34 46.58
C THR J 111 15.46 -12.92 47.07
N LYS J 112 15.78 -13.26 48.33
CA LYS J 112 17.08 -12.98 48.93
C LYS J 112 18.08 -14.03 48.41
N LEU J 113 19.04 -13.62 47.59
CA LEU J 113 20.04 -14.56 47.06
C LEU J 113 21.27 -14.55 47.95
N THR J 114 21.74 -15.75 48.37
CA THR J 114 22.90 -15.91 49.25
C THR J 114 24.01 -16.71 48.57
N VAL J 115 25.21 -16.12 48.47
CA VAL J 115 26.39 -16.70 47.82
C VAL J 115 27.07 -17.80 48.67
N LEU J 116 26.96 -17.72 50.02
CA LEU J 116 27.53 -18.67 51.00
C LEU J 116 29.06 -18.71 50.98
N SER K 8 -23.79 -27.07 -29.94
CA SER K 8 -23.77 -25.61 -29.74
C SER K 8 -23.46 -25.27 -28.28
N ALA K 9 -22.61 -24.27 -28.06
CA ALA K 9 -22.23 -23.87 -26.70
C ALA K 9 -23.28 -22.98 -26.02
N LEU K 10 -24.08 -22.22 -26.79
CA LEU K 10 -25.13 -21.35 -26.25
C LEU K 10 -26.51 -21.76 -26.78
N THR K 11 -27.49 -21.87 -25.88
CA THR K 11 -28.87 -22.28 -26.17
C THR K 11 -29.70 -21.14 -26.76
N GLN K 12 -30.01 -21.26 -28.06
CA GLN K 12 -30.80 -20.27 -28.80
C GLN K 12 -32.03 -20.93 -29.45
N PRO K 13 -33.21 -20.26 -29.50
CA PRO K 13 -34.39 -20.89 -30.11
C PRO K 13 -34.25 -21.02 -31.62
N ALA K 14 -34.79 -22.10 -32.20
CA ALA K 14 -34.73 -22.43 -33.63
C ALA K 14 -35.18 -21.28 -34.54
N SER K 15 -36.43 -20.81 -34.37
CA SER K 15 -37.03 -19.74 -35.17
C SER K 15 -38.06 -18.93 -34.39
N VAL K 16 -38.23 -17.68 -34.80
CA VAL K 16 -39.17 -16.72 -34.20
C VAL K 16 -40.01 -16.05 -35.30
N SER K 17 -41.30 -15.86 -35.03
CA SER K 17 -42.23 -15.22 -35.96
C SER K 17 -43.02 -14.13 -35.24
N GLY K 18 -43.26 -13.03 -35.94
CA GLY K 18 -44.01 -11.90 -35.41
C GLY K 18 -44.64 -11.03 -36.48
N SER K 19 -45.80 -10.44 -36.13
CA SER K 19 -46.60 -9.56 -37.01
C SER K 19 -45.87 -8.23 -37.28
N PRO K 20 -45.95 -7.66 -38.53
CA PRO K 20 -45.25 -6.39 -38.80
C PRO K 20 -45.73 -5.20 -37.95
N GLY K 21 -44.82 -4.65 -37.15
CA GLY K 21 -45.09 -3.53 -36.27
C GLY K 21 -45.20 -3.89 -34.80
N GLN K 22 -45.03 -5.19 -34.45
CA GLN K 22 -45.09 -5.69 -33.07
C GLN K 22 -43.70 -6.02 -32.51
N SER K 23 -43.57 -6.04 -31.17
CA SER K 23 -42.32 -6.34 -30.47
C SER K 23 -42.17 -7.84 -30.21
N ILE K 24 -40.91 -8.34 -30.28
CA ILE K 24 -40.59 -9.75 -30.04
C ILE K 24 -39.22 -9.90 -29.37
N THR K 25 -39.05 -10.95 -28.53
CA THR K 25 -37.83 -11.23 -27.77
C THR K 25 -37.17 -12.57 -28.17
N ILE K 26 -35.83 -12.56 -28.40
CA ILE K 26 -35.04 -13.73 -28.73
C ILE K 26 -34.10 -14.00 -27.53
N SER K 27 -34.18 -15.21 -26.93
CA SER K 27 -33.38 -15.64 -25.78
C SER K 27 -32.02 -16.28 -26.14
N CYS K 28 -31.09 -16.29 -25.18
CA CYS K 28 -29.74 -16.83 -25.31
C CYS K 28 -29.27 -17.32 -23.94
N THR K 29 -29.27 -18.65 -23.75
CA THR K 29 -28.88 -19.27 -22.49
C THR K 29 -27.41 -19.72 -22.52
N GLY K 30 -26.68 -19.33 -21.48
CA GLY K 30 -25.28 -19.65 -21.28
C GLY K 30 -25.00 -20.19 -19.89
N THR K 31 -23.74 -20.10 -19.47
CA THR K 31 -23.28 -20.58 -18.16
C THR K 31 -22.67 -19.45 -17.33
N SER K 32 -22.26 -19.75 -16.08
CA SER K 32 -21.64 -18.80 -15.15
C SER K 32 -20.23 -18.39 -15.60
N SER K 33 -19.71 -19.08 -16.61
CA SER K 33 -18.38 -18.86 -17.18
C SER K 33 -18.37 -18.09 -18.52
N ASP K 34 -19.52 -17.45 -18.90
CA ASP K 34 -19.62 -16.66 -20.14
C ASP K 34 -20.72 -15.59 -20.08
N VAL K 35 -21.98 -16.00 -20.14
CA VAL K 35 -23.12 -15.08 -20.12
C VAL K 35 -23.43 -14.71 -18.67
N GLY K 36 -23.28 -15.66 -17.77
CA GLY K 36 -23.53 -15.46 -16.35
C GLY K 36 -22.48 -14.65 -15.62
N GLY K 37 -21.22 -14.79 -16.03
CA GLY K 37 -20.12 -14.12 -15.36
C GLY K 37 -19.56 -12.86 -16.00
N PHE K 38 -19.82 -12.66 -17.32
CA PHE K 38 -19.27 -11.52 -18.05
C PHE K 38 -20.27 -10.76 -18.89
N ASN K 39 -20.04 -9.44 -19.05
CA ASN K 39 -20.86 -8.54 -19.85
C ASN K 39 -20.59 -8.67 -21.34
N TYR K 40 -19.55 -9.44 -21.75
CA TYR K 40 -19.18 -9.68 -23.14
C TYR K 40 -20.29 -10.46 -23.84
N VAL K 41 -21.34 -9.77 -24.26
CA VAL K 41 -22.48 -10.40 -24.94
C VAL K 41 -22.76 -9.58 -26.16
N SER K 42 -22.79 -10.25 -27.30
CA SER K 42 -23.05 -9.58 -28.55
C SER K 42 -24.10 -10.30 -29.38
N TRP K 43 -24.79 -9.56 -30.26
CA TRP K 43 -25.81 -10.09 -31.14
C TRP K 43 -25.48 -9.72 -32.58
N PHE K 44 -25.70 -10.65 -33.52
CA PHE K 44 -25.38 -10.44 -34.92
C PHE K 44 -26.55 -10.73 -35.84
N GLN K 45 -26.77 -9.86 -36.84
CA GLN K 45 -27.82 -10.02 -37.85
C GLN K 45 -27.18 -10.51 -39.13
N GLN K 46 -27.71 -11.60 -39.70
CA GLN K 46 -27.21 -12.17 -40.94
C GLN K 46 -28.33 -12.44 -41.91
N HIS K 47 -28.47 -11.56 -42.91
CA HIS K 47 -29.45 -11.73 -43.98
C HIS K 47 -28.85 -12.77 -44.95
N PRO K 48 -29.69 -13.61 -45.62
CA PRO K 48 -29.14 -14.65 -46.52
C PRO K 48 -28.08 -14.16 -47.51
N GLY K 49 -26.96 -14.91 -47.60
CA GLY K 49 -25.84 -14.62 -48.47
C GLY K 49 -24.78 -13.73 -47.86
N LYS K 50 -25.21 -12.65 -47.18
CA LYS K 50 -24.36 -11.65 -46.52
C LYS K 50 -23.58 -12.17 -45.31
N ALA K 51 -22.54 -11.41 -44.91
CA ALA K 51 -21.69 -11.67 -43.74
C ALA K 51 -22.44 -11.18 -42.47
N PRO K 52 -22.13 -11.68 -41.24
CA PRO K 52 -22.85 -11.19 -40.04
C PRO K 52 -22.54 -9.72 -39.70
N LYS K 53 -23.53 -9.01 -39.12
CA LYS K 53 -23.39 -7.61 -38.74
C LYS K 53 -23.68 -7.43 -37.24
N LEU K 54 -22.73 -6.82 -36.51
CA LEU K 54 -22.88 -6.57 -35.09
C LEU K 54 -24.06 -5.65 -34.84
N MET K 55 -25.03 -6.15 -34.10
CA MET K 55 -26.27 -5.45 -33.76
C MET K 55 -26.22 -4.87 -32.37
N LEU K 56 -25.78 -5.66 -31.39
CA LEU K 56 -25.65 -5.25 -30.00
C LEU K 56 -24.38 -5.80 -29.39
N TYR K 57 -23.74 -5.00 -28.51
CA TYR K 57 -22.52 -5.36 -27.79
C TYR K 57 -22.66 -4.90 -26.34
N ASP K 58 -21.90 -5.50 -25.40
CA ASP K 58 -21.96 -5.18 -23.96
C ASP K 58 -23.43 -5.20 -23.50
N VAL K 59 -24.14 -6.27 -23.91
CA VAL K 59 -25.55 -6.58 -23.65
C VAL K 59 -26.50 -5.52 -24.28
N THR K 60 -26.55 -4.32 -23.67
CA THR K 60 -27.43 -3.19 -24.01
C THR K 60 -26.98 -2.31 -25.19
N SER K 61 -25.67 -1.96 -25.25
CA SER K 61 -25.10 -1.05 -26.26
C SER K 61 -25.32 -1.49 -27.72
N ARG K 62 -25.24 -0.54 -28.66
CA ARG K 62 -25.39 -0.80 -30.09
C ARG K 62 -24.51 0.11 -30.96
N PRO K 63 -23.96 -0.38 -32.11
CA PRO K 63 -23.11 0.48 -32.95
C PRO K 63 -23.86 1.64 -33.62
N SER K 64 -23.10 2.64 -34.11
CA SER K 64 -23.60 3.90 -34.71
C SER K 64 -24.69 3.74 -35.78
N GLY K 65 -24.43 2.97 -36.84
CA GLY K 65 -25.39 2.76 -37.93
C GLY K 65 -26.37 1.63 -37.71
N VAL K 66 -26.89 1.49 -36.47
CA VAL K 66 -27.85 0.44 -36.06
C VAL K 66 -29.12 1.07 -35.47
N SER K 67 -30.30 0.59 -35.93
CA SER K 67 -31.62 1.04 -35.50
C SER K 67 -31.82 0.87 -33.99
N SER K 68 -32.45 1.89 -33.37
CA SER K 68 -32.72 1.96 -31.92
C SER K 68 -33.86 1.05 -31.43
N ARG K 69 -34.51 0.31 -32.36
CA ARG K 69 -35.59 -0.63 -32.06
C ARG K 69 -35.04 -1.83 -31.30
N PHE K 70 -33.81 -2.25 -31.65
CA PHE K 70 -33.08 -3.38 -31.08
C PHE K 70 -32.60 -3.05 -29.66
N SER K 71 -33.01 -3.87 -28.70
CA SER K 71 -32.65 -3.73 -27.28
C SER K 71 -31.99 -5.00 -26.74
N GLY K 72 -31.23 -4.84 -25.64
CA GLY K 72 -30.54 -5.93 -24.99
C GLY K 72 -30.88 -6.07 -23.52
N SER K 73 -30.92 -7.31 -23.03
CA SER K 73 -31.21 -7.65 -21.63
C SER K 73 -30.37 -8.84 -21.16
N LYS K 74 -30.17 -8.96 -19.84
CA LYS K 74 -29.43 -10.06 -19.24
C LYS K 74 -29.89 -10.30 -17.81
N SER K 75 -30.20 -11.57 -17.51
CA SER K 75 -30.64 -12.04 -16.20
C SER K 75 -29.93 -13.38 -15.94
N GLY K 76 -29.15 -13.44 -14.87
CA GLY K 76 -28.38 -14.62 -14.51
C GLY K 76 -27.47 -15.06 -15.64
N ASN K 77 -27.75 -16.25 -16.19
CA ASN K 77 -27.00 -16.82 -17.32
C ASN K 77 -27.82 -16.76 -18.64
N THR K 78 -28.82 -15.86 -18.71
CA THR K 78 -29.67 -15.71 -19.88
C THR K 78 -29.76 -14.28 -20.40
N ALA K 79 -29.39 -14.09 -21.67
CA ALA K 79 -29.41 -12.79 -22.37
C ALA K 79 -30.50 -12.75 -23.42
N SER K 80 -31.15 -11.59 -23.59
CA SER K 80 -32.27 -11.46 -24.51
C SER K 80 -32.31 -10.21 -25.39
N LEU K 81 -32.33 -10.42 -26.71
CA LEU K 81 -32.44 -9.39 -27.74
C LEU K 81 -33.94 -9.11 -27.89
N THR K 82 -34.33 -7.81 -27.90
CA THR K 82 -35.74 -7.40 -28.04
C THR K 82 -35.90 -6.40 -29.20
N ILE K 83 -36.60 -6.82 -30.27
CA ILE K 83 -36.83 -5.96 -31.44
C ILE K 83 -38.26 -5.40 -31.40
N SER K 84 -38.41 -4.17 -30.88
CA SER K 84 -39.70 -3.49 -30.78
C SER K 84 -40.09 -2.86 -32.11
N GLY K 85 -41.29 -3.17 -32.57
CA GLY K 85 -41.82 -2.68 -33.84
C GLY K 85 -41.11 -3.35 -35.01
N LEU K 86 -41.60 -4.53 -35.44
CA LEU K 86 -40.94 -5.28 -36.52
C LEU K 86 -41.15 -4.67 -37.89
N GLN K 87 -40.03 -4.26 -38.51
CA GLN K 87 -39.93 -3.62 -39.82
C GLN K 87 -39.77 -4.69 -40.91
N ALA K 88 -39.84 -4.28 -42.19
CA ALA K 88 -39.73 -5.15 -43.37
C ALA K 88 -38.41 -5.93 -43.45
N GLU K 89 -37.26 -5.23 -43.51
CA GLU K 89 -35.95 -5.88 -43.61
C GLU K 89 -35.40 -6.31 -42.23
N ASP K 90 -36.15 -7.21 -41.59
CA ASP K 90 -35.83 -7.80 -40.29
C ASP K 90 -35.67 -9.32 -40.41
N GLU K 91 -36.36 -9.93 -41.42
CA GLU K 91 -36.32 -11.38 -41.72
C GLU K 91 -34.88 -11.79 -42.06
N ALA K 92 -34.14 -12.18 -41.01
CA ALA K 92 -32.74 -12.59 -41.07
C ALA K 92 -32.40 -13.58 -39.93
N ASP K 93 -31.16 -14.08 -39.93
CA ASP K 93 -30.66 -15.02 -38.92
C ASP K 93 -29.91 -14.27 -37.83
N TYR K 94 -30.34 -14.42 -36.57
CA TYR K 94 -29.73 -13.75 -35.42
C TYR K 94 -28.91 -14.72 -34.57
N TYR K 95 -27.68 -14.32 -34.21
CA TYR K 95 -26.75 -15.12 -33.42
C TYR K 95 -26.20 -14.34 -32.23
N CYS K 96 -26.26 -14.94 -31.03
CA CYS K 96 -25.68 -14.34 -29.83
C CYS K 96 -24.27 -14.90 -29.64
N SER K 97 -23.39 -14.13 -29.03
CA SER K 97 -22.01 -14.57 -28.78
C SER K 97 -21.50 -14.09 -27.44
N SER K 98 -20.53 -14.81 -26.89
CA SER K 98 -19.97 -14.48 -25.59
C SER K 98 -18.48 -14.84 -25.47
N HIS K 99 -17.74 -13.99 -24.75
CA HIS K 99 -16.34 -14.22 -24.45
C HIS K 99 -16.30 -14.94 -23.09
N THR K 100 -15.76 -16.16 -23.09
CA THR K 100 -15.68 -17.04 -21.93
C THR K 100 -14.56 -16.65 -20.96
N SER K 101 -14.60 -17.25 -19.75
CA SER K 101 -13.62 -17.03 -18.69
C SER K 101 -12.25 -17.52 -19.14
N ARG K 102 -12.25 -18.59 -19.96
CA ARG K 102 -11.04 -19.22 -20.47
C ARG K 102 -10.39 -18.41 -21.61
N GLY K 103 -11.00 -17.28 -21.96
CA GLY K 103 -10.48 -16.36 -22.97
C GLY K 103 -10.82 -16.74 -24.40
N THR K 104 -11.88 -17.55 -24.58
CA THR K 104 -12.34 -18.00 -25.89
C THR K 104 -13.72 -17.41 -26.23
N TRP K 105 -14.19 -17.61 -27.48
CA TRP K 105 -15.49 -17.10 -27.93
C TRP K 105 -16.44 -18.24 -28.24
N VAL K 106 -17.69 -18.10 -27.78
CA VAL K 106 -18.75 -19.09 -27.99
C VAL K 106 -19.94 -18.47 -28.72
N PHE K 107 -20.56 -19.24 -29.61
CA PHE K 107 -21.72 -18.78 -30.36
C PHE K 107 -22.98 -19.59 -29.99
N GLY K 108 -24.12 -19.09 -30.41
CA GLY K 108 -25.41 -19.74 -30.21
C GLY K 108 -25.82 -20.50 -31.46
N GLY K 109 -26.88 -21.31 -31.33
CA GLY K 109 -27.42 -22.09 -32.44
C GLY K 109 -27.87 -21.24 -33.61
N GLY K 110 -28.59 -20.16 -33.30
CA GLY K 110 -29.12 -19.23 -34.28
C GLY K 110 -30.63 -19.21 -34.32
N THR K 111 -31.20 -18.08 -34.71
CA THR K 111 -32.65 -17.91 -34.80
C THR K 111 -33.02 -17.30 -36.15
N LYS K 112 -33.89 -17.97 -36.91
CA LYS K 112 -34.35 -17.44 -38.19
C LYS K 112 -35.66 -16.69 -37.95
N LEU K 113 -35.59 -15.33 -38.01
CA LEU K 113 -36.73 -14.44 -37.79
C LEU K 113 -37.60 -14.39 -39.05
N THR K 114 -38.93 -14.40 -38.87
CA THR K 114 -39.89 -14.34 -39.96
C THR K 114 -40.83 -13.15 -39.78
N VAL K 115 -40.87 -12.26 -40.78
CA VAL K 115 -41.69 -11.03 -40.80
C VAL K 115 -43.19 -11.30 -41.05
N LEU K 116 -43.52 -12.39 -41.77
CA LEU K 116 -44.89 -12.83 -42.12
C LEU K 116 -45.64 -11.81 -43.01
N ALA L 9 46.97 -40.80 -55.32
CA ALA L 9 47.92 -40.26 -54.37
C ALA L 9 49.27 -41.01 -54.34
N LEU L 10 49.27 -42.32 -54.72
CA LEU L 10 50.50 -43.12 -54.77
C LEU L 10 50.75 -43.63 -56.19
N THR L 11 52.01 -43.48 -56.66
CA THR L 11 52.45 -43.86 -58.00
C THR L 11 52.69 -45.37 -58.13
N GLN L 12 51.81 -46.05 -58.86
CA GLN L 12 51.88 -47.50 -59.09
C GLN L 12 51.90 -47.81 -60.60
N PRO L 13 52.68 -48.82 -61.07
CA PRO L 13 52.69 -49.13 -62.51
C PRO L 13 51.37 -49.73 -62.99
N ALA L 14 50.97 -49.40 -64.24
CA ALA L 14 49.72 -49.84 -64.85
C ALA L 14 49.49 -51.36 -64.79
N SER L 15 50.42 -52.13 -65.37
CA SER L 15 50.33 -53.60 -65.42
C SER L 15 51.71 -54.24 -65.44
N VAL L 16 51.77 -55.49 -64.97
CA VAL L 16 52.99 -56.30 -64.90
C VAL L 16 52.72 -57.69 -65.47
N SER L 17 53.69 -58.24 -66.22
CA SER L 17 53.61 -59.57 -66.81
C SER L 17 54.87 -60.36 -66.51
N GLY L 18 54.71 -61.66 -66.27
CA GLY L 18 55.80 -62.56 -65.94
C GLY L 18 55.51 -64.01 -66.24
N SER L 19 56.55 -64.78 -66.62
CA SER L 19 56.49 -66.20 -66.94
C SER L 19 56.18 -67.05 -65.70
N PRO L 20 55.38 -68.15 -65.82
CA PRO L 20 55.06 -68.97 -64.64
C PRO L 20 56.27 -69.63 -63.98
N GLY L 21 56.51 -69.26 -62.72
CA GLY L 21 57.62 -69.76 -61.91
C GLY L 21 58.74 -68.78 -61.68
N GLN L 22 58.67 -67.59 -62.31
CA GLN L 22 59.69 -66.53 -62.20
C GLN L 22 59.29 -65.45 -61.19
N SER L 23 60.29 -64.71 -60.68
CA SER L 23 60.11 -63.62 -59.71
C SER L 23 59.85 -62.29 -60.41
N ILE L 24 59.01 -61.43 -59.82
CA ILE L 24 58.68 -60.11 -60.36
C ILE L 24 58.43 -59.10 -59.21
N THR L 25 58.75 -57.82 -59.45
CA THR L 25 58.62 -56.73 -58.47
C THR L 25 57.63 -55.63 -58.92
N ILE L 26 56.76 -55.16 -57.99
CA ILE L 26 55.77 -54.09 -58.22
C ILE L 26 56.10 -52.90 -57.30
N SER L 27 56.45 -51.76 -57.91
CA SER L 27 56.82 -50.54 -57.19
C SER L 27 55.61 -49.71 -56.71
N CYS L 28 55.86 -48.84 -55.71
CA CYS L 28 54.87 -47.96 -55.09
C CYS L 28 55.60 -46.71 -54.58
N THR L 29 55.45 -45.59 -55.31
CA THR L 29 56.09 -44.33 -54.98
C THR L 29 55.14 -43.42 -54.19
N GLY L 30 55.67 -42.90 -53.08
CA GLY L 30 54.97 -41.98 -52.19
C GLY L 30 55.80 -40.76 -51.84
N THR L 31 55.46 -40.10 -50.73
CA THR L 31 56.15 -38.90 -50.26
C THR L 31 56.73 -39.10 -48.85
N SER L 32 57.45 -38.09 -48.33
CA SER L 32 58.05 -38.09 -47.00
C SER L 32 57.01 -38.06 -45.89
N SER L 33 55.74 -37.82 -46.24
CA SER L 33 54.61 -37.72 -45.34
C SER L 33 53.71 -38.97 -45.32
N ASP L 34 54.16 -40.10 -45.92
CA ASP L 34 53.38 -41.35 -45.95
C ASP L 34 54.25 -42.62 -46.05
N VAL L 35 54.89 -42.86 -47.22
CA VAL L 35 55.74 -44.03 -47.48
C VAL L 35 57.17 -43.72 -47.01
N GLY L 36 57.57 -42.47 -47.16
CA GLY L 36 58.89 -42.01 -46.76
C GLY L 36 59.09 -41.84 -45.26
N GLY L 37 58.03 -41.42 -44.57
CA GLY L 37 58.09 -41.15 -43.14
C GLY L 37 57.56 -42.21 -42.20
N PHE L 38 56.71 -43.13 -42.69
CA PHE L 38 56.09 -44.15 -41.84
C PHE L 38 56.17 -45.56 -42.41
N ASN L 39 56.21 -46.56 -41.50
CA ASN L 39 56.23 -47.98 -41.83
C ASN L 39 54.86 -48.52 -42.21
N TYR L 40 53.79 -47.70 -42.06
CA TYR L 40 52.41 -48.07 -42.41
C TYR L 40 52.28 -48.26 -43.92
N VAL L 41 52.70 -49.44 -44.41
CA VAL L 41 52.65 -49.75 -45.83
C VAL L 41 52.02 -51.11 -45.94
N SER L 42 50.97 -51.19 -46.76
CA SER L 42 50.26 -52.44 -46.95
C SER L 42 50.02 -52.72 -48.44
N TRP L 43 49.87 -54.00 -48.77
CA TRP L 43 49.61 -54.46 -50.13
C TRP L 43 48.36 -55.32 -50.14
N PHE L 44 47.52 -55.16 -51.18
CA PHE L 44 46.26 -55.91 -51.27
C PHE L 44 46.12 -56.62 -52.61
N GLN L 45 45.65 -57.88 -52.58
CA GLN L 45 45.39 -58.68 -53.77
C GLN L 45 43.89 -58.71 -54.01
N GLN L 46 43.48 -58.35 -55.23
CA GLN L 46 42.08 -58.35 -55.60
C GLN L 46 41.85 -59.08 -56.92
N HIS L 47 41.34 -60.30 -56.83
CA HIS L 47 40.99 -61.11 -57.99
C HIS L 47 39.63 -60.56 -58.49
N PRO L 48 39.36 -60.58 -59.83
CA PRO L 48 38.09 -60.01 -60.33
C PRO L 48 36.83 -60.49 -59.59
N GLY L 49 35.97 -59.52 -59.25
CA GLY L 49 34.72 -59.77 -58.54
C GLY L 49 34.84 -59.70 -57.03
N LYS L 50 35.88 -60.35 -56.48
CA LYS L 50 36.17 -60.44 -55.05
C LYS L 50 36.59 -59.11 -54.39
N ALA L 51 36.51 -59.08 -53.04
CA ALA L 51 36.91 -57.95 -52.20
C ALA L 51 38.45 -57.99 -52.03
N PRO L 52 39.14 -56.86 -51.69
CA PRO L 52 40.60 -56.92 -51.55
C PRO L 52 41.05 -57.73 -50.33
N LYS L 53 42.25 -58.38 -50.44
CA LYS L 53 42.80 -59.21 -49.37
C LYS L 53 44.19 -58.71 -48.98
N LEU L 54 44.39 -58.39 -47.67
CA LEU L 54 45.65 -57.91 -47.09
C LEU L 54 46.73 -58.96 -47.34
N MET L 55 47.73 -58.62 -48.17
CA MET L 55 48.85 -59.51 -48.55
C MET L 55 50.06 -59.23 -47.70
N LEU L 56 50.41 -57.95 -47.53
CA LEU L 56 51.55 -57.51 -46.72
C LEU L 56 51.21 -56.28 -45.92
N TYR L 57 51.72 -56.20 -44.69
CA TYR L 57 51.55 -55.07 -43.78
C TYR L 57 52.89 -54.74 -43.13
N ASP L 58 53.08 -53.51 -42.62
CA ASP L 58 54.34 -53.05 -42.00
C ASP L 58 55.52 -53.42 -42.92
N VAL L 59 55.34 -53.08 -44.22
CA VAL L 59 56.26 -53.29 -45.34
C VAL L 59 56.53 -54.79 -45.61
N THR L 60 57.30 -55.44 -44.72
CA THR L 60 57.77 -56.82 -44.81
C THR L 60 56.80 -57.89 -44.33
N SER L 61 56.10 -57.67 -43.19
CA SER L 61 55.18 -58.64 -42.57
C SER L 61 54.05 -59.12 -43.47
N ARG L 62 53.48 -60.29 -43.16
CA ARG L 62 52.36 -60.87 -43.90
C ARG L 62 51.38 -61.66 -42.99
N PRO L 63 50.04 -61.63 -43.28
CA PRO L 63 49.09 -62.37 -42.43
C PRO L 63 49.24 -63.88 -42.49
N SER L 64 48.64 -64.59 -41.50
CA SER L 64 48.73 -66.06 -41.31
C SER L 64 48.47 -66.92 -42.56
N GLY L 65 47.30 -66.76 -43.19
CA GLY L 65 46.94 -67.54 -44.37
C GLY L 65 47.39 -66.97 -45.69
N VAL L 66 48.65 -66.45 -45.73
CA VAL L 66 49.25 -65.82 -46.91
C VAL L 66 50.57 -66.50 -47.26
N SER L 67 50.75 -66.84 -48.56
CA SER L 67 51.93 -67.50 -49.12
C SER L 67 53.21 -66.69 -48.86
N SER L 68 54.29 -67.41 -48.51
CA SER L 68 55.61 -66.86 -48.19
C SER L 68 56.42 -66.37 -49.41
N ARG L 69 55.87 -66.54 -50.63
CA ARG L 69 56.48 -66.10 -51.89
C ARG L 69 56.50 -64.57 -51.96
N PHE L 70 55.44 -63.93 -51.42
CA PHE L 70 55.23 -62.48 -51.37
C PHE L 70 56.17 -61.84 -50.36
N SER L 71 56.98 -60.87 -50.83
CA SER L 71 57.95 -60.14 -50.03
C SER L 71 57.73 -58.63 -50.13
N GLY L 72 58.20 -57.91 -49.11
CA GLY L 72 58.10 -56.46 -49.04
C GLY L 72 59.42 -55.76 -48.89
N SER L 73 59.54 -54.57 -49.49
CA SER L 73 60.75 -53.74 -49.43
C SER L 73 60.38 -52.26 -49.38
N LYS L 74 61.30 -51.43 -48.86
CA LYS L 74 61.12 -49.99 -48.77
C LYS L 74 62.47 -49.27 -48.78
N SER L 75 62.58 -48.28 -49.67
CA SER L 75 63.75 -47.42 -49.82
C SER L 75 63.26 -45.99 -50.02
N GLY L 76 63.66 -45.10 -49.12
CA GLY L 76 63.25 -43.69 -49.14
C GLY L 76 61.75 -43.57 -49.14
N ASN L 77 61.18 -43.04 -50.24
CA ASN L 77 59.73 -42.86 -50.42
C ASN L 77 59.16 -43.90 -51.41
N THR L 78 59.87 -45.02 -51.62
CA THR L 78 59.43 -46.07 -52.56
C THR L 78 59.41 -47.46 -51.93
N ALA L 79 58.23 -48.10 -51.97
CA ALA L 79 57.99 -49.45 -51.45
C ALA L 79 57.77 -50.45 -52.60
N SER L 80 58.23 -51.70 -52.46
CA SER L 80 58.08 -52.68 -53.53
C SER L 80 57.72 -54.09 -53.09
N LEU L 81 56.65 -54.63 -53.70
CA LEU L 81 56.17 -55.99 -53.47
C LEU L 81 56.92 -56.91 -54.42
N THR L 82 57.45 -58.01 -53.90
CA THR L 82 58.18 -58.96 -54.74
C THR L 82 57.59 -60.36 -54.63
N ILE L 83 57.02 -60.87 -55.75
CA ILE L 83 56.42 -62.20 -55.78
C ILE L 83 57.36 -63.19 -56.47
N SER L 84 58.15 -63.93 -55.68
CA SER L 84 59.10 -64.91 -56.18
C SER L 84 58.40 -66.21 -56.52
N GLY L 85 58.62 -66.70 -57.74
CA GLY L 85 58.01 -67.93 -58.24
C GLY L 85 56.55 -67.74 -58.52
N LEU L 86 56.22 -67.37 -59.78
CA LEU L 86 54.86 -67.11 -60.22
C LEU L 86 53.99 -68.37 -60.28
N GLN L 87 52.94 -68.38 -59.44
CA GLN L 87 51.97 -69.47 -59.39
C GLN L 87 50.76 -69.12 -60.27
N ALA L 88 49.87 -70.11 -60.52
CA ALA L 88 48.67 -69.99 -61.34
C ALA L 88 47.68 -68.91 -60.88
N GLU L 89 47.17 -69.00 -59.64
CA GLU L 89 46.21 -68.02 -59.10
C GLU L 89 46.91 -66.78 -58.52
N ASP L 90 47.61 -66.04 -59.39
CA ASP L 90 48.32 -64.81 -59.05
C ASP L 90 47.84 -63.68 -59.94
N GLU L 91 47.20 -64.04 -61.08
CA GLU L 91 46.61 -63.11 -62.04
C GLU L 91 45.47 -62.32 -61.36
N ALA L 92 45.84 -61.19 -60.72
CA ALA L 92 44.93 -60.32 -59.95
C ALA L 92 45.42 -58.86 -59.94
N ASP L 93 44.62 -57.97 -59.33
CA ASP L 93 44.93 -56.55 -59.20
C ASP L 93 45.56 -56.26 -57.83
N TYR L 94 46.78 -55.70 -57.83
CA TYR L 94 47.51 -55.38 -56.60
C TYR L 94 47.51 -53.89 -56.30
N TYR L 95 47.20 -53.51 -55.05
CA TYR L 95 47.13 -52.13 -54.60
C TYR L 95 47.96 -51.91 -53.34
N CYS L 96 48.82 -50.87 -53.35
CA CYS L 96 49.60 -50.50 -52.16
C CYS L 96 48.83 -49.41 -51.41
N SER L 97 49.02 -49.33 -50.09
CA SER L 97 48.34 -48.32 -49.29
C SER L 97 49.25 -47.80 -48.19
N SER L 98 48.97 -46.57 -47.74
CA SER L 98 49.77 -45.94 -46.69
C SER L 98 48.96 -45.02 -45.80
N HIS L 99 49.31 -45.00 -44.50
CA HIS L 99 48.72 -44.10 -43.53
C HIS L 99 49.62 -42.85 -43.48
N THR L 100 49.04 -41.69 -43.82
CA THR L 100 49.72 -40.41 -43.91
C THR L 100 49.95 -39.76 -42.55
N SER L 101 50.81 -38.73 -42.52
CA SER L 101 51.14 -37.96 -41.33
C SER L 101 49.90 -37.24 -40.80
N ARG L 102 49.01 -36.84 -41.72
CA ARG L 102 47.77 -36.13 -41.41
C ARG L 102 46.69 -37.05 -40.81
N GLY L 103 47.02 -38.34 -40.67
CA GLY L 103 46.13 -39.33 -40.08
C GLY L 103 45.10 -39.91 -41.03
N THR L 104 45.36 -39.81 -42.35
CA THR L 104 44.48 -40.32 -43.39
C THR L 104 45.09 -41.51 -44.14
N TRP L 105 44.33 -42.18 -45.02
CA TRP L 105 44.80 -43.32 -45.80
C TRP L 105 44.80 -42.99 -47.27
N VAL L 106 45.91 -43.37 -47.95
CA VAL L 106 46.09 -43.17 -49.38
C VAL L 106 46.31 -44.47 -50.10
N PHE L 107 45.76 -44.59 -51.31
CA PHE L 107 45.91 -45.78 -52.13
C PHE L 107 46.72 -45.49 -53.40
N GLY L 108 47.14 -46.54 -54.08
CA GLY L 108 47.86 -46.44 -55.33
C GLY L 108 46.92 -46.65 -56.50
N GLY L 109 47.42 -46.41 -57.71
CA GLY L 109 46.65 -46.58 -58.95
C GLY L 109 46.16 -48.01 -59.15
N GLY L 110 47.07 -48.96 -58.92
CA GLY L 110 46.80 -50.38 -59.06
C GLY L 110 47.62 -51.00 -60.17
N THR L 111 47.88 -52.31 -60.03
CA THR L 111 48.66 -53.06 -61.02
C THR L 111 47.94 -54.36 -61.37
N LYS L 112 47.71 -54.59 -62.68
CA LYS L 112 47.09 -55.81 -63.19
C LYS L 112 48.21 -56.77 -63.48
N LEU L 113 48.26 -57.88 -62.73
CA LEU L 113 49.28 -58.90 -62.90
C LEU L 113 48.80 -59.95 -63.89
N THR L 114 49.65 -60.32 -64.85
CA THR L 114 49.33 -61.31 -65.88
C THR L 114 50.27 -62.51 -65.79
N VAL L 115 49.70 -63.71 -65.61
CA VAL L 115 50.43 -64.98 -65.47
C VAL L 115 50.98 -65.51 -66.81
N LEU L 116 50.33 -65.18 -67.95
CA LEU L 116 50.69 -65.57 -69.33
C LEU L 116 50.63 -67.10 -69.55
C1 NAG M . -17.13 46.47 33.45
C2 NAG M . -16.45 47.61 34.21
C3 NAG M . -15.76 47.11 35.47
C4 NAG M . -16.70 46.24 36.31
C5 NAG M . -17.30 45.12 35.45
C6 NAG M . -18.32 44.29 36.19
C7 NAG M . -15.63 49.46 32.78
C8 NAG M . -14.48 49.95 31.95
N2 NAG M . -15.48 48.24 33.32
O3 NAG M . -15.32 48.22 36.25
O4 NAG M . -15.97 45.68 37.39
O5 NAG M . -17.96 45.69 34.31
O6 NAG M . -18.71 43.15 35.45
O7 NAG M . -16.65 50.13 32.94
C1 NAG N . -12.53 8.25 38.41
C2 NAG N . -12.80 7.27 39.55
C3 NAG N . -13.11 8.07 40.82
C4 NAG N . -11.96 9.03 41.14
C5 NAG N . -11.64 9.92 39.94
C6 NAG N . -10.39 10.75 40.13
C7 NAG N . -13.78 5.09 38.88
C8 NAG N . -15.05 4.34 38.65
N2 NAG N . -13.91 6.40 39.21
O3 NAG N . -13.31 7.17 41.91
O4 NAG N . -12.30 9.84 42.26
O5 NAG N . -11.43 9.12 38.76
O6 NAG N . -10.23 11.71 39.10
O7 NAG N . -12.68 4.55 38.78
C1 NAG O . 34.89 -27.33 -42.65
C2 NAG O . 35.40 -26.60 -43.89
C3 NAG O . 34.27 -26.36 -44.90
C4 NAG O . 33.47 -27.65 -45.13
C5 NAG O . 32.99 -28.20 -43.80
C6 NAG O . 32.20 -29.49 -43.90
C7 NAG O . 37.30 -25.06 -43.49
C8 NAG O . 37.67 -23.66 -43.13
N2 NAG O . 35.98 -25.33 -43.49
O3 NAG O . 34.82 -25.89 -46.12
O4 NAG O . 32.37 -27.36 -45.99
O5 NAG O . 34.12 -28.49 -42.97
O6 NAG O . 31.44 -29.75 -42.71
O7 NAG O . 38.14 -25.91 -43.77
C1 NAG P . -0.93 -29.05 -26.38
C2 NAG P . -2.06 -30.09 -26.51
C3 NAG P . -1.77 -30.99 -27.72
C4 NAG P . -1.61 -30.13 -28.98
C5 NAG P . -0.48 -29.12 -28.76
C6 NAG P . -0.29 -28.17 -29.93
C7 NAG P . -3.21 -30.80 -24.44
C8 NAG P . -3.19 -31.78 -23.30
N2 NAG P . -2.18 -30.90 -25.30
O3 NAG P . -2.82 -31.93 -27.91
O4 NAG P . -1.33 -30.95 -30.11
O5 NAG P . -0.76 -28.32 -27.61
O6 NAG P . 0.91 -27.41 -29.80
O7 NAG P . -4.12 -29.97 -24.57
#